data_1NFG
#
_entry.id   1NFG
#
_cell.length_a   68.7
_cell.length_b   170.5
_cell.length_c   87.3
_cell.angle_alpha   90.0
_cell.angle_beta   95.2
_cell.angle_gamma   90.0
#
_symmetry.space_group_name_H-M   'P 1 21 1'
#
loop_
_entity.id
_entity.type
_entity.pdbx_description
1 polymer D-hydantoinase
2 non-polymer 'ZINC ION'
3 water water
#
_entity_poly.entity_id   1
_entity_poly.type   'polypeptide(L)'
_entity_poly.pdbx_seq_one_letter_code
;MDIIIKNGTIVTADGISRADLGIKDGKITQIGGALGPAERTIDAAGRYVFPGGIDVHTHVETVSFNTQSADTFATATVAA
ACGGTTTIVDFCQQDRGHSLAEAVAKWDGMAGGKSAIDYGYHIIVLDPTDSVIEELEVLPDLGITSF(KCX)VFMAYRGM
NMIDDVTLLKTLDKAVKTGSLVMVHAENGDAADYLRDKFVAEGKTAPIYHALSRPPRVEAEATARALALAEIVNAPIYIV
HVTCEESLEEVMRAKSRGVRALAETCTHYLYLTKEDLERPDFEGAKYVFTPPARAKKDHDVLWNALRNGVFETVSSDHCS
WLFKGHKDRGRNDFRAIPNGAPGVEERLMMVYQGVNEGRISLTQFVELVATRPAKVFGMFPQKGTIAVGSDADIVLWDPE
AEMVIEQTAMHNAMDYSSYEGHKVKGVPKTVLLRGKVIVDEGSYVGEPTDGKFLKRRKYKQ
;
_entity_poly.pdbx_strand_id   A,B,C,D
#
loop_
_chem_comp.id
_chem_comp.type
_chem_comp.name
_chem_comp.formula
ZN non-polymer 'ZINC ION' 'Zn 2'
#
# COMPACT_ATOMS: atom_id res chain seq x y z
N MET A 1 49.18 30.22 7.20
CA MET A 1 47.81 29.88 7.65
C MET A 1 46.99 31.16 7.85
N ASP A 2 46.00 31.38 6.99
CA ASP A 2 45.17 32.59 7.08
C ASP A 2 44.32 32.61 8.34
N ILE A 3 43.72 31.47 8.66
CA ILE A 3 42.88 31.38 9.84
C ILE A 3 42.96 30.01 10.52
N ILE A 4 42.81 30.02 11.84
CA ILE A 4 42.82 28.81 12.63
C ILE A 4 41.61 28.85 13.55
N ILE A 5 40.82 27.77 13.54
CA ILE A 5 39.67 27.68 14.42
C ILE A 5 40.02 26.59 15.42
N LYS A 6 40.15 27.01 16.68
CA LYS A 6 40.54 26.10 17.76
C LYS A 6 39.50 25.88 18.84
N ASN A 7 39.66 24.79 19.57
CA ASN A 7 38.78 24.44 20.69
C ASN A 7 37.35 24.12 20.34
N GLY A 8 37.09 23.86 19.06
CA GLY A 8 35.73 23.57 18.66
C GLY A 8 35.54 22.09 18.36
N THR A 9 34.28 21.71 18.23
CA THR A 9 33.94 20.33 17.91
C THR A 9 33.46 20.29 16.47
N ILE A 10 34.28 19.74 15.60
CA ILE A 10 33.94 19.64 14.19
C ILE A 10 32.85 18.57 13.99
N VAL A 11 31.69 19.03 13.53
CA VAL A 11 30.58 18.12 13.30
C VAL A 11 30.21 18.06 11.82
N THR A 12 30.59 16.96 11.17
CA THR A 12 30.24 16.77 9.77
C THR A 12 29.14 15.73 9.80
N ALA A 13 28.62 15.35 8.64
CA ALA A 13 27.54 14.38 8.58
C ALA A 13 28.01 13.01 9.08
N ASP A 14 29.30 12.73 8.90
CA ASP A 14 29.83 11.44 9.34
C ASP A 14 31.10 11.54 10.19
N GLY A 15 31.04 12.41 11.20
CA GLY A 15 32.16 12.58 12.07
C GLY A 15 31.90 13.63 13.14
N ILE A 16 32.47 13.40 14.31
CA ILE A 16 32.35 14.32 15.43
C ILE A 16 33.71 14.26 16.10
N SER A 17 34.50 15.31 15.98
CA SER A 17 35.82 15.29 16.60
C SER A 17 36.27 16.64 17.11
N ARG A 18 36.84 16.65 18.31
CA ARG A 18 37.36 17.89 18.88
C ARG A 18 38.75 18.03 18.31
N ALA A 19 38.91 19.00 17.41
CA ALA A 19 40.17 19.24 16.78
C ALA A 19 40.19 20.68 16.29
N ASP A 20 41.36 21.13 15.89
CA ASP A 20 41.52 22.48 15.39
C ASP A 20 41.63 22.47 13.87
N LEU A 21 41.22 23.56 13.26
CA LEU A 21 41.23 23.72 11.80
C LEU A 21 42.25 24.71 11.30
N GLY A 22 42.78 24.44 10.11
CA GLY A 22 43.73 25.32 9.48
C GLY A 22 43.23 25.72 8.11
N ILE A 23 42.88 27.00 7.94
CA ILE A 23 42.38 27.50 6.66
C ILE A 23 43.44 28.31 5.90
N LYS A 24 43.63 28.00 4.63
CA LYS A 24 44.62 28.68 3.80
C LYS A 24 44.15 28.88 2.37
N ASP A 25 43.96 30.14 1.99
CA ASP A 25 43.52 30.50 0.65
C ASP A 25 42.11 29.99 0.35
N GLY A 26 41.19 30.31 1.25
CA GLY A 26 39.80 29.93 1.08
C GLY A 26 39.50 28.46 1.25
N LYS A 27 40.51 27.65 1.57
CA LYS A 27 40.28 26.23 1.77
C LYS A 27 40.77 25.69 3.10
N ILE A 28 40.23 24.54 3.50
CA ILE A 28 40.63 23.91 4.74
C ILE A 28 41.83 23.05 4.34
N THR A 29 43.00 23.40 4.86
CA THR A 29 44.22 22.70 4.51
C THR A 29 44.72 21.68 5.55
N GLN A 30 44.36 21.86 6.81
CA GLN A 30 44.78 20.94 7.85
C GLN A 30 43.82 20.84 9.04
N ILE A 31 43.63 19.61 9.53
CA ILE A 31 42.77 19.37 10.68
C ILE A 31 43.58 18.55 11.69
N GLY A 32 43.68 19.08 12.90
CA GLY A 32 44.44 18.42 13.95
C GLY A 32 45.94 18.57 13.78
N GLY A 33 46.68 18.27 14.83
CA GLY A 33 48.13 18.39 14.76
C GLY A 33 48.65 19.79 15.05
N ALA A 34 49.90 20.03 14.66
CA ALA A 34 50.53 21.34 14.87
C ALA A 34 50.15 22.27 13.73
N LEU A 35 49.38 23.31 14.04
CA LEU A 35 48.93 24.25 13.03
C LEU A 35 49.88 25.39 12.70
N GLY A 36 50.58 25.90 13.71
CA GLY A 36 51.52 26.98 13.45
C GLY A 36 50.91 28.35 13.60
N PRO A 37 51.55 29.39 13.05
CA PRO A 37 51.08 30.78 13.10
C PRO A 37 49.93 31.03 12.15
N ALA A 38 49.11 32.03 12.47
CA ALA A 38 47.97 32.36 11.64
C ALA A 38 47.53 33.81 11.78
N GLU A 39 47.24 34.44 10.65
CA GLU A 39 46.78 35.83 10.62
C GLU A 39 45.76 36.04 11.73
N ARG A 40 44.74 35.19 11.76
CA ARG A 40 43.73 35.29 12.78
C ARG A 40 43.43 33.93 13.37
N THR A 41 43.00 33.93 14.62
CA THR A 41 42.65 32.69 15.30
C THR A 41 41.30 32.90 15.94
N ILE A 42 40.39 31.95 15.71
CA ILE A 42 39.05 32.04 16.28
C ILE A 42 38.90 30.96 17.34
N ASP A 43 38.33 31.35 18.47
CA ASP A 43 38.12 30.42 19.58
C ASP A 43 36.71 29.85 19.52
N ALA A 44 36.60 28.63 19.02
CA ALA A 44 35.29 27.96 18.91
C ALA A 44 34.96 27.15 20.15
N ALA A 45 35.59 27.49 21.27
CA ALA A 45 35.36 26.79 22.53
C ALA A 45 33.87 26.68 22.83
N GLY A 46 33.43 25.48 23.22
CA GLY A 46 32.04 25.27 23.54
C GLY A 46 31.09 25.41 22.36
N ARG A 47 31.63 25.41 21.15
CA ARG A 47 30.82 25.55 19.96
C ARG A 47 31.08 24.47 18.92
N TYR A 48 30.09 24.28 18.05
CA TYR A 48 30.20 23.30 16.99
C TYR A 48 30.75 23.98 15.75
N VAL A 49 31.54 23.25 14.97
CA VAL A 49 32.10 23.78 13.73
C VAL A 49 31.41 22.99 12.64
N PHE A 50 30.29 23.53 12.13
CA PHE A 50 29.50 22.88 11.07
C PHE A 50 29.86 23.37 9.67
N PRO A 51 29.59 22.54 8.65
CA PRO A 51 29.87 22.95 7.28
C PRO A 51 28.84 24.06 7.02
N GLY A 52 29.11 24.97 6.09
CA GLY A 52 28.14 26.03 5.83
C GLY A 52 26.84 25.52 5.25
N GLY A 53 25.72 26.11 5.68
CA GLY A 53 24.43 25.70 5.16
C GLY A 53 24.31 25.85 3.66
N ILE A 54 23.52 24.98 3.03
CA ILE A 54 23.33 25.03 1.59
C ILE A 54 21.84 24.93 1.26
N ASP A 55 21.26 26.05 0.85
CA ASP A 55 19.84 26.10 0.54
C ASP A 55 19.57 26.02 -0.97
N VAL A 56 19.21 24.83 -1.43
CA VAL A 56 18.96 24.63 -2.86
C VAL A 56 17.56 25.01 -3.35
N HIS A 57 16.82 25.78 -2.56
CA HIS A 57 15.49 26.19 -3.00
C HIS A 57 15.16 27.61 -2.56
N THR A 58 15.64 28.59 -3.32
CA THR A 58 15.39 29.99 -3.02
C THR A 58 14.88 30.79 -4.22
N HIS A 59 14.15 31.86 -3.90
CA HIS A 59 13.62 32.78 -4.89
C HIS A 59 14.00 34.13 -4.32
N VAL A 60 15.30 34.32 -4.21
CA VAL A 60 15.93 35.52 -3.65
C VAL A 60 15.42 36.85 -4.22
N GLU A 61 15.28 36.94 -5.54
CA GLU A 61 14.80 38.16 -6.20
C GLU A 61 13.78 37.76 -7.26
N THR A 62 12.56 38.25 -7.11
CA THR A 62 11.50 37.89 -8.03
C THR A 62 10.57 39.04 -8.40
N VAL A 63 9.89 38.89 -9.55
CA VAL A 63 8.93 39.86 -10.04
C VAL A 63 7.63 39.10 -10.40
N SER A 64 6.61 39.26 -9.56
CA SER A 64 5.32 38.60 -9.77
C SER A 64 4.18 39.58 -10.02
N PHE A 65 3.63 39.53 -11.22
CA PHE A 65 2.54 40.40 -11.61
C PHE A 65 2.96 41.86 -11.52
N ASN A 66 3.95 42.22 -12.34
CA ASN A 66 4.46 43.59 -12.41
C ASN A 66 5.14 44.13 -11.14
N THR A 67 4.83 43.53 -9.99
CA THR A 67 5.41 43.97 -8.72
C THR A 67 6.67 43.16 -8.40
N GLN A 68 7.59 43.77 -7.65
CA GLN A 68 8.83 43.09 -7.28
C GLN A 68 8.86 42.64 -5.83
N SER A 69 9.67 41.63 -5.55
CA SER A 69 9.80 41.09 -4.22
C SER A 69 10.57 42.03 -3.30
N ALA A 70 10.24 42.01 -2.02
CA ALA A 70 10.87 42.88 -1.04
C ALA A 70 12.39 42.65 -0.98
N ASP A 71 12.81 41.38 -1.03
CA ASP A 71 14.22 41.06 -0.99
C ASP A 71 14.84 41.07 -2.37
N THR A 72 16.14 41.33 -2.39
CA THR A 72 16.91 41.34 -3.63
C THR A 72 18.01 40.31 -3.41
N PHE A 73 18.80 40.03 -4.43
CA PHE A 73 19.87 39.07 -4.29
C PHE A 73 20.82 39.50 -3.16
N ALA A 74 20.93 40.80 -2.94
CA ALA A 74 21.81 41.33 -1.91
C ALA A 74 21.23 41.22 -0.50
N THR A 75 19.99 41.66 -0.31
CA THR A 75 19.36 41.59 1.00
C THR A 75 19.13 40.17 1.49
N ALA A 76 18.85 39.26 0.57
CA ALA A 76 18.61 37.87 0.93
C ALA A 76 19.88 37.14 1.33
N THR A 77 20.91 37.21 0.47
CA THR A 77 22.18 36.54 0.75
C THR A 77 22.78 37.00 2.07
N VAL A 78 22.54 38.25 2.44
CA VAL A 78 23.08 38.74 3.71
C VAL A 78 22.35 38.01 4.84
N ALA A 79 21.04 37.88 4.71
CA ALA A 79 20.24 37.20 5.72
C ALA A 79 20.66 35.74 5.76
N ALA A 80 20.91 35.16 4.59
CA ALA A 80 21.32 33.77 4.51
C ALA A 80 22.60 33.57 5.35
N ALA A 81 23.57 34.45 5.16
CA ALA A 81 24.83 34.35 5.88
C ALA A 81 24.62 34.44 7.37
N CYS A 82 23.81 35.41 7.80
CA CYS A 82 23.54 35.57 9.22
C CYS A 82 22.81 34.36 9.77
N GLY A 83 22.26 33.54 8.87
CA GLY A 83 21.54 32.35 9.30
C GLY A 83 22.38 31.09 9.20
N GLY A 84 23.64 31.25 8.84
CA GLY A 84 24.53 30.10 8.74
C GLY A 84 24.56 29.42 7.38
N THR A 85 23.94 30.04 6.38
CA THR A 85 23.93 29.45 5.04
C THR A 85 24.91 30.18 4.14
N THR A 86 25.87 29.43 3.59
CA THR A 86 26.91 30.00 2.73
C THR A 86 26.77 29.77 1.23
N THR A 87 25.92 28.84 0.83
CA THR A 87 25.69 28.59 -0.59
C THR A 87 24.20 28.53 -0.82
N ILE A 88 23.80 28.96 -2.00
CA ILE A 88 22.39 28.99 -2.34
C ILE A 88 22.25 28.65 -3.81
N VAL A 89 21.13 28.04 -4.17
CA VAL A 89 20.90 27.73 -5.57
C VAL A 89 19.54 28.33 -5.85
N ASP A 90 19.55 29.51 -6.46
CA ASP A 90 18.34 30.25 -6.77
C ASP A 90 17.71 29.74 -8.06
N PHE A 91 16.41 29.96 -8.18
CA PHE A 91 15.68 29.54 -9.37
C PHE A 91 15.68 30.66 -10.39
N CYS A 92 16.52 30.50 -11.41
CA CYS A 92 16.61 31.48 -12.49
C CYS A 92 15.35 31.28 -13.32
N GLN A 93 14.50 32.31 -13.36
CA GLN A 93 13.23 32.21 -14.08
C GLN A 93 13.18 32.79 -15.49
N GLN A 94 12.80 31.96 -16.45
CA GLN A 94 12.68 32.39 -17.84
C GLN A 94 11.48 33.32 -17.97
N ASP A 95 11.53 34.22 -18.94
CA ASP A 95 10.43 35.14 -19.19
C ASP A 95 9.75 34.65 -20.45
N ARG A 96 8.42 34.61 -20.44
CA ARG A 96 7.68 34.13 -21.61
C ARG A 96 8.11 34.87 -22.88
N GLY A 97 8.43 34.12 -23.93
CA GLY A 97 8.83 34.74 -25.17
C GLY A 97 10.32 35.00 -25.28
N HIS A 98 11.05 34.79 -24.19
CA HIS A 98 12.50 35.01 -24.19
C HIS A 98 13.27 33.69 -24.02
N SER A 99 14.57 33.72 -24.30
CA SER A 99 15.41 32.53 -24.21
C SER A 99 15.88 32.22 -22.79
N LEU A 100 16.50 31.06 -22.63
CA LEU A 100 17.01 30.67 -21.32
C LEU A 100 18.26 31.52 -21.07
N ALA A 101 19.10 31.63 -22.10
CA ALA A 101 20.29 32.45 -22.00
C ALA A 101 19.91 33.86 -21.54
N GLU A 102 18.90 34.46 -22.18
CA GLU A 102 18.45 35.80 -21.81
C GLU A 102 18.17 35.81 -20.31
N ALA A 103 17.63 34.71 -19.80
CA ALA A 103 17.29 34.56 -18.38
C ALA A 103 18.52 34.48 -17.49
N VAL A 104 19.48 33.66 -17.89
CA VAL A 104 20.70 33.51 -17.11
C VAL A 104 21.40 34.87 -17.03
N ALA A 105 21.52 35.52 -18.18
CA ALA A 105 22.16 36.83 -18.25
C ALA A 105 21.47 37.79 -17.28
N LYS A 106 20.14 37.75 -17.26
CA LYS A 106 19.37 38.61 -16.37
C LYS A 106 19.71 38.30 -14.91
N TRP A 107 19.85 37.01 -14.61
CA TRP A 107 20.19 36.59 -13.26
C TRP A 107 21.57 37.08 -12.89
N ASP A 108 22.54 36.87 -13.77
CA ASP A 108 23.89 37.34 -13.51
C ASP A 108 23.84 38.84 -13.15
N GLY A 109 22.99 39.58 -13.85
CA GLY A 109 22.87 41.00 -13.57
C GLY A 109 22.47 41.22 -12.13
N MET A 110 21.57 40.40 -11.63
CA MET A 110 21.10 40.54 -10.26
C MET A 110 22.08 40.02 -9.21
N ALA A 111 22.76 38.92 -9.51
CA ALA A 111 23.70 38.32 -8.56
C ALA A 111 25.11 38.92 -8.59
N GLY A 112 25.70 38.96 -9.78
CA GLY A 112 27.04 39.48 -9.95
C GLY A 112 27.39 40.68 -9.09
N GLY A 113 28.44 40.53 -8.29
CA GLY A 113 28.90 41.59 -7.42
C GLY A 113 27.92 42.05 -6.36
N LYS A 114 26.87 41.26 -6.11
CA LYS A 114 25.88 41.67 -5.11
C LYS A 114 25.53 40.59 -4.07
N SER A 115 25.98 39.36 -4.31
CA SER A 115 25.71 38.25 -3.39
C SER A 115 26.70 38.17 -2.24
N ALA A 116 26.19 38.17 -1.01
CA ALA A 116 27.04 38.09 0.17
C ALA A 116 27.67 36.69 0.24
N ILE A 117 26.99 35.69 -0.34
CA ILE A 117 27.45 34.31 -0.32
C ILE A 117 27.44 33.72 -1.72
N ASP A 118 28.04 32.54 -1.87
CA ASP A 118 28.12 31.86 -3.15
C ASP A 118 26.74 31.38 -3.63
N TYR A 119 26.59 31.21 -4.93
CA TYR A 119 25.30 30.82 -5.50
C TYR A 119 25.39 30.10 -6.83
N GLY A 120 24.40 29.24 -7.09
CA GLY A 120 24.32 28.50 -8.34
C GLY A 120 22.93 28.76 -8.87
N TYR A 121 22.59 28.24 -10.05
CA TYR A 121 21.25 28.47 -10.60
C TYR A 121 20.52 27.21 -11.03
N HIS A 122 19.21 27.24 -10.87
CA HIS A 122 18.35 26.16 -11.35
C HIS A 122 17.69 26.92 -12.49
N ILE A 123 17.35 26.25 -13.58
CA ILE A 123 16.70 26.98 -14.66
C ILE A 123 15.22 26.60 -14.77
N ILE A 124 14.33 27.59 -14.64
CA ILE A 124 12.91 27.35 -14.75
C ILE A 124 12.49 27.50 -16.21
N VAL A 125 11.83 26.47 -16.75
CA VAL A 125 11.36 26.50 -18.12
C VAL A 125 9.84 26.64 -18.12
N LEU A 126 9.34 27.83 -18.39
CA LEU A 126 7.89 28.04 -18.43
C LEU A 126 7.36 28.43 -19.82
N ASP A 127 8.20 28.34 -20.84
CA ASP A 127 7.81 28.65 -22.21
C ASP A 127 8.63 27.71 -23.09
N PRO A 128 8.27 26.42 -23.09
CA PRO A 128 8.85 25.30 -23.82
C PRO A 128 8.93 25.39 -25.33
N THR A 129 9.53 26.45 -25.84
CA THR A 129 9.67 26.62 -27.28
C THR A 129 10.65 25.59 -27.80
N ASP A 130 10.52 25.22 -29.07
CA ASP A 130 11.43 24.26 -29.67
C ASP A 130 12.86 24.70 -29.40
N SER A 131 13.15 25.97 -29.63
CA SER A 131 14.49 26.49 -29.42
C SER A 131 14.84 26.47 -27.94
N VAL A 132 13.90 26.91 -27.10
CA VAL A 132 14.12 26.94 -25.65
C VAL A 132 14.52 25.56 -25.15
N ILE A 133 13.75 24.55 -25.53
CA ILE A 133 14.03 23.19 -25.13
C ILE A 133 15.39 22.75 -25.65
N GLU A 134 15.75 23.23 -26.82
CA GLU A 134 17.04 22.87 -27.40
C GLU A 134 18.18 23.51 -26.61
N GLU A 135 17.87 24.57 -25.86
CA GLU A 135 18.87 25.25 -25.04
C GLU A 135 19.31 24.38 -23.86
N LEU A 136 18.46 23.45 -23.46
CA LEU A 136 18.78 22.57 -22.35
C LEU A 136 19.99 21.72 -22.69
N GLU A 137 20.38 21.74 -23.97
CA GLU A 137 21.54 20.99 -24.42
C GLU A 137 22.78 21.84 -24.18
N VAL A 138 22.56 23.10 -23.83
CA VAL A 138 23.66 24.04 -23.60
C VAL A 138 23.90 24.44 -22.15
N LEU A 139 22.85 24.88 -21.46
CA LEU A 139 22.97 25.32 -20.07
C LEU A 139 23.82 24.42 -19.17
N PRO A 140 23.69 23.09 -19.28
CA PRO A 140 24.48 22.19 -18.45
C PRO A 140 25.97 22.53 -18.44
N ASP A 141 26.55 22.72 -19.62
CA ASP A 141 27.96 23.05 -19.70
C ASP A 141 28.33 24.42 -19.12
N LEU A 142 27.32 25.21 -18.78
CA LEU A 142 27.56 26.51 -18.18
C LEU A 142 27.53 26.34 -16.66
N GLY A 143 27.18 25.14 -16.22
CA GLY A 143 27.09 24.87 -14.79
C GLY A 143 25.67 24.90 -14.25
N ILE A 144 24.69 24.89 -15.15
CA ILE A 144 23.28 24.89 -14.75
C ILE A 144 22.81 23.49 -15.13
N THR A 145 22.82 22.58 -14.16
CA THR A 145 22.45 21.20 -14.44
C THR A 145 21.14 20.70 -13.85
N SER A 146 20.21 21.62 -13.59
CA SER A 146 18.93 21.22 -13.05
C SER A 146 17.81 22.06 -13.64
N PHE A 147 16.88 21.39 -14.33
CA PHE A 147 15.75 22.06 -14.96
C PHE A 147 14.50 21.95 -14.12
N KCX A 148 13.83 23.08 -13.92
CA KCX A 148 12.63 23.11 -13.11
CB KCX A 148 12.85 24.07 -11.93
CG KCX A 148 11.59 24.66 -11.42
CD KCX A 148 10.88 23.74 -10.46
CE KCX A 148 10.96 24.44 -9.15
NZ KCX A 148 9.71 24.50 -8.48
C KCX A 148 11.37 23.52 -13.89
O KCX A 148 11.38 24.52 -14.63
CX KCX A 148 9.38 25.36 -7.51
OQ1 KCX A 148 8.22 25.25 -7.04
OQ2 KCX A 148 10.23 26.26 -7.11
N VAL A 149 10.29 22.75 -13.72
CA VAL A 149 9.02 23.03 -14.38
C VAL A 149 7.86 23.02 -13.37
N PHE A 150 6.76 23.67 -13.73
CA PHE A 150 5.59 23.75 -12.86
C PHE A 150 4.37 23.03 -13.44
N MET A 151 3.64 22.32 -12.58
CA MET A 151 2.45 21.59 -12.99
C MET A 151 1.20 22.37 -12.60
N ALA A 152 1.40 23.50 -11.92
CA ALA A 152 0.29 24.35 -11.50
C ALA A 152 0.58 25.78 -11.95
N TYR A 153 -0.29 26.71 -11.56
CA TYR A 153 -0.18 28.13 -11.93
C TYR A 153 -0.50 28.34 -13.41
N ARG A 154 -1.77 28.19 -13.76
CA ARG A 154 -2.24 28.35 -15.13
C ARG A 154 -1.86 29.72 -15.70
N GLY A 155 -1.47 29.74 -16.97
CA GLY A 155 -1.11 30.99 -17.62
C GLY A 155 -0.07 31.82 -16.87
N MET A 156 0.91 31.15 -16.28
CA MET A 156 1.96 31.83 -15.55
C MET A 156 3.21 30.95 -15.54
N ASN A 157 3.11 29.75 -14.99
CA ASN A 157 4.24 28.83 -14.93
C ASN A 157 3.92 27.44 -15.49
N MET A 158 2.65 27.06 -15.40
CA MET A 158 2.22 25.73 -15.83
C MET A 158 2.57 25.26 -17.23
N ILE A 159 3.12 24.05 -17.30
CA ILE A 159 3.46 23.40 -18.55
C ILE A 159 2.71 22.06 -18.50
N ASP A 160 2.73 21.30 -19.58
CA ASP A 160 1.99 20.04 -19.61
C ASP A 160 2.87 18.79 -19.62
N ASP A 161 2.23 17.62 -19.63
CA ASP A 161 2.96 16.36 -19.64
C ASP A 161 3.87 16.26 -20.85
N VAL A 162 3.43 16.81 -21.98
CA VAL A 162 4.23 16.79 -23.20
C VAL A 162 5.54 17.52 -22.96
N THR A 163 5.43 18.67 -22.28
CA THR A 163 6.59 19.49 -21.95
C THR A 163 7.49 18.73 -20.98
N LEU A 164 6.91 18.31 -19.85
CA LEU A 164 7.63 17.56 -18.82
C LEU A 164 8.39 16.37 -19.42
N LEU A 165 7.73 15.64 -20.32
CA LEU A 165 8.36 14.50 -20.97
C LEU A 165 9.55 14.97 -21.83
N LYS A 166 9.40 16.11 -22.49
CA LYS A 166 10.48 16.64 -23.33
C LYS A 166 11.63 17.08 -22.45
N THR A 167 11.30 17.68 -21.32
CA THR A 167 12.30 18.15 -20.37
C THR A 167 13.01 16.94 -19.76
N LEU A 168 12.23 15.94 -19.34
CA LEU A 168 12.83 14.73 -18.75
C LEU A 168 13.78 14.11 -19.76
N ASP A 169 13.37 14.13 -21.03
CA ASP A 169 14.19 13.55 -22.09
C ASP A 169 15.51 14.31 -22.31
N LYS A 170 15.44 15.64 -22.31
CA LYS A 170 16.63 16.46 -22.50
C LYS A 170 17.59 16.30 -21.31
N ALA A 171 17.04 16.20 -20.11
CA ALA A 171 17.83 16.04 -18.90
C ALA A 171 18.63 14.74 -18.95
N VAL A 172 18.01 13.66 -19.43
CA VAL A 172 18.70 12.39 -19.52
C VAL A 172 19.86 12.49 -20.51
N LYS A 173 19.65 13.20 -21.61
CA LYS A 173 20.69 13.34 -22.62
C LYS A 173 21.85 14.23 -22.18
N THR A 174 21.56 15.25 -21.39
CA THR A 174 22.57 16.18 -20.92
C THR A 174 23.04 15.88 -19.51
N GLY A 175 22.58 14.76 -18.95
CA GLY A 175 22.97 14.40 -17.60
C GLY A 175 22.51 15.44 -16.59
N SER A 176 21.26 15.90 -16.73
CA SER A 176 20.73 16.89 -15.80
C SER A 176 19.61 16.29 -14.95
N LEU A 177 19.15 17.07 -13.98
CA LEU A 177 18.08 16.63 -13.10
C LEU A 177 16.85 17.51 -13.19
N VAL A 178 15.71 16.91 -13.49
CA VAL A 178 14.48 17.66 -13.59
C VAL A 178 13.84 17.83 -12.20
N MET A 179 13.45 19.05 -11.88
CA MET A 179 12.80 19.36 -10.62
C MET A 179 11.38 19.75 -10.97
N VAL A 180 10.42 19.47 -10.08
CA VAL A 180 9.05 19.80 -10.39
C VAL A 180 8.17 20.20 -9.21
N HIS A 181 7.36 21.22 -9.44
CA HIS A 181 6.39 21.72 -8.47
C HIS A 181 5.17 20.86 -8.81
N ALA A 182 4.86 19.89 -7.96
CA ALA A 182 3.74 18.98 -8.25
C ALA A 182 2.40 19.25 -7.60
N GLU A 183 1.53 19.90 -8.35
CA GLU A 183 0.17 20.18 -7.92
C GLU A 183 -0.64 20.14 -9.19
N ASN A 184 -1.87 19.65 -9.11
CA ASN A 184 -2.71 19.62 -10.29
C ASN A 184 -3.37 20.99 -10.35
N GLY A 185 -2.82 21.85 -11.20
CA GLY A 185 -3.29 23.22 -11.35
C GLY A 185 -4.76 23.35 -11.69
N ASP A 186 -5.22 22.53 -12.63
CA ASP A 186 -6.61 22.58 -13.02
C ASP A 186 -7.50 22.22 -11.84
N ALA A 187 -7.14 21.19 -11.10
CA ALA A 187 -7.94 20.80 -9.96
C ALA A 187 -7.99 21.99 -9.01
N ALA A 188 -6.85 22.62 -8.78
CA ALA A 188 -6.81 23.78 -7.88
C ALA A 188 -7.72 24.90 -8.41
N ASP A 189 -7.55 25.25 -9.68
CA ASP A 189 -8.37 26.31 -10.27
C ASP A 189 -9.85 26.05 -10.05
N TYR A 190 -10.27 24.82 -10.33
CA TYR A 190 -11.68 24.43 -10.15
C TYR A 190 -12.15 24.76 -8.74
N LEU A 191 -11.38 24.36 -7.74
CA LEU A 191 -11.76 24.62 -6.36
C LEU A 191 -11.63 26.09 -5.99
N ARG A 192 -10.58 26.75 -6.48
CA ARG A 192 -10.37 28.16 -6.18
C ARG A 192 -11.57 28.98 -6.64
N ASP A 193 -11.95 28.80 -7.89
CA ASP A 193 -13.08 29.52 -8.47
C ASP A 193 -14.41 29.16 -7.80
N LYS A 194 -14.60 27.89 -7.50
CA LYS A 194 -15.82 27.43 -6.86
C LYS A 194 -15.98 28.15 -5.51
N PHE A 195 -14.89 28.28 -4.77
CA PHE A 195 -14.92 28.95 -3.48
C PHE A 195 -15.27 30.42 -3.60
N VAL A 196 -14.60 31.11 -4.53
CA VAL A 196 -14.85 32.53 -4.72
C VAL A 196 -16.29 32.75 -5.17
N ALA A 197 -16.79 31.86 -6.01
CA ALA A 197 -18.16 31.97 -6.49
C ALA A 197 -19.14 31.89 -5.32
N GLU A 198 -18.79 31.10 -4.30
CA GLU A 198 -19.64 30.94 -3.12
C GLU A 198 -19.39 32.07 -2.13
N GLY A 199 -18.59 33.05 -2.55
CA GLY A 199 -18.29 34.17 -1.68
C GLY A 199 -17.23 33.91 -0.63
N LYS A 200 -16.55 32.76 -0.71
CA LYS A 200 -15.51 32.43 0.26
C LYS A 200 -14.18 33.01 -0.22
N THR A 201 -13.72 34.06 0.46
CA THR A 201 -12.49 34.74 0.07
C THR A 201 -11.36 34.86 1.09
N ALA A 202 -11.59 34.40 2.32
CA ALA A 202 -10.55 34.47 3.35
C ALA A 202 -9.33 33.61 2.98
N PRO A 203 -8.17 33.88 3.60
CA PRO A 203 -6.93 33.15 3.34
C PRO A 203 -7.05 31.63 3.45
N ILE A 204 -7.87 31.17 4.40
CA ILE A 204 -8.04 29.73 4.61
C ILE A 204 -8.36 29.00 3.33
N TYR A 205 -9.12 29.64 2.46
CA TYR A 205 -9.50 29.02 1.21
C TYR A 205 -8.34 28.80 0.25
N HIS A 206 -7.19 29.40 0.58
CA HIS A 206 -6.03 29.19 -0.26
C HIS A 206 -5.65 27.72 -0.05
N ALA A 207 -5.74 27.28 1.20
CA ALA A 207 -5.41 25.90 1.55
C ALA A 207 -6.48 24.92 1.09
N LEU A 208 -7.74 25.21 1.45
CA LEU A 208 -8.83 24.33 1.07
C LEU A 208 -8.97 24.19 -0.44
N SER A 209 -8.58 25.22 -1.19
CA SER A 209 -8.70 25.17 -2.64
C SER A 209 -7.65 24.26 -3.26
N ARG A 210 -6.67 23.85 -2.48
CA ARG A 210 -5.64 22.95 -2.98
C ARG A 210 -5.21 21.96 -1.91
N PRO A 211 -6.11 21.03 -1.57
CA PRO A 211 -5.91 19.98 -0.57
C PRO A 211 -4.88 18.94 -1.02
N PRO A 212 -4.40 18.12 -0.07
CA PRO A 212 -3.40 17.07 -0.32
C PRO A 212 -3.56 16.29 -1.61
N ARG A 213 -4.79 15.98 -2.00
CA ARG A 213 -5.00 15.20 -3.22
C ARG A 213 -4.43 15.92 -4.44
N VAL A 214 -4.59 17.24 -4.47
CA VAL A 214 -4.09 18.06 -5.56
C VAL A 214 -2.59 17.85 -5.71
N GLU A 215 -1.89 17.84 -4.58
CA GLU A 215 -0.44 17.64 -4.57
C GLU A 215 -0.10 16.18 -4.91
N ALA A 216 -0.75 15.26 -4.21
CA ALA A 216 -0.50 13.83 -4.40
C ALA A 216 -0.59 13.38 -5.85
N GLU A 217 -1.70 13.70 -6.50
CA GLU A 217 -1.92 13.32 -7.90
C GLU A 217 -0.77 13.79 -8.77
N ALA A 218 -0.49 15.10 -8.77
CA ALA A 218 0.57 15.68 -9.57
C ALA A 218 1.90 14.98 -9.28
N THR A 219 2.18 14.77 -8.01
CA THR A 219 3.40 14.10 -7.62
C THR A 219 3.48 12.74 -8.33
N ALA A 220 2.43 11.95 -8.18
CA ALA A 220 2.41 10.63 -8.80
C ALA A 220 2.61 10.70 -10.31
N ARG A 221 1.92 11.64 -10.96
CA ARG A 221 2.02 11.79 -12.41
C ARG A 221 3.46 12.11 -12.84
N ALA A 222 4.06 13.09 -12.17
CA ALA A 222 5.43 13.46 -12.49
C ALA A 222 6.32 12.21 -12.37
N LEU A 223 6.22 11.52 -11.24
CA LEU A 223 7.04 10.33 -11.02
C LEU A 223 6.78 9.27 -12.08
N ALA A 224 5.52 9.14 -12.50
CA ALA A 224 5.15 8.17 -13.52
C ALA A 224 5.84 8.54 -14.85
N LEU A 225 5.79 9.83 -15.17
CA LEU A 225 6.42 10.32 -16.39
C LEU A 225 7.92 10.09 -16.33
N ALA A 226 8.51 10.33 -15.16
CA ALA A 226 9.95 10.10 -14.98
C ALA A 226 10.22 8.62 -15.23
N GLU A 227 9.33 7.75 -14.74
CA GLU A 227 9.49 6.32 -14.93
C GLU A 227 9.47 5.95 -16.40
N ILE A 228 8.55 6.54 -17.15
CA ILE A 228 8.40 6.29 -18.58
C ILE A 228 9.64 6.72 -19.36
N VAL A 229 10.12 7.92 -19.09
CA VAL A 229 11.32 8.41 -19.77
C VAL A 229 12.52 7.68 -19.20
N ASN A 230 12.35 7.13 -18.01
CA ASN A 230 13.42 6.41 -17.32
C ASN A 230 14.50 7.43 -16.96
N ALA A 231 14.08 8.45 -16.22
CA ALA A 231 14.97 9.52 -15.83
C ALA A 231 14.83 9.85 -14.35
N PRO A 232 15.88 10.46 -13.78
CA PRO A 232 15.83 10.83 -12.37
C PRO A 232 14.98 12.09 -12.28
N ILE A 233 14.27 12.25 -11.17
CA ILE A 233 13.43 13.44 -11.00
C ILE A 233 13.50 13.85 -9.54
N TYR A 234 13.30 15.14 -9.28
CA TYR A 234 13.37 15.69 -7.95
C TYR A 234 12.09 16.44 -7.61
N ILE A 235 11.35 15.95 -6.62
CA ILE A 235 10.11 16.60 -6.26
C ILE A 235 10.37 17.63 -5.16
N VAL A 236 10.16 18.91 -5.50
CA VAL A 236 10.37 19.97 -4.54
C VAL A 236 9.21 20.03 -3.55
N HIS A 237 9.48 20.59 -2.38
CA HIS A 237 8.52 20.71 -1.31
C HIS A 237 7.42 19.66 -1.16
N VAL A 238 7.80 18.46 -0.73
CA VAL A 238 6.82 17.39 -0.47
C VAL A 238 6.30 17.87 0.89
N THR A 239 4.99 18.07 0.98
CA THR A 239 4.42 18.62 2.21
C THR A 239 3.46 17.79 3.06
N CYS A 240 3.03 16.64 2.58
CA CYS A 240 2.07 15.86 3.36
C CYS A 240 2.21 14.37 3.18
N GLU A 241 1.49 13.63 4.02
CA GLU A 241 1.52 12.18 4.00
C GLU A 241 1.14 11.57 2.66
N GLU A 242 0.08 12.07 2.03
CA GLU A 242 -0.35 11.52 0.76
C GLU A 242 0.63 11.69 -0.39
N SER A 243 1.23 12.87 -0.53
CA SER A 243 2.18 13.05 -1.62
C SER A 243 3.48 12.29 -1.32
N LEU A 244 3.88 12.25 -0.06
CA LEU A 244 5.09 11.55 0.31
C LEU A 244 4.92 10.08 -0.07
N GLU A 245 3.71 9.56 0.18
CA GLU A 245 3.42 8.18 -0.13
C GLU A 245 3.68 7.84 -1.60
N GLU A 246 3.34 8.76 -2.50
CA GLU A 246 3.56 8.53 -3.92
C GLU A 246 5.05 8.48 -4.22
N VAL A 247 5.81 9.35 -3.56
CA VAL A 247 7.26 9.37 -3.76
C VAL A 247 7.79 8.01 -3.35
N MET A 248 7.32 7.56 -2.19
CA MET A 248 7.72 6.28 -1.67
C MET A 248 7.37 5.14 -2.63
N ARG A 249 6.15 5.16 -3.17
CA ARG A 249 5.74 4.10 -4.09
C ARG A 249 6.64 4.11 -5.33
N ALA A 250 6.97 5.30 -5.80
CA ALA A 250 7.83 5.45 -6.97
C ALA A 250 9.20 4.83 -6.66
N LYS A 251 9.76 5.19 -5.51
CA LYS A 251 11.07 4.65 -5.11
C LYS A 251 11.08 3.12 -5.11
N SER A 252 10.01 2.51 -4.62
CA SER A 252 9.94 1.05 -4.60
C SER A 252 9.88 0.42 -5.99
N ARG A 253 9.29 1.12 -6.93
CA ARG A 253 9.21 0.59 -8.29
C ARG A 253 10.55 0.71 -8.99
N GLY A 254 11.51 1.39 -8.37
CA GLY A 254 12.81 1.54 -8.99
C GLY A 254 13.01 2.88 -9.68
N VAL A 255 12.03 3.77 -9.54
CA VAL A 255 12.15 5.08 -10.15
C VAL A 255 13.18 5.88 -9.36
N ARG A 256 14.12 6.52 -10.06
CA ARG A 256 15.12 7.31 -9.38
C ARG A 256 14.44 8.60 -8.96
N ALA A 257 13.57 8.49 -7.96
CA ALA A 257 12.83 9.63 -7.46
C ALA A 257 13.49 10.22 -6.23
N LEU A 258 13.65 11.53 -6.22
CA LEU A 258 14.25 12.23 -5.09
C LEU A 258 13.22 13.22 -4.65
N ALA A 259 13.30 13.64 -3.38
CA ALA A 259 12.35 14.61 -2.88
C ALA A 259 12.97 15.40 -1.72
N GLU A 260 12.30 16.47 -1.33
CA GLU A 260 12.77 17.34 -0.26
C GLU A 260 11.55 17.91 0.47
N THR A 261 11.79 18.66 1.53
CA THR A 261 10.71 19.34 2.26
C THR A 261 11.26 20.71 2.59
N CYS A 262 10.44 21.54 3.21
CA CYS A 262 10.87 22.87 3.55
C CYS A 262 10.49 23.19 4.98
N THR A 263 11.40 23.86 5.67
CA THR A 263 11.24 24.24 7.05
C THR A 263 9.80 24.42 7.52
N HIS A 264 9.05 25.33 6.89
CA HIS A 264 7.68 25.61 7.31
C HIS A 264 6.71 24.43 7.28
N TYR A 265 7.03 23.41 6.50
CA TYR A 265 6.17 22.24 6.43
C TYR A 265 6.39 21.31 7.62
N LEU A 266 7.31 21.70 8.51
CA LEU A 266 7.60 20.93 9.71
C LEU A 266 7.11 21.71 10.93
N TYR A 267 6.55 22.89 10.70
CA TYR A 267 6.11 23.72 11.81
C TYR A 267 4.77 24.41 11.67
N LEU A 268 4.38 24.73 10.44
CA LEU A 268 3.11 25.44 10.25
C LEU A 268 1.96 24.55 9.81
N THR A 269 0.74 24.99 10.09
CA THR A 269 -0.45 24.23 9.73
C THR A 269 -1.47 25.13 9.08
N LYS A 270 -2.40 24.55 8.34
CA LYS A 270 -3.42 25.34 7.67
C LYS A 270 -4.20 26.21 8.65
N GLU A 271 -4.21 25.83 9.92
CA GLU A 271 -4.92 26.63 10.91
C GLU A 271 -4.25 28.00 11.05
N ASP A 272 -2.98 28.09 10.67
CA ASP A 272 -2.27 29.36 10.74
C ASP A 272 -2.87 30.38 9.77
N LEU A 273 -3.51 29.90 8.70
CA LEU A 273 -4.14 30.79 7.73
C LEU A 273 -5.43 31.36 8.29
N GLU A 274 -5.78 30.93 9.51
CA GLU A 274 -7.00 31.42 10.14
C GLU A 274 -6.71 32.45 11.20
N ARG A 275 -5.42 32.73 11.41
CA ARG A 275 -5.05 33.74 12.39
C ARG A 275 -5.85 34.98 12.00
N PRO A 276 -6.42 35.67 13.00
CA PRO A 276 -7.23 36.87 12.81
C PRO A 276 -6.56 38.10 12.19
N ASP A 277 -7.39 39.00 11.68
CA ASP A 277 -6.96 40.25 11.08
C ASP A 277 -6.02 40.12 9.89
N PHE A 278 -6.34 39.18 9.00
CA PHE A 278 -5.56 38.98 7.79
C PHE A 278 -4.13 38.50 8.07
N GLU A 279 -3.83 38.14 9.31
CA GLU A 279 -2.49 37.65 9.64
C GLU A 279 -2.23 36.35 8.87
N GLY A 280 -3.29 35.55 8.71
CA GLY A 280 -3.17 34.30 7.99
C GLY A 280 -2.57 34.48 6.61
N ALA A 281 -2.67 35.68 6.06
CA ALA A 281 -2.13 35.96 4.73
C ALA A 281 -0.64 35.68 4.71
N LYS A 282 0.03 35.90 5.84
CA LYS A 282 1.46 35.66 5.93
C LYS A 282 1.81 34.22 5.61
N TYR A 283 0.89 33.32 5.92
CA TYR A 283 1.11 31.89 5.72
C TYR A 283 0.59 31.35 4.42
N VAL A 284 0.31 32.26 3.48
CA VAL A 284 -0.17 31.84 2.18
C VAL A 284 1.01 31.48 1.29
N PHE A 285 1.40 30.22 1.35
CA PHE A 285 2.48 29.71 0.50
C PHE A 285 1.96 28.43 -0.13
N THR A 286 2.67 27.95 -1.15
CA THR A 286 2.25 26.77 -1.87
C THR A 286 3.32 25.70 -2.01
N PRO A 287 2.94 24.42 -1.83
CA PRO A 287 1.59 23.97 -1.49
C PRO A 287 1.16 24.53 -0.14
N PRO A 288 -0.14 24.42 0.19
CA PRO A 288 -0.66 24.92 1.46
C PRO A 288 -0.10 24.23 2.70
N ALA A 289 -0.11 24.96 3.82
CA ALA A 289 0.34 24.41 5.08
C ALA A 289 -0.61 23.24 5.37
N ARG A 290 -0.07 22.13 5.87
CA ARG A 290 -0.87 20.96 6.16
C ARG A 290 -1.33 20.84 7.62
N ALA A 291 -1.17 19.64 8.20
CA ALA A 291 -1.56 19.42 9.59
C ALA A 291 -0.40 18.87 10.40
N LYS A 292 -0.55 18.87 11.73
CA LYS A 292 0.49 18.36 12.61
C LYS A 292 0.86 16.91 12.32
N LYS A 293 -0.10 16.10 11.93
CA LYS A 293 0.20 14.70 11.65
C LYS A 293 1.16 14.63 10.48
N ASP A 294 1.12 15.64 9.61
CA ASP A 294 2.03 15.66 8.48
C ASP A 294 3.43 16.03 8.98
N HIS A 295 3.49 16.81 10.05
CA HIS A 295 4.78 17.18 10.63
C HIS A 295 5.48 15.91 11.11
N ASP A 296 4.74 15.05 11.80
CA ASP A 296 5.33 13.81 12.30
C ASP A 296 5.76 12.94 11.14
N VAL A 297 4.89 12.83 10.14
CA VAL A 297 5.21 12.03 8.97
C VAL A 297 6.53 12.47 8.36
N LEU A 298 6.65 13.78 8.14
CA LEU A 298 7.84 14.36 7.53
C LEU A 298 9.10 14.17 8.40
N TRP A 299 8.99 14.51 9.68
CA TRP A 299 10.12 14.33 10.57
C TRP A 299 10.56 12.86 10.59
N ASN A 300 9.59 11.92 10.61
CA ASN A 300 9.95 10.51 10.61
C ASN A 300 10.67 10.17 9.32
N ALA A 301 10.17 10.72 8.22
CA ALA A 301 10.79 10.47 6.92
C ALA A 301 12.21 11.00 6.94
N LEU A 302 12.41 12.16 7.57
CA LEU A 302 13.75 12.76 7.66
C LEU A 302 14.67 11.80 8.42
N ARG A 303 14.23 11.40 9.62
CA ARG A 303 15.00 10.50 10.46
C ARG A 303 15.34 9.19 9.75
N ASN A 304 14.47 8.77 8.84
CA ASN A 304 14.72 7.54 8.11
C ASN A 304 15.53 7.77 6.84
N GLY A 305 15.93 9.02 6.62
CA GLY A 305 16.75 9.36 5.46
C GLY A 305 16.08 9.38 4.11
N VAL A 306 14.77 9.63 4.10
CA VAL A 306 14.01 9.66 2.86
C VAL A 306 14.34 10.88 1.99
N PHE A 307 14.28 12.07 2.57
CA PHE A 307 14.53 13.32 1.85
C PHE A 307 16.00 13.68 1.63
N GLU A 308 16.25 14.42 0.55
CA GLU A 308 17.60 14.84 0.21
C GLU A 308 18.02 16.08 0.99
N THR A 309 17.04 16.82 1.51
CA THR A 309 17.36 18.04 2.24
C THR A 309 16.11 18.72 2.76
N VAL A 310 16.31 19.79 3.51
CA VAL A 310 15.21 20.60 4.03
C VAL A 310 15.59 22.00 3.55
N SER A 311 15.00 22.44 2.43
CA SER A 311 15.29 23.76 1.88
C SER A 311 14.26 24.73 2.40
N SER A 312 14.33 25.99 1.97
CA SER A 312 13.39 27.02 2.46
C SER A 312 12.28 27.52 1.53
N ASP A 313 12.52 27.52 0.22
CA ASP A 313 11.54 28.06 -0.73
C ASP A 313 11.27 29.51 -0.29
N HIS A 314 12.37 30.21 -0.03
CA HIS A 314 12.35 31.60 0.41
C HIS A 314 11.75 32.58 -0.60
N CYS A 315 10.75 33.33 -0.13
CA CYS A 315 10.07 34.34 -0.93
C CYS A 315 9.95 35.60 -0.07
N SER A 316 9.71 36.73 -0.71
CA SER A 316 9.60 37.97 0.03
C SER A 316 8.45 38.86 -0.43
N TRP A 317 7.26 38.62 0.10
CA TRP A 317 6.10 39.42 -0.25
C TRP A 317 5.67 40.15 1.02
N LEU A 318 5.99 41.43 1.08
CA LEU A 318 5.65 42.25 2.23
C LEU A 318 4.22 41.98 2.68
N PHE A 319 4.05 41.83 4.00
CA PHE A 319 2.73 41.57 4.52
C PHE A 319 1.87 42.79 4.17
N LYS A 320 2.46 43.97 4.28
CA LYS A 320 1.74 45.20 3.99
C LYS A 320 1.76 45.50 2.48
N GLY A 321 2.93 45.76 1.94
CA GLY A 321 2.98 46.05 0.52
C GLY A 321 2.39 45.04 -0.46
N HIS A 322 2.70 43.75 -0.28
CA HIS A 322 2.24 42.72 -1.22
C HIS A 322 1.06 41.81 -0.85
N LYS A 323 1.09 41.21 0.33
CA LYS A 323 0.01 40.33 0.77
C LYS A 323 -1.33 41.08 0.72
N ASP A 324 -1.25 42.38 0.94
CA ASP A 324 -2.42 43.26 0.95
C ASP A 324 -3.36 43.11 -0.22
N ARG A 325 -2.82 42.98 -1.43
CA ARG A 325 -3.69 42.85 -2.59
C ARG A 325 -4.36 41.48 -2.56
N GLY A 326 -5.18 41.26 -1.55
CA GLY A 326 -5.87 40.00 -1.41
C GLY A 326 -6.72 39.96 -0.16
N ARG A 327 -6.88 41.11 0.49
CA ARG A 327 -7.69 41.18 1.71
C ARG A 327 -9.15 40.88 1.39
N ASN A 328 -9.45 40.75 0.10
CA ASN A 328 -10.81 40.46 -0.33
C ASN A 328 -10.87 39.31 -1.33
N ASP A 329 -9.74 38.67 -1.55
CA ASP A 329 -9.67 37.57 -2.49
C ASP A 329 -8.34 36.83 -2.33
N PHE A 330 -8.36 35.74 -1.58
CA PHE A 330 -7.18 34.93 -1.31
C PHE A 330 -6.39 34.63 -2.58
N ARG A 331 -7.09 34.56 -3.71
CA ARG A 331 -6.42 34.26 -4.98
C ARG A 331 -5.43 35.33 -5.40
N ALA A 332 -5.70 36.57 -5.02
CA ALA A 332 -4.82 37.68 -5.39
C ALA A 332 -3.59 37.79 -4.49
N ILE A 333 -3.60 37.07 -3.36
CA ILE A 333 -2.48 37.09 -2.43
C ILE A 333 -1.26 36.40 -3.05
N PRO A 334 -0.16 37.14 -3.26
CA PRO A 334 1.03 36.52 -3.83
C PRO A 334 1.53 35.40 -2.92
N ASN A 335 1.71 34.21 -3.51
CA ASN A 335 2.15 33.04 -2.76
C ASN A 335 3.62 33.05 -2.37
N GLY A 336 3.90 32.62 -1.14
CA GLY A 336 5.27 32.58 -0.69
C GLY A 336 5.51 33.17 0.68
N ALA A 337 6.51 32.63 1.38
CA ALA A 337 6.89 33.09 2.71
C ALA A 337 8.41 33.07 2.84
N PRO A 338 8.97 33.94 3.69
CA PRO A 338 10.41 34.03 3.91
C PRO A 338 10.95 32.99 4.89
N GLY A 339 12.24 32.68 4.78
CA GLY A 339 12.84 31.72 5.69
C GLY A 339 14.28 31.33 5.42
N VAL A 340 14.93 31.95 4.44
CA VAL A 340 16.32 31.58 4.13
C VAL A 340 17.24 31.74 5.34
N GLU A 341 16.93 32.71 6.20
CA GLU A 341 17.77 32.95 7.37
C GLU A 341 17.49 32.01 8.53
N GLU A 342 16.21 31.74 8.79
CA GLU A 342 15.81 30.88 9.89
C GLU A 342 15.99 29.38 9.65
N ARG A 343 16.13 28.98 8.39
CA ARG A 343 16.26 27.56 8.06
C ARG A 343 17.06 26.69 9.01
N LEU A 344 18.36 26.95 9.14
CA LEU A 344 19.20 26.14 10.02
C LEU A 344 18.72 26.08 11.47
N MET A 345 18.49 27.23 12.09
CA MET A 345 18.05 27.23 13.47
C MET A 345 16.81 26.38 13.66
N MET A 346 15.83 26.57 12.78
CA MET A 346 14.58 25.82 12.85
C MET A 346 14.78 24.31 12.67
N VAL A 347 15.57 23.91 11.69
CA VAL A 347 15.81 22.50 11.47
C VAL A 347 16.61 21.94 12.65
N TYR A 348 17.54 22.75 13.17
CA TYR A 348 18.36 22.34 14.30
C TYR A 348 17.54 22.03 15.55
N GLN A 349 16.40 22.69 15.71
CA GLN A 349 15.57 22.42 16.88
C GLN A 349 15.15 20.95 16.89
N GLY A 350 15.19 20.34 15.71
CA GLY A 350 14.81 18.95 15.60
C GLY A 350 15.81 18.04 16.27
N VAL A 351 17.06 18.47 16.34
CA VAL A 351 18.07 17.65 16.98
C VAL A 351 17.88 17.82 18.48
N ASN A 352 17.40 18.99 18.89
CA ASN A 352 17.15 19.24 20.30
C ASN A 352 16.04 18.34 20.82
N GLU A 353 15.07 18.04 19.98
CA GLU A 353 13.95 17.23 20.41
C GLU A 353 14.02 15.77 19.99
N GLY A 354 15.23 15.31 19.68
CA GLY A 354 15.40 13.92 19.28
C GLY A 354 14.73 13.51 17.99
N ARG A 355 14.06 14.46 17.34
CA ARG A 355 13.39 14.18 16.07
C ARG A 355 14.42 13.74 15.04
N ILE A 356 15.57 14.39 15.06
CA ILE A 356 16.64 14.09 14.12
C ILE A 356 17.99 14.13 14.86
N SER A 357 18.99 13.41 14.37
CA SER A 357 20.28 13.42 15.07
C SER A 357 21.14 14.64 14.73
N LEU A 358 22.17 14.88 15.53
CA LEU A 358 23.07 16.01 15.32
C LEU A 358 23.79 15.85 13.98
N THR A 359 24.15 14.62 13.71
CA THR A 359 24.86 14.29 12.49
C THR A 359 23.96 14.38 11.25
N GLN A 360 22.67 14.07 11.41
CA GLN A 360 21.73 14.14 10.29
C GLN A 360 21.44 15.60 9.97
N PHE A 361 21.48 16.45 10.99
CA PHE A 361 21.25 17.88 10.80
C PHE A 361 22.17 18.37 9.68
N VAL A 362 23.45 18.08 9.80
CA VAL A 362 24.43 18.50 8.81
C VAL A 362 24.15 17.86 7.46
N GLU A 363 23.82 16.57 7.46
CA GLU A 363 23.52 15.86 6.21
C GLU A 363 22.42 16.58 5.44
N LEU A 364 21.31 16.85 6.12
CA LEU A 364 20.16 17.49 5.51
C LEU A 364 20.34 18.96 5.19
N VAL A 365 20.93 19.68 6.12
CA VAL A 365 21.15 21.11 6.01
C VAL A 365 22.26 21.52 5.03
N ALA A 366 23.18 20.61 4.72
CA ALA A 366 24.27 20.97 3.82
C ALA A 366 24.93 19.88 2.98
N THR A 367 25.36 18.79 3.60
CA THR A 367 26.06 17.75 2.86
C THR A 367 25.28 16.99 1.79
N ARG A 368 24.07 16.57 2.10
CA ARG A 368 23.29 15.82 1.12
C ARG A 368 22.90 16.68 -0.11
N PRO A 369 22.47 17.94 0.11
CA PRO A 369 22.07 18.83 -0.99
C PRO A 369 23.24 19.05 -1.93
N ALA A 370 24.39 19.32 -1.34
CA ALA A 370 25.63 19.55 -2.08
C ALA A 370 25.91 18.35 -2.98
N LYS A 371 25.72 17.15 -2.44
CA LYS A 371 25.95 15.94 -3.20
C LYS A 371 25.02 15.86 -4.40
N VAL A 372 23.72 15.96 -4.15
CA VAL A 372 22.73 15.87 -5.22
C VAL A 372 22.93 16.89 -6.33
N PHE A 373 23.08 18.16 -5.96
CA PHE A 373 23.23 19.22 -6.96
C PHE A 373 24.64 19.53 -7.45
N GLY A 374 25.51 18.52 -7.44
CA GLY A 374 26.88 18.62 -7.93
C GLY A 374 27.81 19.70 -7.44
N MET A 375 27.94 19.83 -6.12
CA MET A 375 28.82 20.83 -5.54
C MET A 375 29.72 20.16 -4.48
N PHE A 376 29.63 18.84 -4.40
CA PHE A 376 30.39 18.05 -3.44
C PHE A 376 31.61 17.46 -4.11
N PRO A 377 32.76 17.42 -3.41
CA PRO A 377 32.99 17.91 -2.05
C PRO A 377 33.49 19.34 -1.87
N GLN A 378 33.55 20.12 -2.95
CA GLN A 378 34.00 21.51 -2.84
C GLN A 378 33.18 22.19 -1.77
N LYS A 379 31.87 21.93 -1.80
CA LYS A 379 30.95 22.49 -0.82
C LYS A 379 30.32 21.30 -0.08
N GLY A 380 29.66 21.57 1.05
CA GLY A 380 29.00 20.49 1.77
C GLY A 380 29.51 20.08 3.14
N THR A 381 30.76 19.67 3.25
CA THR A 381 31.28 19.23 4.53
C THR A 381 32.45 20.07 5.01
N ILE A 382 33.26 19.45 5.86
CA ILE A 382 34.45 20.06 6.41
C ILE A 382 35.53 19.00 6.33
N ALA A 383 36.31 19.08 5.26
CA ALA A 383 37.39 18.14 5.01
C ALA A 383 38.54 18.90 4.36
N VAL A 384 39.69 18.25 4.25
CA VAL A 384 40.81 18.92 3.62
C VAL A 384 40.51 19.04 2.13
N GLY A 385 40.49 20.28 1.66
CA GLY A 385 40.20 20.53 0.26
C GLY A 385 38.88 21.26 0.10
N SER A 386 38.07 21.25 1.14
CA SER A 386 36.78 21.92 1.10
C SER A 386 36.95 23.42 1.10
N ASP A 387 36.00 24.13 0.50
CA ASP A 387 36.06 25.58 0.54
C ASP A 387 35.86 25.80 2.04
N ALA A 388 36.43 26.86 2.59
CA ALA A 388 36.27 27.09 4.00
C ALA A 388 34.94 27.78 4.28
N ASP A 389 33.85 27.12 3.96
CA ASP A 389 32.51 27.64 4.23
C ASP A 389 32.16 27.02 5.57
N ILE A 390 32.16 27.85 6.62
CA ILE A 390 31.94 27.35 7.96
C ILE A 390 30.96 28.14 8.82
N VAL A 391 30.31 27.44 9.75
CA VAL A 391 29.38 28.06 10.68
C VAL A 391 29.78 27.62 12.07
N LEU A 392 29.99 28.58 12.96
CA LEU A 392 30.35 28.29 14.34
C LEU A 392 29.05 28.39 15.13
N TRP A 393 28.54 27.23 15.53
CA TRP A 393 27.28 27.11 16.24
C TRP A 393 27.39 27.04 17.76
N ASP A 394 26.54 27.79 18.44
CA ASP A 394 26.49 27.80 19.90
C ASP A 394 25.26 27.00 20.27
N PRO A 395 25.43 25.72 20.61
CA PRO A 395 24.31 24.86 20.97
C PRO A 395 23.50 25.27 22.21
N GLU A 396 24.09 26.06 23.09
CA GLU A 396 23.40 26.49 24.30
C GLU A 396 22.68 27.82 24.19
N ALA A 397 23.09 28.63 23.23
CA ALA A 397 22.46 29.94 23.03
C ALA A 397 20.95 29.84 22.81
N GLU A 398 20.20 30.57 23.62
CA GLU A 398 18.75 30.60 23.52
C GLU A 398 18.33 31.96 22.99
N MET A 399 17.24 31.99 22.21
CA MET A 399 16.78 33.23 21.61
C MET A 399 15.39 33.11 21.03
N VAL A 400 14.70 34.24 20.95
CA VAL A 400 13.36 34.26 20.38
C VAL A 400 13.49 34.87 19.00
N ILE A 401 12.97 34.20 17.98
CA ILE A 401 13.06 34.73 16.63
C ILE A 401 12.11 35.91 16.44
N GLU A 402 12.68 37.07 16.15
CA GLU A 402 11.92 38.28 15.93
C GLU A 402 12.41 38.91 14.64
N GLN A 403 11.49 39.31 13.78
CA GLN A 403 11.84 39.91 12.51
C GLN A 403 12.71 41.14 12.69
N THR A 404 12.52 41.84 13.82
CA THR A 404 13.31 43.04 14.11
C THR A 404 14.79 42.69 14.25
N ALA A 405 15.08 41.42 14.49
CA ALA A 405 16.45 40.97 14.66
C ALA A 405 16.97 40.22 13.43
N MET A 406 16.09 40.01 12.45
CA MET A 406 16.52 39.32 11.24
C MET A 406 17.28 40.29 10.33
N HIS A 407 17.86 39.79 9.25
CA HIS A 407 18.67 40.66 8.39
C HIS A 407 18.28 40.82 6.93
N ASN A 408 17.00 40.64 6.59
CA ASN A 408 16.58 40.81 5.21
C ASN A 408 15.66 42.03 5.09
N ALA A 409 15.01 42.19 3.95
CA ALA A 409 14.14 43.35 3.74
C ALA A 409 12.64 43.12 3.97
N MET A 410 12.28 42.02 4.63
CA MET A 410 10.86 41.72 4.88
C MET A 410 10.27 42.40 6.11
N ASP A 411 8.94 42.48 6.15
CA ASP A 411 8.25 43.11 7.27
C ASP A 411 7.70 42.12 8.29
N TYR A 412 8.08 40.85 8.16
CA TYR A 412 7.66 39.82 9.10
C TYR A 412 8.47 38.53 8.91
N SER A 413 8.38 37.66 9.92
CA SER A 413 9.05 36.36 9.89
C SER A 413 8.00 35.26 10.02
N SER A 414 8.21 34.15 9.31
CA SER A 414 7.28 33.03 9.35
C SER A 414 7.39 32.33 10.70
N TYR A 415 8.48 32.60 11.41
CA TYR A 415 8.73 31.98 12.69
C TYR A 415 8.79 33.01 13.82
N GLU A 416 8.03 34.09 13.65
CA GLU A 416 7.98 35.13 14.65
C GLU A 416 7.49 34.54 15.97
N GLY A 417 8.24 34.76 17.04
CA GLY A 417 7.85 34.25 18.34
C GLY A 417 8.44 32.92 18.76
N HIS A 418 9.00 32.15 17.84
CA HIS A 418 9.57 30.86 18.20
C HIS A 418 10.83 30.97 19.05
N LYS A 419 10.86 30.21 20.14
CA LYS A 419 12.02 30.18 21.02
C LYS A 419 12.92 29.07 20.50
N VAL A 420 14.20 29.39 20.32
CA VAL A 420 15.14 28.41 19.80
C VAL A 420 16.35 28.25 20.69
N LYS A 421 16.99 27.09 20.58
CA LYS A 421 18.19 26.80 21.34
C LYS A 421 19.21 26.34 20.31
N GLY A 422 20.26 27.12 20.13
CA GLY A 422 21.28 26.79 19.13
C GLY A 422 21.22 27.85 18.06
N VAL A 423 22.20 28.75 18.09
CA VAL A 423 22.25 29.87 17.15
C VAL A 423 23.57 30.00 16.39
N PRO A 424 23.52 30.44 15.12
CA PRO A 424 24.74 30.61 14.32
C PRO A 424 25.45 31.84 14.90
N LYS A 425 26.75 31.75 15.11
CA LYS A 425 27.47 32.90 15.68
C LYS A 425 28.38 33.64 14.73
N THR A 426 29.31 32.92 14.11
CA THR A 426 30.19 33.58 13.16
C THR A 426 30.27 32.65 11.94
N VAL A 427 30.26 33.25 10.75
CA VAL A 427 30.28 32.52 9.50
C VAL A 427 31.46 32.86 8.59
N LEU A 428 32.01 31.84 7.94
CA LEU A 428 33.12 32.02 7.02
C LEU A 428 32.74 31.52 5.63
N LEU A 429 33.08 32.32 4.62
CA LEU A 429 32.81 31.98 3.23
C LEU A 429 34.15 31.84 2.56
N ARG A 430 34.50 30.62 2.18
CA ARG A 430 35.79 30.40 1.54
C ARG A 430 36.92 31.11 2.29
N GLY A 431 36.96 30.93 3.60
CA GLY A 431 38.01 31.52 4.39
C GLY A 431 37.76 32.89 4.99
N LYS A 432 36.93 33.69 4.34
CA LYS A 432 36.66 35.03 4.86
C LYS A 432 35.56 35.02 5.90
N VAL A 433 35.78 35.75 6.99
CA VAL A 433 34.78 35.85 8.04
C VAL A 433 33.76 36.87 7.53
N ILE A 434 32.53 36.44 7.30
CA ILE A 434 31.51 37.36 6.81
C ILE A 434 30.47 37.70 7.86
N VAL A 435 30.42 36.90 8.92
CA VAL A 435 29.51 37.17 10.03
C VAL A 435 30.39 36.93 11.25
N ASP A 436 30.49 37.94 12.11
CA ASP A 436 31.32 37.82 13.31
C ASP A 436 30.42 38.02 14.52
N GLU A 437 30.38 37.01 15.39
CA GLU A 437 29.55 37.06 16.58
C GLU A 437 28.18 37.72 16.37
N GLY A 438 27.54 37.40 15.26
CA GLY A 438 26.22 37.94 14.99
C GLY A 438 26.10 39.18 14.11
N SER A 439 27.23 39.79 13.76
CA SER A 439 27.18 40.98 12.91
C SER A 439 27.71 40.72 11.52
N TYR A 440 26.92 41.09 10.52
CA TYR A 440 27.35 40.90 9.15
C TYR A 440 28.55 41.83 8.92
N VAL A 441 29.66 41.25 8.46
CA VAL A 441 30.86 42.04 8.22
C VAL A 441 31.49 41.71 6.88
N GLY A 442 30.66 41.30 5.92
CA GLY A 442 31.17 40.96 4.60
C GLY A 442 30.90 42.04 3.58
N GLU A 443 31.16 41.71 2.31
CA GLU A 443 30.97 42.62 1.19
C GLU A 443 30.07 41.96 0.16
N PRO A 444 29.13 42.73 -0.45
CA PRO A 444 28.23 42.18 -1.46
C PRO A 444 29.01 41.65 -2.66
N THR A 445 30.31 41.83 -2.61
CA THR A 445 31.19 41.40 -3.68
C THR A 445 31.84 40.04 -3.38
N ASP A 446 31.58 39.51 -2.18
CA ASP A 446 32.17 38.24 -1.77
C ASP A 446 31.62 37.01 -2.50
N GLY A 447 30.30 36.96 -2.67
CA GLY A 447 29.66 35.83 -3.32
C GLY A 447 30.03 35.58 -4.77
N LYS A 448 30.25 34.31 -5.11
CA LYS A 448 30.59 33.96 -6.48
C LYS A 448 29.67 32.88 -7.02
N PHE A 449 29.49 32.87 -8.34
CA PHE A 449 28.65 31.89 -9.00
C PHE A 449 29.35 30.53 -9.00
N LEU A 450 28.56 29.45 -8.95
CA LEU A 450 29.11 28.10 -8.93
C LEU A 450 28.67 27.27 -10.13
N LYS A 451 29.63 26.84 -10.94
CA LYS A 451 29.30 25.99 -12.07
C LYS A 451 29.12 24.62 -11.43
N ARG A 452 27.86 24.20 -11.29
CA ARG A 452 27.56 22.91 -10.68
C ARG A 452 27.76 21.75 -11.64
N ARG A 453 28.07 20.58 -11.08
CA ARG A 453 28.33 19.39 -11.86
C ARG A 453 27.06 18.71 -12.37
N LYS A 454 27.22 17.88 -13.39
CA LYS A 454 26.11 17.17 -14.02
C LYS A 454 25.50 16.02 -13.21
N TYR A 455 25.05 15.02 -13.98
CA TYR A 455 24.42 13.78 -13.52
C TYR A 455 23.96 13.75 -12.08
N LYS A 456 22.86 14.42 -11.82
CA LYS A 456 22.29 14.47 -10.47
C LYS A 456 21.33 13.31 -10.32
N GLN A 457 21.16 12.85 -9.08
CA GLN A 457 20.29 11.71 -8.81
C GLN A 457 20.29 11.42 -7.31
N MET B 1 55.11 10.78 15.30
CA MET B 1 54.13 10.20 14.34
C MET B 1 54.49 8.74 14.05
N ASP B 2 53.67 7.80 14.53
CA ASP B 2 53.94 6.38 14.32
C ASP B 2 53.84 5.98 12.86
N ILE B 3 52.80 6.46 12.19
CA ILE B 3 52.62 6.15 10.78
C ILE B 3 52.03 7.31 10.00
N ILE B 4 52.40 7.37 8.72
CA ILE B 4 51.91 8.40 7.82
C ILE B 4 51.46 7.70 6.54
N ILE B 5 50.23 7.98 6.11
CA ILE B 5 49.71 7.41 4.88
C ILE B 5 49.60 8.58 3.91
N LYS B 6 50.41 8.52 2.85
CA LYS B 6 50.47 9.60 1.88
C LYS B 6 50.02 9.23 0.47
N ASN B 7 49.68 10.25 -0.30
CA ASN B 7 49.28 10.08 -1.71
C ASN B 7 47.98 9.32 -1.93
N GLY B 8 47.18 9.18 -0.89
CA GLY B 8 45.93 8.45 -1.05
C GLY B 8 44.74 9.39 -1.06
N THR B 9 43.59 8.83 -1.44
CA THR B 9 42.36 9.59 -1.46
C THR B 9 41.50 9.10 -0.31
N ILE B 10 41.36 9.94 0.71
CA ILE B 10 40.56 9.60 1.87
C ILE B 10 39.08 9.65 1.50
N VAL B 11 38.43 8.50 1.59
CA VAL B 11 37.02 8.40 1.28
C VAL B 11 36.19 8.02 2.49
N THR B 12 35.50 8.99 3.08
CA THR B 12 34.64 8.72 4.21
C THR B 12 33.23 8.78 3.64
N ALA B 13 32.22 8.56 4.48
CA ALA B 13 30.85 8.57 3.99
C ALA B 13 30.45 9.96 3.50
N ASP B 14 31.06 10.99 4.09
CA ASP B 14 30.73 12.35 3.68
C ASP B 14 31.94 13.22 3.36
N GLY B 15 32.84 12.67 2.54
CA GLY B 15 34.01 13.40 2.15
C GLY B 15 34.91 12.59 1.24
N ILE B 16 35.56 13.29 0.31
CA ILE B 16 36.48 12.68 -0.62
C ILE B 16 37.59 13.71 -0.77
N SER B 17 38.76 13.43 -0.21
CA SER B 17 39.85 14.38 -0.33
C SER B 17 41.22 13.74 -0.44
N ARG B 18 42.04 14.27 -1.34
CA ARG B 18 43.39 13.77 -1.50
C ARG B 18 44.21 14.50 -0.46
N ALA B 19 44.61 13.77 0.56
CA ALA B 19 45.40 14.33 1.65
C ALA B 19 46.17 13.21 2.30
N ASP B 20 47.10 13.58 3.17
CA ASP B 20 47.90 12.62 3.87
C ASP B 20 47.42 12.50 5.31
N LEU B 21 47.64 11.32 5.90
CA LEU B 21 47.23 11.03 7.27
C LEU B 21 48.37 10.89 8.24
N GLY B 22 48.11 11.27 9.49
CA GLY B 22 49.10 11.15 10.53
C GLY B 22 48.53 10.34 11.69
N ILE B 23 49.07 9.15 11.91
CA ILE B 23 48.60 8.27 12.98
C ILE B 23 49.57 8.27 14.17
N LYS B 24 49.03 8.45 15.36
CA LYS B 24 49.84 8.49 16.58
C LYS B 24 49.14 7.83 17.77
N ASP B 25 49.70 6.71 18.23
CA ASP B 25 49.15 5.98 19.38
C ASP B 25 47.78 5.40 19.08
N GLY B 26 47.70 4.67 17.96
CA GLY B 26 46.46 4.03 17.57
C GLY B 26 45.36 4.94 17.08
N LYS B 27 45.63 6.25 17.03
CA LYS B 27 44.62 7.19 16.56
C LYS B 27 45.06 8.09 15.42
N ILE B 28 44.11 8.63 14.68
CA ILE B 28 44.40 9.54 13.61
C ILE B 28 44.50 10.91 14.27
N THR B 29 45.69 11.48 14.26
CA THR B 29 45.93 12.77 14.90
C THR B 29 45.96 13.98 13.98
N GLN B 30 46.30 13.78 12.71
CA GLN B 30 46.36 14.89 11.76
C GLN B 30 46.09 14.49 10.31
N ILE B 31 45.33 15.34 9.63
CA ILE B 31 45.01 15.11 8.22
C ILE B 31 45.38 16.39 7.45
N GLY B 32 46.23 16.21 6.44
CA GLY B 32 46.67 17.36 5.65
C GLY B 32 47.72 18.20 6.37
N GLY B 33 48.40 19.06 5.61
CA GLY B 33 49.42 19.91 6.21
C GLY B 33 50.78 19.24 6.33
N ALA B 34 51.64 19.83 7.17
CA ALA B 34 52.98 19.30 7.40
C ALA B 34 52.92 18.20 8.45
N LEU B 35 53.19 16.97 8.03
CA LEU B 35 53.15 15.84 8.96
C LEU B 35 54.41 15.58 9.77
N GLY B 36 55.57 15.78 9.16
CA GLY B 36 56.81 15.57 9.88
C GLY B 36 57.35 14.17 9.73
N PRO B 37 58.25 13.74 10.63
CA PRO B 37 58.87 12.41 10.61
C PRO B 37 57.92 11.33 11.12
N ALA B 38 58.14 10.10 10.67
CA ALA B 38 57.30 9.00 11.08
C ALA B 38 58.01 7.64 11.01
N GLU B 39 57.81 6.82 12.04
CA GLU B 39 58.40 5.49 12.11
C GLU B 39 58.26 4.82 10.76
N ARG B 40 57.04 4.79 10.24
CA ARG B 40 56.79 4.18 8.95
C ARG B 40 55.92 5.07 8.10
N THR B 41 56.09 4.97 6.79
CA THR B 41 55.30 5.75 5.85
C THR B 41 54.75 4.80 4.81
N ILE B 42 53.45 4.88 4.57
CA ILE B 42 52.82 4.02 3.58
C ILE B 42 52.40 4.86 2.38
N ASP B 43 52.68 4.36 1.19
CA ASP B 43 52.34 5.05 -0.03
C ASP B 43 51.01 4.54 -0.56
N ALA B 44 49.94 5.31 -0.33
CA ALA B 44 48.61 4.93 -0.78
C ALA B 44 48.30 5.49 -2.17
N ALA B 45 49.34 5.80 -2.93
CA ALA B 45 49.19 6.33 -4.27
C ALA B 45 48.23 5.48 -5.10
N GLY B 46 47.30 6.13 -5.79
CA GLY B 46 46.35 5.43 -6.61
C GLY B 46 45.38 4.55 -5.84
N ARG B 47 45.31 4.74 -4.54
CA ARG B 47 44.42 3.94 -3.70
C ARG B 47 43.51 4.77 -2.81
N TYR B 48 42.42 4.15 -2.39
CA TYR B 48 41.47 4.81 -1.51
C TYR B 48 41.84 4.49 -0.07
N VAL B 49 41.60 5.44 0.83
CA VAL B 49 41.88 5.26 2.24
C VAL B 49 40.50 5.24 2.90
N PHE B 50 39.94 4.05 3.04
CA PHE B 50 38.60 3.86 3.64
C PHE B 50 38.65 3.55 5.14
N PRO B 51 37.55 3.85 5.86
CA PRO B 51 37.52 3.55 7.29
C PRO B 51 37.47 2.01 7.32
N GLY B 52 37.91 1.38 8.40
CA GLY B 52 37.86 -0.07 8.45
C GLY B 52 36.45 -0.64 8.46
N GLY B 53 36.24 -1.74 7.75
CA GLY B 53 34.93 -2.35 7.70
C GLY B 53 34.41 -2.74 9.08
N ILE B 54 33.09 -2.69 9.25
CA ILE B 54 32.47 -3.05 10.51
C ILE B 54 31.30 -3.99 10.28
N ASP B 55 31.49 -5.27 10.61
CA ASP B 55 30.47 -6.29 10.40
C ASP B 55 29.68 -6.59 11.68
N VAL B 56 28.49 -6.01 11.81
CA VAL B 56 27.69 -6.21 13.00
C VAL B 56 26.83 -7.47 13.02
N HIS B 57 27.13 -8.43 12.15
CA HIS B 57 26.35 -9.66 12.12
C HIS B 57 27.21 -10.88 11.82
N THR B 58 27.90 -11.39 12.84
CA THR B 58 28.75 -12.56 12.67
C THR B 58 28.50 -13.64 13.70
N HIS B 59 28.83 -14.88 13.32
CA HIS B 59 28.71 -16.05 14.18
C HIS B 59 30.06 -16.73 13.99
N VAL B 60 31.10 -15.99 14.36
CA VAL B 60 32.49 -16.41 14.26
C VAL B 60 32.82 -17.80 14.80
N GLU B 61 32.31 -18.14 15.98
CA GLU B 61 32.54 -19.44 16.59
C GLU B 61 31.22 -19.96 17.15
N THR B 62 30.78 -21.10 16.64
CA THR B 62 29.51 -21.66 17.07
C THR B 62 29.50 -23.17 17.25
N VAL B 63 28.55 -23.65 18.05
CA VAL B 63 28.35 -25.08 18.29
C VAL B 63 26.87 -25.42 18.05
N SER B 64 26.59 -26.09 16.94
CA SER B 64 25.22 -26.46 16.58
C SER B 64 25.02 -27.98 16.55
N PHE B 65 24.18 -28.46 17.45
CA PHE B 65 23.88 -29.88 17.56
C PHE B 65 25.15 -30.67 17.84
N ASN B 66 25.75 -30.41 19.00
CA ASN B 66 26.96 -31.10 19.44
C ASN B 66 28.22 -30.88 18.58
N THR B 67 28.04 -30.49 17.33
CA THR B 67 29.17 -30.26 16.44
C THR B 67 29.60 -28.79 16.45
N GLN B 68 30.87 -28.53 16.19
CA GLN B 68 31.40 -27.18 16.19
C GLN B 68 31.64 -26.63 14.79
N SER B 69 31.62 -25.30 14.68
CA SER B 69 31.84 -24.63 13.41
C SER B 69 33.31 -24.72 12.99
N ALA B 70 33.52 -24.74 11.68
CA ALA B 70 34.86 -24.83 11.12
C ALA B 70 35.74 -23.67 11.58
N ASP B 71 35.18 -22.46 11.58
CA ASP B 71 35.93 -21.28 12.00
C ASP B 71 35.86 -21.07 13.50
N THR B 72 36.88 -20.41 14.02
CA THR B 72 36.95 -20.08 15.44
C THR B 72 37.09 -18.57 15.47
N PHE B 73 37.06 -17.99 16.66
CA PHE B 73 37.21 -16.55 16.78
C PHE B 73 38.52 -16.09 16.13
N ALA B 74 39.53 -16.96 16.15
CA ALA B 74 40.83 -16.64 15.58
C ALA B 74 40.88 -16.74 14.07
N THR B 75 40.41 -17.85 13.52
CA THR B 75 40.42 -18.05 12.07
C THR B 75 39.51 -17.06 11.34
N ALA B 76 38.40 -16.71 11.95
CA ALA B 76 37.46 -15.78 11.32
C ALA B 76 37.99 -14.35 11.31
N THR B 77 38.39 -13.84 12.47
CA THR B 77 38.91 -12.47 12.56
C THR B 77 40.09 -12.25 11.63
N VAL B 78 40.88 -13.28 11.38
CA VAL B 78 42.01 -13.12 10.48
C VAL B 78 41.46 -12.90 9.07
N ALA B 79 40.45 -13.69 8.71
CA ALA B 79 39.84 -13.57 7.39
C ALA B 79 39.19 -12.19 7.28
N ALA B 80 38.55 -11.77 8.37
CA ALA B 80 37.90 -10.47 8.39
C ALA B 80 38.91 -9.38 8.03
N ALA B 81 40.07 -9.42 8.69
CA ALA B 81 41.10 -8.42 8.46
C ALA B 81 41.56 -8.42 7.01
N CYS B 82 41.80 -9.61 6.47
CA CYS B 82 42.24 -9.73 5.10
C CYS B 82 41.16 -9.24 4.14
N GLY B 83 39.95 -9.10 4.66
CA GLY B 83 38.84 -8.63 3.83
C GLY B 83 38.54 -7.16 4.03
N GLY B 84 39.35 -6.50 4.85
CA GLY B 84 39.16 -5.08 5.08
C GLY B 84 38.25 -4.73 6.25
N THR B 85 37.87 -5.73 7.05
CA THR B 85 37.00 -5.48 8.18
C THR B 85 37.80 -5.51 9.48
N THR B 86 37.76 -4.39 10.21
CA THR B 86 38.51 -4.25 11.45
C THR B 86 37.72 -4.37 12.76
N THR B 87 36.40 -4.30 12.69
CA THR B 87 35.58 -4.44 13.89
C THR B 87 34.47 -5.42 13.56
N ILE B 88 34.04 -6.15 14.57
CA ILE B 88 33.01 -7.13 14.38
C ILE B 88 32.17 -7.17 15.64
N VAL B 89 30.89 -7.51 15.49
CA VAL B 89 30.03 -7.62 16.66
C VAL B 89 29.42 -8.99 16.51
N ASP B 90 29.97 -9.94 17.26
CA ASP B 90 29.54 -11.33 17.22
C ASP B 90 28.32 -11.54 18.11
N PHE B 91 27.55 -12.57 17.79
CA PHE B 91 26.37 -12.89 18.57
C PHE B 91 26.72 -13.86 19.68
N CYS B 92 26.82 -13.34 20.90
CA CYS B 92 27.12 -14.14 22.07
C CYS B 92 25.85 -14.93 22.35
N GLN B 93 25.94 -16.25 22.24
CA GLN B 93 24.77 -17.12 22.43
C GLN B 93 24.62 -17.77 23.81
N GLN B 94 23.47 -17.53 24.44
CA GLN B 94 23.17 -18.12 25.74
C GLN B 94 22.93 -19.61 25.56
N ASP B 95 23.20 -20.38 26.61
CA ASP B 95 22.98 -21.81 26.59
C ASP B 95 21.74 -22.07 27.43
N ARG B 96 20.84 -22.91 26.95
CA ARG B 96 19.62 -23.19 27.70
C ARG B 96 19.93 -23.63 29.12
N GLY B 97 19.27 -23.01 30.09
CA GLY B 97 19.50 -23.37 31.47
C GLY B 97 20.62 -22.60 32.14
N HIS B 98 21.36 -21.82 31.37
CA HIS B 98 22.46 -21.03 31.91
C HIS B 98 22.17 -19.52 31.84
N SER B 99 22.97 -18.74 32.57
CA SER B 99 22.78 -17.29 32.61
C SER B 99 23.41 -16.56 31.42
N LEU B 100 23.11 -15.26 31.31
CA LEU B 100 23.68 -14.47 30.24
C LEU B 100 25.15 -14.26 30.57
N ALA B 101 25.41 -13.93 31.84
CA ALA B 101 26.78 -13.73 32.29
C ALA B 101 27.61 -14.97 31.93
N GLU B 102 27.10 -16.16 32.26
CA GLU B 102 27.80 -17.40 31.96
C GLU B 102 28.17 -17.39 30.47
N ALA B 103 27.27 -16.86 29.64
CA ALA B 103 27.47 -16.79 28.19
C ALA B 103 28.55 -15.79 27.79
N VAL B 104 28.52 -14.60 28.38
CA VAL B 104 29.50 -13.60 28.09
C VAL B 104 30.89 -14.13 28.46
N ALA B 105 30.98 -14.70 29.65
CA ALA B 105 32.24 -15.27 30.14
C ALA B 105 32.75 -16.30 29.13
N LYS B 106 31.85 -17.13 28.63
CA LYS B 106 32.21 -18.15 27.66
C LYS B 106 32.76 -17.51 26.40
N TRP B 107 32.13 -16.41 25.98
CA TRP B 107 32.56 -15.70 24.79
C TRP B 107 33.95 -15.10 25.01
N ASP B 108 34.13 -14.43 26.15
CA ASP B 108 35.44 -13.87 26.46
C ASP B 108 36.50 -14.97 26.33
N GLY B 109 36.17 -16.18 26.78
CA GLY B 109 37.11 -17.26 26.68
C GLY B 109 37.51 -17.50 25.25
N MET B 110 36.55 -17.41 24.34
CA MET B 110 36.82 -17.64 22.92
C MET B 110 37.52 -16.47 22.23
N ALA B 111 37.16 -15.24 22.58
CA ALA B 111 37.73 -14.06 21.96
C ALA B 111 39.04 -13.58 22.57
N GLY B 112 39.03 -13.39 23.89
CA GLY B 112 40.21 -12.92 24.60
C GLY B 112 41.54 -13.47 24.11
N GLY B 113 42.43 -12.55 23.73
CA GLY B 113 43.74 -12.93 23.24
C GLY B 113 43.76 -13.77 21.99
N LYS B 114 42.65 -13.82 21.26
CA LYS B 114 42.61 -14.64 20.05
C LYS B 114 42.05 -13.95 18.81
N SER B 115 41.46 -12.76 19.00
CA SER B 115 40.89 -11.98 17.89
C SER B 115 41.91 -11.12 17.17
N ALA B 116 42.02 -11.31 15.86
CA ALA B 116 42.94 -10.52 15.06
C ALA B 116 42.49 -9.06 15.01
N ILE B 117 41.17 -8.85 15.15
CA ILE B 117 40.58 -7.51 15.11
C ILE B 117 39.68 -7.26 16.30
N ASP B 118 39.26 -6.01 16.48
CA ASP B 118 38.40 -5.62 17.59
C ASP B 118 37.00 -6.24 17.47
N TYR B 119 36.33 -6.40 18.60
CA TYR B 119 35.01 -7.03 18.61
C TYR B 119 34.12 -6.60 19.76
N GLY B 120 32.81 -6.65 19.53
CA GLY B 120 31.81 -6.31 20.54
C GLY B 120 30.87 -7.50 20.57
N TYR B 121 29.87 -7.48 21.46
CA TYR B 121 28.94 -8.61 21.52
C TYR B 121 27.47 -8.21 21.47
N HIS B 122 26.67 -9.07 20.86
CA HIS B 122 25.22 -8.90 20.86
C HIS B 122 24.87 -10.06 21.78
N ILE B 123 23.81 -9.92 22.57
CA ILE B 123 23.46 -11.04 23.43
C ILE B 123 22.19 -11.74 22.95
N ILE B 124 22.29 -13.03 22.66
CA ILE B 124 21.14 -13.80 22.23
C ILE B 124 20.43 -14.38 23.45
N VAL B 125 19.14 -14.12 23.56
CA VAL B 125 18.35 -14.63 24.66
C VAL B 125 17.42 -15.73 24.14
N LEU B 126 17.76 -16.99 24.38
CA LEU B 126 16.93 -18.10 23.94
C LEU B 126 16.32 -18.92 25.08
N ASP B 127 16.47 -18.44 26.31
CA ASP B 127 15.91 -19.11 27.49
C ASP B 127 15.52 -18.00 28.46
N PRO B 128 14.44 -17.28 28.13
CA PRO B 128 13.83 -16.15 28.85
C PRO B 128 13.39 -16.37 30.29
N THR B 129 14.31 -16.84 31.13
CA THR B 129 13.99 -17.07 32.53
C THR B 129 13.78 -15.73 33.21
N ASP B 130 13.00 -15.71 34.28
CA ASP B 130 12.77 -14.48 35.01
C ASP B 130 14.10 -13.82 35.34
N SER B 131 15.04 -14.62 35.84
CA SER B 131 16.35 -14.09 36.20
C SER B 131 17.11 -13.66 34.95
N VAL B 132 17.08 -14.48 33.91
CA VAL B 132 17.75 -14.17 32.66
C VAL B 132 17.30 -12.81 32.14
N ILE B 133 16.00 -12.62 32.07
CA ILE B 133 15.44 -11.37 31.59
C ILE B 133 15.87 -10.22 32.49
N GLU B 134 16.00 -10.50 33.78
CA GLU B 134 16.41 -9.46 34.71
C GLU B 134 17.88 -9.09 34.48
N GLU B 135 18.63 -9.98 33.83
CA GLU B 135 20.04 -9.72 33.54
C GLU B 135 20.19 -8.62 32.48
N LEU B 136 19.15 -8.44 31.67
CA LEU B 136 19.20 -7.43 30.63
C LEU B 136 19.33 -6.05 31.26
N GLU B 137 19.14 -5.98 32.57
CA GLU B 137 19.26 -4.72 33.30
C GLU B 137 20.73 -4.51 33.64
N VAL B 138 21.54 -5.54 33.42
CA VAL B 138 22.96 -5.49 33.74
C VAL B 138 23.90 -5.44 32.54
N LEU B 139 23.74 -6.36 31.60
CA LEU B 139 24.61 -6.41 30.41
C LEU B 139 24.91 -5.06 29.76
N PRO B 140 23.91 -4.18 29.62
CA PRO B 140 24.15 -2.87 29.00
C PRO B 140 25.37 -2.16 29.57
N ASP B 141 25.46 -2.08 30.89
CA ASP B 141 26.59 -1.41 31.53
C ASP B 141 27.93 -2.11 31.31
N LEU B 142 27.90 -3.31 30.76
CA LEU B 142 29.13 -4.04 30.48
C LEU B 142 29.54 -3.72 29.05
N GLY B 143 28.68 -3.01 28.33
CA GLY B 143 28.97 -2.66 26.95
C GLY B 143 28.23 -3.55 25.94
N ILE B 144 27.25 -4.30 26.42
CA ILE B 144 26.45 -5.17 25.56
C ILE B 144 25.08 -4.49 25.54
N THR B 145 24.84 -3.69 24.52
CA THR B 145 23.60 -2.93 24.43
C THR B 145 22.61 -3.34 23.35
N SER B 146 22.69 -4.60 22.91
CA SER B 146 21.77 -5.07 21.90
C SER B 146 21.35 -6.51 22.17
N PHE B 147 20.06 -6.72 22.37
CA PHE B 147 19.52 -8.04 22.66
C PHE B 147 18.92 -8.67 21.42
N KCX B 148 19.28 -9.92 21.16
CA KCX B 148 18.79 -10.61 19.99
CB KCX B 148 19.99 -11.02 19.12
CG KCX B 148 19.71 -12.22 18.28
CD KCX B 148 18.99 -11.87 17.02
CE KCX B 148 19.97 -12.16 15.94
NZ KCX B 148 19.41 -12.93 14.88
C KCX B 148 17.93 -11.85 20.33
O KCX B 148 18.31 -12.68 21.15
CX KCX B 148 20.11 -13.66 14.00
OQ1 KCX B 148 19.42 -14.28 13.12
OQ2 KCX B 148 21.39 -13.71 14.06
N VAL B 149 16.77 -11.96 19.67
CA VAL B 149 15.87 -13.09 19.86
C VAL B 149 15.45 -13.71 18.52
N PHE B 150 15.01 -14.96 18.56
CA PHE B 150 14.60 -15.66 17.35
C PHE B 150 13.11 -16.01 17.35
N MET B 151 12.48 -15.84 16.18
CA MET B 151 11.05 -16.14 16.03
C MET B 151 10.87 -17.49 15.34
N ALA B 152 11.98 -18.10 14.95
CA ALA B 152 11.96 -19.40 14.29
C ALA B 152 12.91 -20.34 15.03
N TYR B 153 13.08 -21.55 14.49
CA TYR B 153 13.94 -22.57 15.08
C TYR B 153 13.34 -23.14 16.37
N ARG B 154 12.27 -23.91 16.21
CA ARG B 154 11.57 -24.52 17.33
C ARG B 154 12.51 -25.37 18.18
N GLY B 155 12.32 -25.30 19.50
CA GLY B 155 13.14 -26.07 20.41
C GLY B 155 14.64 -25.91 20.21
N MET B 156 15.07 -24.69 19.93
CA MET B 156 16.48 -24.42 19.72
C MET B 156 16.75 -22.95 20.04
N ASN B 157 16.09 -22.04 19.32
CA ASN B 157 16.27 -20.60 19.53
C ASN B 157 14.95 -19.86 19.72
N MET B 158 13.88 -20.39 19.13
CA MET B 158 12.57 -19.74 19.17
C MET B 158 12.00 -19.35 20.52
N ILE B 159 11.55 -18.11 20.61
CA ILE B 159 10.91 -17.57 21.79
C ILE B 159 9.55 -17.06 21.27
N ASP B 160 8.67 -16.63 22.17
CA ASP B 160 7.35 -16.17 21.75
C ASP B 160 7.12 -14.67 21.90
N ASP B 161 5.93 -14.22 21.50
CA ASP B 161 5.58 -12.81 21.58
C ASP B 161 5.69 -12.30 23.01
N VAL B 162 5.34 -13.15 23.98
CA VAL B 162 5.42 -12.77 25.39
C VAL B 162 6.87 -12.44 25.74
N THR B 163 7.78 -13.26 25.24
CA THR B 163 9.21 -13.07 25.47
C THR B 163 9.66 -11.78 24.79
N LEU B 164 9.41 -11.70 23.48
CA LEU B 164 9.77 -10.53 22.67
C LEU B 164 9.28 -9.23 23.32
N LEU B 165 8.04 -9.23 23.81
CA LEU B 165 7.49 -8.07 24.46
C LEU B 165 8.27 -7.75 25.75
N LYS B 166 8.69 -8.79 26.47
CA LYS B 166 9.44 -8.58 27.70
C LYS B 166 10.82 -8.04 27.38
N THR B 167 11.40 -8.56 26.30
CA THR B 167 12.71 -8.12 25.84
C THR B 167 12.61 -6.67 25.35
N LEU B 168 11.59 -6.37 24.54
CA LEU B 168 11.42 -5.02 24.04
C LEU B 168 11.27 -4.06 25.22
N ASP B 169 10.56 -4.52 26.25
CA ASP B 169 10.35 -3.69 27.42
C ASP B 169 11.64 -3.42 28.21
N LYS B 170 12.46 -4.45 28.38
CA LYS B 170 13.72 -4.30 29.10
C LYS B 170 14.69 -3.40 28.32
N ALA B 171 14.69 -3.53 27.00
CA ALA B 171 15.55 -2.72 26.14
C ALA B 171 15.22 -1.24 26.28
N VAL B 172 13.92 -0.92 26.36
CA VAL B 172 13.52 0.48 26.50
C VAL B 172 14.00 1.02 27.84
N LYS B 173 13.93 0.21 28.88
CA LYS B 173 14.35 0.66 30.20
C LYS B 173 15.87 0.81 30.34
N THR B 174 16.62 -0.04 29.65
CA THR B 174 18.07 0.01 29.72
C THR B 174 18.69 0.73 28.54
N GLY B 175 17.86 1.33 27.70
CA GLY B 175 18.37 2.02 26.53
C GLY B 175 19.10 1.09 25.60
N SER B 176 18.53 -0.08 25.34
CA SER B 176 19.15 -1.04 24.44
C SER B 176 18.32 -1.22 23.18
N LEU B 177 18.87 -1.97 22.23
CA LEU B 177 18.19 -2.21 20.96
C LEU B 177 17.91 -3.70 20.75
N VAL B 178 16.65 -4.04 20.52
CA VAL B 178 16.29 -5.42 20.28
C VAL B 178 16.46 -5.77 18.82
N MET B 179 17.13 -6.89 18.55
CA MET B 179 17.36 -7.38 17.20
C MET B 179 16.53 -8.66 17.07
N VAL B 180 16.03 -8.94 15.89
CA VAL B 180 15.22 -10.14 15.72
C VAL B 180 15.32 -10.85 14.38
N HIS B 181 15.37 -12.17 14.45
CA HIS B 181 15.39 -13.03 13.28
C HIS B 181 13.91 -13.24 13.04
N ALA B 182 13.36 -12.62 11.99
CA ALA B 182 11.93 -12.71 11.73
C ALA B 182 11.43 -13.70 10.69
N GLU B 183 11.01 -14.86 11.17
CA GLU B 183 10.44 -15.90 10.33
C GLU B 183 9.41 -16.57 11.22
N ASN B 184 8.30 -17.01 10.64
CA ASN B 184 7.30 -17.70 11.42
C ASN B 184 7.74 -19.15 11.44
N GLY B 185 8.36 -19.53 12.55
CA GLY B 185 8.88 -20.88 12.72
C GLY B 185 7.87 -21.99 12.52
N ASP B 186 6.69 -21.82 13.10
CA ASP B 186 5.65 -22.81 12.98
C ASP B 186 5.25 -22.97 11.53
N ALA B 187 5.08 -21.85 10.82
CA ALA B 187 4.71 -21.94 9.42
C ALA B 187 5.79 -22.74 8.70
N ALA B 188 7.05 -22.43 8.99
CA ALA B 188 8.15 -23.15 8.35
C ALA B 188 8.08 -24.64 8.67
N ASP B 189 7.97 -24.97 9.95
CA ASP B 189 7.91 -26.37 10.37
C ASP B 189 6.82 -27.11 9.61
N TYR B 190 5.64 -26.51 9.52
CA TYR B 190 4.52 -27.11 8.80
C TYR B 190 4.92 -27.50 7.38
N LEU B 191 5.54 -26.55 6.67
CA LEU B 191 5.95 -26.81 5.30
C LEU B 191 7.13 -27.76 5.22
N ARG B 192 8.09 -27.63 6.14
CA ARG B 192 9.26 -28.50 6.15
C ARG B 192 8.82 -29.96 6.27
N ASP B 193 7.99 -30.24 7.26
CA ASP B 193 7.51 -31.59 7.49
C ASP B 193 6.63 -32.12 6.35
N LYS B 194 5.78 -31.25 5.83
CA LYS B 194 4.91 -31.62 4.74
C LYS B 194 5.74 -32.08 3.53
N PHE B 195 6.83 -31.37 3.26
CA PHE B 195 7.70 -31.71 2.15
C PHE B 195 8.40 -33.05 2.35
N VAL B 196 8.95 -33.25 3.54
CA VAL B 196 9.65 -34.49 3.85
C VAL B 196 8.67 -35.66 3.78
N ALA B 197 7.45 -35.43 4.26
CA ALA B 197 6.43 -36.48 4.22
C ALA B 197 6.14 -36.90 2.78
N GLU B 198 6.23 -35.95 1.85
CA GLU B 198 6.00 -36.24 0.44
C GLU B 198 7.26 -36.77 -0.21
N GLY B 199 8.27 -37.03 0.59
CA GLY B 199 9.52 -37.56 0.06
C GLY B 199 10.43 -36.52 -0.58
N LYS B 200 10.11 -35.24 -0.42
CA LYS B 200 10.94 -34.17 -0.99
C LYS B 200 12.03 -33.80 0.00
N THR B 201 13.27 -34.19 -0.32
CA THR B 201 14.38 -33.95 0.58
C THR B 201 15.59 -33.16 0.07
N ALA B 202 15.58 -32.80 -1.22
CA ALA B 202 16.69 -32.03 -1.79
C ALA B 202 16.81 -30.64 -1.13
N PRO B 203 17.99 -30.00 -1.27
CA PRO B 203 18.23 -28.68 -0.68
C PRO B 203 17.21 -27.61 -1.05
N ILE B 204 16.70 -27.67 -2.28
CA ILE B 204 15.73 -26.69 -2.75
C ILE B 204 14.57 -26.52 -1.79
N TYR B 205 14.17 -27.62 -1.16
CA TYR B 205 13.06 -27.58 -0.23
C TYR B 205 13.34 -26.79 1.03
N HIS B 206 14.61 -26.43 1.23
CA HIS B 206 14.95 -25.62 2.38
C HIS B 206 14.32 -24.26 2.10
N ALA B 207 14.42 -23.82 0.85
CA ALA B 207 13.88 -22.54 0.45
C ALA B 207 12.35 -22.58 0.35
N LEU B 208 11.83 -23.55 -0.38
CA LEU B 208 10.40 -23.67 -0.56
C LEU B 208 9.66 -23.86 0.77
N SER B 209 10.32 -24.47 1.74
CA SER B 209 9.70 -24.70 3.04
C SER B 209 9.57 -23.43 3.86
N ARG B 210 10.23 -22.37 3.42
CA ARG B 210 10.16 -21.09 4.11
C ARG B 210 10.19 -19.93 3.14
N PRO B 211 9.10 -19.79 2.37
CA PRO B 211 8.92 -18.74 1.36
C PRO B 211 8.76 -17.36 1.98
N PRO B 212 8.89 -16.30 1.16
CA PRO B 212 8.78 -14.91 1.59
C PRO B 212 7.69 -14.60 2.62
N ARG B 213 6.53 -15.23 2.49
CA ARG B 213 5.44 -14.96 3.43
C ARG B 213 5.84 -15.27 4.86
N VAL B 214 6.59 -16.37 5.03
CA VAL B 214 7.06 -16.80 6.34
C VAL B 214 7.89 -15.67 6.98
N GLU B 215 8.75 -15.06 6.17
CA GLU B 215 9.58 -13.96 6.65
C GLU B 215 8.73 -12.70 6.87
N ALA B 216 7.95 -12.34 5.86
CA ALA B 216 7.12 -11.14 5.91
C ALA B 216 6.25 -11.07 7.17
N GLU B 217 5.47 -12.12 7.40
CA GLU B 217 4.58 -12.16 8.57
C GLU B 217 5.34 -11.88 9.86
N ALA B 218 6.37 -12.67 10.13
CA ALA B 218 7.18 -12.51 11.34
C ALA B 218 7.70 -11.09 11.44
N THR B 219 8.22 -10.58 10.33
CA THR B 219 8.74 -9.22 10.32
C THR B 219 7.65 -8.25 10.79
N ALA B 220 6.47 -8.34 10.18
CA ALA B 220 5.38 -7.45 10.54
C ALA B 220 5.02 -7.57 12.02
N ARG B 221 4.93 -8.81 12.51
CA ARG B 221 4.58 -9.06 13.90
C ARG B 221 5.60 -8.41 14.85
N ALA B 222 6.88 -8.65 14.60
CA ALA B 222 7.91 -8.07 15.44
C ALA B 222 7.74 -6.55 15.46
N LEU B 223 7.62 -5.94 14.28
CA LEU B 223 7.48 -4.50 14.20
C LEU B 223 6.22 -4.02 14.92
N ALA B 224 5.15 -4.80 14.85
CA ALA B 224 3.91 -4.47 15.52
C ALA B 224 4.12 -4.46 17.04
N LEU B 225 4.82 -5.50 17.51
CA LEU B 225 5.12 -5.61 18.94
C LEU B 225 5.99 -4.45 19.38
N ALA B 226 6.96 -4.08 18.54
CA ALA B 226 7.83 -2.95 18.85
C ALA B 226 6.96 -1.69 18.96
N GLU B 227 5.99 -1.57 18.07
CA GLU B 227 5.08 -0.43 18.08
C GLU B 227 4.30 -0.36 19.39
N ILE B 228 3.79 -1.52 19.84
CA ILE B 228 3.02 -1.62 21.08
C ILE B 228 3.84 -1.22 22.29
N VAL B 229 5.04 -1.77 22.40
CA VAL B 229 5.92 -1.44 23.51
C VAL B 229 6.45 -0.03 23.31
N ASN B 230 6.40 0.44 22.06
CA ASN B 230 6.90 1.76 21.71
C ASN B 230 8.41 1.75 21.91
N ALA B 231 9.06 0.82 21.22
CA ALA B 231 10.49 0.66 21.34
C ALA B 231 11.15 0.52 19.99
N PRO B 232 12.45 0.84 19.91
CA PRO B 232 13.17 0.72 18.64
C PRO B 232 13.47 -0.77 18.45
N ILE B 233 13.48 -1.21 17.20
CA ILE B 233 13.76 -2.61 16.90
C ILE B 233 14.62 -2.68 15.64
N TYR B 234 15.41 -3.74 15.53
CA TYR B 234 16.30 -3.91 14.40
C TYR B 234 16.06 -5.26 13.75
N ILE B 235 15.59 -5.26 12.50
CA ILE B 235 15.33 -6.50 11.81
C ILE B 235 16.57 -6.95 11.06
N VAL B 236 17.14 -8.08 11.47
CA VAL B 236 18.33 -8.61 10.82
C VAL B 236 17.95 -9.28 9.50
N HIS B 237 18.91 -9.36 8.61
CA HIS B 237 18.74 -9.94 7.28
C HIS B 237 17.37 -9.86 6.61
N VAL B 238 16.99 -8.66 6.16
CA VAL B 238 15.74 -8.47 5.41
C VAL B 238 16.19 -8.99 4.05
N THR B 239 15.49 -9.98 3.52
CA THR B 239 15.91 -10.60 2.27
C THR B 239 15.04 -10.49 1.02
N CYS B 240 13.82 -9.98 1.15
CA CYS B 240 12.96 -9.93 -0.03
C CYS B 240 12.01 -8.75 -0.04
N GLU B 241 11.37 -8.56 -1.17
CA GLU B 241 10.43 -7.46 -1.36
C GLU B 241 9.28 -7.43 -0.34
N GLU B 242 8.69 -8.59 -0.08
CA GLU B 242 7.56 -8.63 0.87
C GLU B 242 7.92 -8.28 2.31
N SER B 243 9.04 -8.77 2.82
CA SER B 243 9.41 -8.43 4.19
C SER B 243 9.87 -6.98 4.27
N LEU B 244 10.58 -6.52 3.24
CA LEU B 244 11.05 -5.14 3.22
C LEU B 244 9.84 -4.23 3.29
N GLU B 245 8.79 -4.59 2.56
CA GLU B 245 7.59 -3.80 2.55
C GLU B 245 7.01 -3.58 3.94
N GLU B 246 7.05 -4.61 4.77
CA GLU B 246 6.54 -4.49 6.13
C GLU B 246 7.39 -3.51 6.94
N VAL B 247 8.71 -3.56 6.73
CA VAL B 247 9.61 -2.67 7.43
C VAL B 247 9.22 -1.25 7.05
N MET B 248 9.04 -1.07 5.75
CA MET B 248 8.66 0.23 5.22
C MET B 248 7.33 0.72 5.80
N ARG B 249 6.34 -0.17 5.88
CA ARG B 249 5.04 0.22 6.43
C ARG B 249 5.20 0.64 7.89
N ALA B 250 6.02 -0.10 8.62
CA ALA B 250 6.27 0.20 10.03
C ALA B 250 6.90 1.60 10.13
N LYS B 251 7.92 1.87 9.32
CA LYS B 251 8.58 3.17 9.35
C LYS B 251 7.60 4.31 9.13
N SER B 252 6.65 4.13 8.20
CA SER B 252 5.67 5.17 7.94
C SER B 252 4.72 5.42 9.11
N ARG B 253 4.43 4.38 9.88
CA ARG B 253 3.54 4.52 11.03
C ARG B 253 4.26 5.23 12.17
N GLY B 254 5.57 5.44 12.03
CA GLY B 254 6.31 6.10 13.09
C GLY B 254 7.08 5.13 13.99
N VAL B 255 7.05 3.85 13.64
CA VAL B 255 7.77 2.88 14.44
C VAL B 255 9.26 3.07 14.20
N ARG B 256 10.04 3.11 15.28
CA ARG B 256 11.48 3.27 15.11
C ARG B 256 12.01 1.91 14.68
N ALA B 257 11.73 1.57 13.43
CA ALA B 257 12.16 0.30 12.88
C ALA B 257 13.42 0.46 12.06
N LEU B 258 14.39 -0.41 12.30
CA LEU B 258 15.65 -0.38 11.57
C LEU B 258 15.78 -1.74 10.93
N ALA B 259 16.55 -1.83 9.86
CA ALA B 259 16.75 -3.11 9.20
C ALA B 259 18.08 -3.12 8.47
N GLU B 260 18.48 -4.31 8.04
CA GLU B 260 19.75 -4.51 7.32
C GLU B 260 19.56 -5.63 6.31
N THR B 261 20.61 -5.88 5.52
CA THR B 261 20.59 -6.99 4.57
C THR B 261 21.97 -7.61 4.66
N CYS B 262 22.19 -8.68 3.92
CA CYS B 262 23.46 -9.34 3.95
C CYS B 262 23.93 -9.64 2.55
N THR B 263 25.23 -9.45 2.34
CA THR B 263 25.86 -9.66 1.06
C THR B 263 25.20 -10.67 0.13
N HIS B 264 25.06 -11.91 0.59
CA HIS B 264 24.49 -12.96 -0.25
C HIS B 264 23.06 -12.73 -0.73
N TYR B 265 22.31 -11.87 -0.05
CA TYR B 265 20.96 -11.57 -0.47
C TYR B 265 20.93 -10.58 -1.63
N LEU B 266 22.11 -10.14 -2.07
CA LEU B 266 22.24 -9.22 -3.18
C LEU B 266 22.86 -9.96 -4.37
N TYR B 267 23.17 -11.23 -4.18
CA TYR B 267 23.82 -11.99 -5.23
C TYR B 267 23.33 -13.40 -5.48
N LEU B 268 22.84 -14.07 -4.45
CA LEU B 268 22.39 -15.44 -4.61
C LEU B 268 20.88 -15.59 -4.75
N THR B 269 20.46 -16.68 -5.37
CA THR B 269 19.03 -16.94 -5.57
C THR B 269 18.72 -18.37 -5.22
N LYS B 270 17.44 -18.65 -4.95
CA LYS B 270 17.04 -19.99 -4.58
C LYS B 270 17.45 -21.02 -5.63
N GLU B 271 17.64 -20.57 -6.86
CA GLU B 271 18.06 -21.50 -7.91
C GLU B 271 19.43 -22.06 -7.59
N ASP B 272 20.21 -21.35 -6.78
CA ASP B 272 21.54 -21.81 -6.41
C ASP B 272 21.45 -23.10 -5.58
N LEU B 273 20.33 -23.30 -4.89
CA LEU B 273 20.13 -24.50 -4.09
C LEU B 273 19.85 -25.71 -4.99
N GLU B 274 19.78 -25.45 -6.28
CA GLU B 274 19.51 -26.52 -7.24
C GLU B 274 20.76 -26.95 -7.96
N ARG B 275 21.88 -26.30 -7.66
CA ARG B 275 23.14 -26.67 -8.28
C ARG B 275 23.27 -28.17 -8.02
N PRO B 276 23.70 -28.92 -9.04
CA PRO B 276 23.88 -30.37 -8.98
C PRO B 276 24.90 -30.92 -7.99
N ASP B 277 24.75 -32.21 -7.68
CA ASP B 277 25.64 -32.93 -6.79
C ASP B 277 25.76 -32.38 -5.38
N PHE B 278 24.61 -32.02 -4.81
CA PHE B 278 24.56 -31.51 -3.45
C PHE B 278 25.30 -30.19 -3.26
N GLU B 279 25.71 -29.55 -4.36
CA GLU B 279 26.40 -28.26 -4.25
C GLU B 279 25.45 -27.24 -3.64
N GLY B 280 24.17 -27.36 -3.99
CA GLY B 280 23.17 -26.45 -3.46
C GLY B 280 23.18 -26.36 -1.95
N ALA B 281 23.70 -27.41 -1.30
CA ALA B 281 23.77 -27.43 0.16
C ALA B 281 24.58 -26.26 0.67
N LYS B 282 25.57 -25.83 -0.10
CA LYS B 282 26.40 -24.70 0.29
C LYS B 282 25.58 -23.45 0.49
N TYR B 283 24.49 -23.33 -0.25
CA TYR B 283 23.63 -22.15 -0.20
C TYR B 283 22.45 -22.28 0.74
N VAL B 284 22.54 -23.25 1.63
CA VAL B 284 21.46 -23.43 2.59
C VAL B 284 21.70 -22.52 3.79
N PHE B 285 21.15 -21.31 3.70
CA PHE B 285 21.23 -20.34 4.79
C PHE B 285 19.83 -19.81 5.00
N THR B 286 19.62 -19.13 6.12
CA THR B 286 18.30 -18.63 6.46
C THR B 286 18.27 -17.14 6.82
N PRO B 287 17.25 -16.41 6.32
CA PRO B 287 16.18 -16.92 5.47
C PRO B 287 16.74 -17.43 4.14
N PRO B 288 15.92 -18.16 3.37
CA PRO B 288 16.37 -18.70 2.08
C PRO B 288 16.73 -17.66 1.04
N ALA B 289 17.60 -18.06 0.10
CA ALA B 289 18.00 -17.18 -0.99
C ALA B 289 16.72 -16.90 -1.76
N ARG B 290 16.53 -15.66 -2.19
CA ARG B 290 15.33 -15.28 -2.92
C ARG B 290 15.48 -15.27 -4.44
N ALA B 291 15.01 -14.21 -5.09
CA ALA B 291 15.10 -14.12 -6.55
C ALA B 291 15.81 -12.84 -6.97
N LYS B 292 16.19 -12.76 -8.25
CA LYS B 292 16.87 -11.58 -8.76
C LYS B 292 16.07 -10.30 -8.58
N LYS B 293 14.75 -10.38 -8.69
CA LYS B 293 13.95 -9.18 -8.52
C LYS B 293 14.12 -8.64 -7.10
N ASP B 294 14.44 -9.54 -6.18
CA ASP B 294 14.64 -9.12 -4.80
C ASP B 294 16.00 -8.40 -4.71
N HIS B 295 16.94 -8.80 -5.57
CA HIS B 295 18.25 -8.16 -5.58
C HIS B 295 18.06 -6.69 -5.97
N ASP B 296 17.25 -6.44 -6.98
CA ASP B 296 17.01 -5.06 -7.43
C ASP B 296 16.32 -4.29 -6.33
N VAL B 297 15.30 -4.90 -5.73
CA VAL B 297 14.57 -4.27 -4.67
C VAL B 297 15.52 -3.82 -3.56
N LEU B 298 16.38 -4.74 -3.11
CA LEU B 298 17.33 -4.47 -2.05
C LEU B 298 18.36 -3.40 -2.43
N TRP B 299 18.96 -3.53 -3.60
CA TRP B 299 19.93 -2.54 -4.05
C TRP B 299 19.26 -1.16 -4.12
N ASN B 300 18.02 -1.09 -4.62
CA ASN B 300 17.33 0.19 -4.70
C ASN B 300 17.13 0.73 -3.31
N ALA B 301 16.76 -0.14 -2.39
CA ALA B 301 16.54 0.27 -1.01
C ALA B 301 17.84 0.81 -0.43
N LEU B 302 18.95 0.16 -0.78
CA LEU B 302 20.27 0.60 -0.31
C LEU B 302 20.53 2.01 -0.81
N ARG B 303 20.41 2.20 -2.13
CA ARG B 303 20.64 3.49 -2.77
C ARG B 303 19.75 4.58 -2.19
N ASN B 304 18.57 4.21 -1.71
CA ASN B 304 17.67 5.18 -1.13
C ASN B 304 17.90 5.38 0.36
N GLY B 305 18.91 4.68 0.89
CA GLY B 305 19.26 4.81 2.30
C GLY B 305 18.33 4.15 3.31
N VAL B 306 17.62 3.12 2.90
CA VAL B 306 16.70 2.43 3.77
C VAL B 306 17.38 1.63 4.87
N PHE B 307 18.33 0.78 4.48
CA PHE B 307 19.06 -0.08 5.42
C PHE B 307 20.19 0.58 6.21
N GLU B 308 20.45 0.06 7.40
CA GLU B 308 21.50 0.58 8.25
C GLU B 308 22.87 0.04 7.86
N THR B 309 22.89 -1.09 7.14
CA THR B 309 24.16 -1.68 6.77
C THR B 309 23.97 -2.94 5.94
N VAL B 310 25.07 -3.50 5.47
CA VAL B 310 25.05 -4.75 4.73
C VAL B 310 26.04 -5.61 5.51
N SER B 311 25.53 -6.47 6.39
CA SER B 311 26.39 -7.34 7.20
C SER B 311 26.52 -8.67 6.49
N SER B 312 27.23 -9.62 7.09
CA SER B 312 27.46 -10.92 6.46
C SER B 312 26.71 -12.14 7.00
N ASP B 313 26.41 -12.17 8.29
CA ASP B 313 25.75 -13.34 8.89
C ASP B 313 26.68 -14.53 8.62
N HIS B 314 27.96 -14.30 8.87
CA HIS B 314 29.02 -15.29 8.67
C HIS B 314 28.89 -16.55 9.52
N CYS B 315 28.88 -17.69 8.85
CA CYS B 315 28.80 -18.99 9.49
C CYS B 315 29.85 -19.89 8.83
N SER B 316 30.19 -20.99 9.50
CA SER B 316 31.20 -21.88 8.96
C SER B 316 30.84 -23.35 9.11
N TRP B 317 30.09 -23.88 8.17
CA TRP B 317 29.71 -25.29 8.19
C TRP B 317 30.36 -25.94 6.97
N LEU B 318 31.44 -26.68 7.22
CA LEU B 318 32.15 -27.36 6.16
C LEU B 318 31.19 -28.02 5.20
N PHE B 319 31.45 -27.84 3.90
CA PHE B 319 30.60 -28.46 2.91
C PHE B 319 30.68 -29.96 3.10
N LYS B 320 31.89 -30.44 3.37
CA LYS B 320 32.10 -31.87 3.58
C LYS B 320 31.77 -32.28 5.01
N GLY B 321 32.52 -31.78 5.97
CA GLY B 321 32.24 -32.15 7.34
C GLY B 321 30.83 -31.92 7.88
N HIS B 322 30.26 -30.74 7.65
CA HIS B 322 28.94 -30.40 8.20
C HIS B 322 27.69 -30.45 7.30
N LYS B 323 27.76 -29.82 6.13
CA LYS B 323 26.61 -29.82 5.21
C LYS B 323 26.19 -31.25 4.89
N ASP B 324 27.18 -32.15 4.90
CA ASP B 324 26.98 -33.56 4.61
C ASP B 324 25.83 -34.23 5.35
N ARG B 325 25.67 -33.95 6.63
CA ARG B 325 24.59 -34.57 7.37
C ARG B 325 23.26 -33.97 6.91
N GLY B 326 22.93 -34.22 5.64
CA GLY B 326 21.69 -33.71 5.09
C GLY B 326 21.55 -34.08 3.63
N ARG B 327 22.43 -34.96 3.13
CA ARG B 327 22.38 -35.37 1.74
C ARG B 327 21.10 -36.14 1.47
N ASN B 328 20.34 -36.42 2.53
CA ASN B 328 19.09 -37.15 2.40
C ASN B 328 17.95 -36.47 3.13
N ASP B 329 18.20 -35.29 3.65
CA ASP B 329 17.18 -34.54 4.38
C ASP B 329 17.65 -33.10 4.59
N PHE B 330 17.19 -32.21 3.72
CA PHE B 330 17.56 -30.80 3.78
C PHE B 330 17.41 -30.22 5.19
N ARG B 331 16.51 -30.78 5.98
CA ARG B 331 16.30 -30.29 7.34
C ARG B 331 17.51 -30.49 8.24
N ALA B 332 18.27 -31.54 7.98
CA ALA B 332 19.45 -31.84 8.79
C ALA B 332 20.66 -31.00 8.41
N ILE B 333 20.59 -30.32 7.27
CA ILE B 333 21.69 -29.46 6.82
C ILE B 333 21.84 -28.23 7.71
N PRO B 334 22.98 -28.11 8.40
CA PRO B 334 23.15 -26.93 9.28
C PRO B 334 23.08 -25.64 8.44
N ASN B 335 22.22 -24.73 8.87
CA ASN B 335 22.01 -23.47 8.17
C ASN B 335 23.14 -22.47 8.33
N GLY B 336 23.49 -21.80 7.23
CA GLY B 336 24.54 -20.80 7.29
C GLY B 336 25.57 -20.90 6.20
N ALA B 337 26.14 -19.74 5.84
CA ALA B 337 27.18 -19.66 4.81
C ALA B 337 28.23 -18.63 5.23
N PRO B 338 29.48 -18.81 4.77
CA PRO B 338 30.57 -17.90 5.10
C PRO B 338 30.60 -16.63 4.23
N GLY B 339 31.22 -15.58 4.74
CA GLY B 339 31.32 -14.35 3.98
C GLY B 339 31.94 -13.15 4.68
N VAL B 340 32.41 -13.31 5.91
CA VAL B 340 32.99 -12.17 6.63
C VAL B 340 34.14 -11.53 5.87
N GLU B 341 34.88 -12.33 5.11
CA GLU B 341 36.02 -11.81 4.36
C GLU B 341 35.63 -11.13 3.05
N GLU B 342 34.69 -11.74 2.32
CA GLU B 342 34.27 -11.22 1.04
C GLU B 342 33.32 -10.01 1.10
N ARG B 343 32.70 -9.79 2.26
CA ARG B 343 31.74 -8.70 2.40
C ARG B 343 32.06 -7.39 1.68
N LEU B 344 33.14 -6.72 2.06
CA LEU B 344 33.48 -5.45 1.42
C LEU B 344 33.65 -5.52 -0.09
N MET B 345 34.47 -6.44 -0.58
CA MET B 345 34.67 -6.55 -2.01
C MET B 345 33.35 -6.71 -2.75
N MET B 346 32.51 -7.61 -2.26
CA MET B 346 31.21 -7.86 -2.87
C MET B 346 30.30 -6.62 -2.87
N VAL B 347 30.21 -5.95 -1.74
CA VAL B 347 29.38 -4.76 -1.65
C VAL B 347 29.96 -3.67 -2.54
N TYR B 348 31.29 -3.60 -2.58
CA TYR B 348 32.00 -2.60 -3.38
C TYR B 348 31.68 -2.73 -4.87
N GLN B 349 31.42 -3.95 -5.33
CA GLN B 349 31.12 -4.13 -6.74
C GLN B 349 29.88 -3.32 -7.10
N GLY B 350 29.08 -3.00 -6.11
CA GLY B 350 27.87 -2.23 -6.34
C GLY B 350 28.19 -0.80 -6.74
N VAL B 351 29.34 -0.30 -6.30
CA VAL B 351 29.70 1.07 -6.65
C VAL B 351 30.22 1.01 -8.08
N ASN B 352 30.82 -0.12 -8.45
CA ASN B 352 31.33 -0.28 -9.80
C ASN B 352 30.19 -0.27 -10.82
N GLU B 353 29.03 -0.79 -10.43
CA GLU B 353 27.91 -0.86 -11.33
C GLU B 353 26.86 0.21 -11.15
N GLY B 354 27.24 1.30 -10.49
CA GLY B 354 26.32 2.39 -10.28
C GLY B 354 25.13 2.08 -9.37
N ARG B 355 25.07 0.85 -8.87
CA ARG B 355 23.99 0.44 -7.99
C ARG B 355 24.01 1.31 -6.73
N ILE B 356 25.22 1.60 -6.24
CA ILE B 356 25.39 2.38 -5.03
C ILE B 356 26.58 3.32 -5.24
N SER B 357 26.61 4.46 -4.53
CA SER B 357 27.73 5.40 -4.72
C SER B 357 28.97 5.00 -3.92
N LEU B 358 30.11 5.61 -4.26
CA LEU B 358 31.36 5.32 -3.58
C LEU B 358 31.25 5.73 -2.11
N THR B 359 30.60 6.86 -1.90
CA THR B 359 30.42 7.40 -0.58
C THR B 359 29.42 6.58 0.26
N GLN B 360 28.41 5.99 -0.39
CA GLN B 360 27.43 5.17 0.31
C GLN B 360 28.08 3.85 0.73
N PHE B 361 29.03 3.38 -0.08
CA PHE B 361 29.74 2.14 0.22
C PHE B 361 30.27 2.22 1.65
N VAL B 362 30.98 3.29 1.96
CA VAL B 362 31.54 3.49 3.29
C VAL B 362 30.44 3.61 4.35
N GLU B 363 29.39 4.35 4.03
CA GLU B 363 28.28 4.51 4.97
C GLU B 363 27.74 3.15 5.40
N LEU B 364 27.42 2.31 4.41
CA LEU B 364 26.86 0.99 4.66
C LEU B 364 27.81 -0.02 5.24
N VAL B 365 29.01 -0.04 4.69
CA VAL B 365 30.05 -0.97 5.09
C VAL B 365 30.71 -0.69 6.44
N ALA B 366 30.62 0.55 6.92
CA ALA B 366 31.25 0.88 8.19
C ALA B 366 30.68 2.01 9.04
N THR B 367 30.48 3.19 8.47
CA THR B 367 30.00 4.32 9.25
C THR B 367 28.60 4.22 9.84
N ARG B 368 27.62 3.78 9.06
CA ARG B 368 26.27 3.70 9.59
C ARG B 368 26.13 2.65 10.70
N PRO B 369 26.73 1.45 10.52
CA PRO B 369 26.65 0.38 11.53
C PRO B 369 27.23 0.86 12.85
N ALA B 370 28.40 1.49 12.76
CA ALA B 370 29.09 2.04 13.92
C ALA B 370 28.17 2.99 14.66
N LYS B 371 27.47 3.83 13.92
CA LYS B 371 26.55 4.78 14.54
C LYS B 371 25.45 4.07 15.30
N VAL B 372 24.74 3.18 14.61
CA VAL B 372 23.65 2.45 15.23
C VAL B 372 24.04 1.68 16.48
N PHE B 373 25.09 0.87 16.38
CA PHE B 373 25.53 0.06 17.51
C PHE B 373 26.50 0.68 18.53
N GLY B 374 26.41 2.00 18.67
CA GLY B 374 27.21 2.76 19.63
C GLY B 374 28.72 2.64 19.66
N MET B 375 29.37 2.80 18.51
CA MET B 375 30.82 2.71 18.43
C MET B 375 31.36 3.93 17.67
N PHE B 376 30.47 4.87 17.38
CA PHE B 376 30.81 6.08 16.64
C PHE B 376 30.99 7.23 17.61
N PRO B 377 31.99 8.11 17.37
CA PRO B 377 32.94 8.08 16.27
C PRO B 377 34.28 7.38 16.49
N GLN B 378 34.44 6.68 17.62
CA GLN B 378 35.68 5.96 17.90
C GLN B 378 35.97 5.05 16.70
N LYS B 379 34.92 4.40 16.22
CA LYS B 379 35.02 3.51 15.07
C LYS B 379 34.10 4.07 14.00
N GLY B 380 34.24 3.59 12.76
CA GLY B 380 33.36 4.07 11.70
C GLY B 380 33.91 4.89 10.55
N THR B 381 34.52 6.02 10.84
CA THR B 381 35.05 6.86 9.78
C THR B 381 36.55 7.07 9.87
N ILE B 382 36.98 8.17 9.29
CA ILE B 382 38.37 8.58 9.29
C ILE B 382 38.38 10.06 9.60
N ALA B 383 38.56 10.37 10.87
CA ALA B 383 38.58 11.74 11.34
C ALA B 383 39.59 11.84 12.48
N VAL B 384 39.91 13.06 12.90
CA VAL B 384 40.87 13.22 13.97
C VAL B 384 40.21 12.73 15.24
N GLY B 385 40.83 11.72 15.86
CA GLY B 385 40.29 11.17 17.08
C GLY B 385 39.83 9.74 16.88
N SER B 386 39.67 9.34 15.62
CA SER B 386 39.22 8.00 15.29
C SER B 386 40.32 7.00 15.59
N ASP B 387 39.93 5.76 15.89
CA ASP B 387 40.93 4.74 16.09
C ASP B 387 41.49 4.64 14.68
N ALA B 388 42.75 4.31 14.53
CA ALA B 388 43.31 4.22 13.19
C ALA B 388 42.99 2.87 12.55
N ASP B 389 41.70 2.61 12.37
CA ASP B 389 41.24 1.37 11.74
C ASP B 389 41.09 1.79 10.26
N ILE B 390 42.00 1.31 9.43
CA ILE B 390 42.01 1.72 8.04
C ILE B 390 42.19 0.61 7.01
N VAL B 391 41.64 0.84 5.82
CA VAL B 391 41.76 -0.11 4.72
C VAL B 391 42.23 0.66 3.52
N LEU B 392 43.33 0.20 2.91
CA LEU B 392 43.87 0.84 1.73
C LEU B 392 43.36 0.02 0.54
N TRP B 393 42.40 0.60 -0.18
CA TRP B 393 41.74 -0.05 -1.30
C TRP B 393 42.31 0.29 -2.67
N ASP B 394 42.48 -0.74 -3.49
CA ASP B 394 43.00 -0.57 -4.85
C ASP B 394 41.78 -0.74 -5.75
N PRO B 395 41.17 0.38 -6.19
CA PRO B 395 39.99 0.32 -7.06
C PRO B 395 40.17 -0.35 -8.42
N GLU B 396 41.41 -0.44 -8.91
CA GLU B 396 41.65 -1.04 -10.21
C GLU B 396 42.00 -2.51 -10.17
N ALA B 397 42.46 -2.99 -9.01
CA ALA B 397 42.83 -4.38 -8.87
C ALA B 397 41.68 -5.34 -9.22
N GLU B 398 41.95 -6.26 -10.13
CA GLU B 398 40.96 -7.25 -10.54
C GLU B 398 41.37 -8.61 -10.00
N MET B 399 40.39 -9.44 -9.66
CA MET B 399 40.68 -10.74 -9.10
C MET B 399 39.46 -11.65 -9.07
N VAL B 400 39.71 -12.94 -9.08
CA VAL B 400 38.62 -13.92 -9.01
C VAL B 400 38.62 -14.47 -7.60
N ILE B 401 37.46 -14.45 -6.96
CA ILE B 401 37.39 -14.97 -5.60
C ILE B 401 37.44 -16.49 -5.59
N GLU B 402 38.49 -17.02 -4.95
CA GLU B 402 38.68 -18.46 -4.84
C GLU B 402 38.96 -18.76 -3.38
N GLN B 403 38.29 -19.79 -2.86
CA GLN B 403 38.46 -20.19 -1.47
C GLN B 403 39.92 -20.49 -1.15
N THR B 404 40.65 -20.98 -2.15
CA THR B 404 42.06 -21.32 -1.96
C THR B 404 42.87 -20.08 -1.62
N ALA B 405 42.32 -18.91 -1.93
CA ALA B 405 43.00 -17.65 -1.66
C ALA B 405 42.41 -16.93 -0.45
N MET B 406 41.34 -17.46 0.11
CA MET B 406 40.73 -16.84 1.28
C MET B 406 41.55 -17.18 2.52
N HIS B 407 41.22 -16.57 3.66
CA HIS B 407 42.01 -16.81 4.86
C HIS B 407 41.34 -17.38 6.11
N ASN B 408 40.24 -18.13 5.93
CA ASN B 408 39.56 -18.71 7.08
C ASN B 408 39.72 -20.24 7.05
N ALA B 409 38.97 -20.94 7.89
CA ALA B 409 39.07 -22.40 7.95
C ALA B 409 38.01 -23.19 7.17
N MET B 410 37.29 -22.53 6.27
CA MET B 410 36.25 -23.18 5.48
C MET B 410 36.73 -23.92 4.24
N ASP B 411 35.91 -24.84 3.74
CA ASP B 411 36.27 -25.61 2.55
C ASP B 411 35.62 -25.09 1.27
N TYR B 412 35.00 -23.92 1.35
CA TYR B 412 34.39 -23.30 0.18
C TYR B 412 34.01 -21.84 0.44
N SER B 413 33.74 -21.12 -0.64
CA SER B 413 33.34 -19.71 -0.57
C SER B 413 31.97 -19.56 -1.22
N SER B 414 31.14 -18.70 -0.65
CA SER B 414 29.80 -18.47 -1.18
C SER B 414 29.89 -17.70 -2.50
N TYR B 415 31.05 -17.10 -2.73
CA TYR B 415 31.28 -16.29 -3.91
C TYR B 415 32.40 -16.86 -4.78
N GLU B 416 32.54 -18.19 -4.74
CA GLU B 416 33.55 -18.86 -5.53
C GLU B 416 33.30 -18.58 -7.01
N GLY B 417 34.34 -18.09 -7.69
CA GLY B 417 34.21 -17.80 -9.11
C GLY B 417 33.89 -16.37 -9.48
N HIS B 418 33.43 -15.55 -8.54
CA HIS B 418 33.10 -14.16 -8.85
C HIS B 418 34.31 -13.30 -9.18
N LYS B 419 34.23 -12.57 -10.28
CA LYS B 419 35.31 -11.68 -10.68
C LYS B 419 35.00 -10.34 -10.05
N VAL B 420 35.98 -9.77 -9.38
CA VAL B 420 35.78 -8.48 -8.71
C VAL B 420 36.81 -7.45 -9.12
N LYS B 421 36.44 -6.18 -8.97
CA LYS B 421 37.33 -5.07 -9.29
C LYS B 421 37.33 -4.21 -8.03
N GLY B 422 38.48 -4.12 -7.39
CA GLY B 422 38.57 -3.35 -6.15
C GLY B 422 38.85 -4.32 -5.03
N VAL B 423 40.10 -4.35 -4.56
CA VAL B 423 40.52 -5.27 -3.52
C VAL B 423 41.21 -4.60 -2.33
N PRO B 424 41.01 -5.13 -1.11
CA PRO B 424 41.64 -4.56 0.09
C PRO B 424 43.12 -4.94 -0.01
N LYS B 425 44.02 -3.99 0.24
CA LYS B 425 45.44 -4.30 0.13
C LYS B 425 46.19 -4.38 1.45
N THR B 426 46.13 -3.32 2.25
CA THR B 426 46.79 -3.35 3.54
C THR B 426 45.80 -2.78 4.54
N VAL B 427 45.76 -3.40 5.73
CA VAL B 427 44.84 -3.00 6.78
C VAL B 427 45.52 -2.62 8.09
N LEU B 428 44.99 -1.58 8.74
CA LEU B 428 45.51 -1.11 10.01
C LEU B 428 44.44 -1.17 11.09
N LEU B 429 44.82 -1.68 12.26
CA LEU B 429 43.91 -1.79 13.39
C LEU B 429 44.48 -0.90 14.47
N ARG B 430 43.78 0.19 14.77
CA ARG B 430 44.26 1.11 15.79
C ARG B 430 45.75 1.42 15.60
N GLY B 431 46.12 1.76 14.36
CA GLY B 431 47.51 2.12 14.10
C GLY B 431 48.44 1.02 13.67
N LYS B 432 48.18 -0.21 14.08
CA LYS B 432 49.06 -1.31 13.71
C LYS B 432 48.70 -1.89 12.35
N VAL B 433 49.71 -2.14 11.52
CA VAL B 433 49.48 -2.73 10.22
C VAL B 433 49.29 -4.22 10.48
N ILE B 434 48.10 -4.74 10.19
CA ILE B 434 47.85 -6.17 10.42
C ILE B 434 47.75 -6.95 9.13
N VAL B 435 47.58 -6.24 8.02
CA VAL B 435 47.55 -6.89 6.71
C VAL B 435 48.42 -5.97 5.86
N ASP B 436 49.46 -6.53 5.25
CA ASP B 436 50.37 -5.76 4.42
C ASP B 436 50.34 -6.32 3.01
N GLU B 437 49.96 -5.49 2.05
CA GLU B 437 49.88 -5.91 0.66
C GLU B 437 49.32 -7.32 0.46
N GLY B 438 48.27 -7.66 1.22
CA GLY B 438 47.65 -8.96 1.07
C GLY B 438 48.06 -10.07 2.02
N SER B 439 49.09 -9.83 2.83
CA SER B 439 49.54 -10.86 3.78
C SER B 439 49.21 -10.52 5.22
N TYR B 440 48.56 -11.44 5.91
CA TYR B 440 48.23 -11.20 7.30
C TYR B 440 49.56 -11.12 8.07
N VAL B 441 49.75 -10.04 8.81
CA VAL B 441 50.98 -9.88 9.57
C VAL B 441 50.70 -9.40 10.99
N GLY B 442 49.54 -9.76 11.52
CA GLY B 442 49.17 -9.35 12.86
C GLY B 442 49.33 -10.47 13.87
N GLU B 443 48.83 -10.22 15.08
CA GLU B 443 48.90 -11.18 16.18
C GLU B 443 47.49 -11.42 16.72
N PRO B 444 47.15 -12.68 17.06
CA PRO B 444 45.82 -13.00 17.58
C PRO B 444 45.57 -12.27 18.89
N THR B 445 46.57 -11.54 19.34
CA THR B 445 46.48 -10.78 20.58
C THR B 445 46.15 -9.31 20.33
N ASP B 446 46.06 -8.92 19.05
CA ASP B 446 45.76 -7.53 18.69
C ASP B 446 44.34 -7.08 18.99
N GLY B 447 43.36 -7.93 18.67
CA GLY B 447 41.96 -7.59 18.88
C GLY B 447 41.53 -7.36 20.31
N LYS B 448 40.71 -6.32 20.52
CA LYS B 448 40.22 -6.02 21.85
C LYS B 448 38.71 -5.89 21.87
N PHE B 449 38.12 -6.18 23.02
CA PHE B 449 36.67 -6.08 23.19
C PHE B 449 36.25 -4.61 23.23
N LEU B 450 35.04 -4.32 22.76
CA LEU B 450 34.53 -2.96 22.74
C LEU B 450 33.27 -2.79 23.56
N LYS B 451 33.33 -1.95 24.58
CA LYS B 451 32.14 -1.69 25.38
C LYS B 451 31.36 -0.70 24.53
N ARG B 452 30.30 -1.20 23.89
CA ARG B 452 29.49 -0.35 23.02
C ARG B 452 28.51 0.51 23.82
N ARG B 453 28.16 1.65 23.24
CA ARG B 453 27.27 2.61 23.88
C ARG B 453 25.80 2.21 23.79
N LYS B 454 24.99 2.80 24.67
CA LYS B 454 23.56 2.51 24.75
C LYS B 454 22.70 3.08 23.62
N TYR B 455 21.48 3.42 24.02
CA TYR B 455 20.41 4.00 23.19
C TYR B 455 20.60 3.91 21.70
N LYS B 456 20.41 2.71 21.16
CA LYS B 456 20.53 2.50 19.73
C LYS B 456 19.20 2.76 19.07
N GLN B 457 19.23 3.15 17.80
CA GLN B 457 18.00 3.45 17.08
C GLN B 457 18.35 3.89 15.65
N MET C 1 -51.43 -16.70 -21.19
CA MET C 1 -49.95 -16.93 -21.05
C MET C 1 -49.33 -17.10 -22.44
N ASP C 2 -48.53 -16.12 -22.86
CA ASP C 2 -47.90 -16.18 -24.19
C ASP C 2 -46.87 -17.29 -24.28
N ILE C 3 -46.06 -17.43 -23.26
CA ILE C 3 -45.03 -18.46 -23.25
C ILE C 3 -44.80 -19.04 -21.85
N ILE C 4 -44.44 -20.32 -21.83
CA ILE C 4 -44.14 -21.01 -20.58
C ILE C 4 -42.82 -21.75 -20.77
N ILE C 5 -41.88 -21.53 -19.85
CA ILE C 5 -40.60 -22.23 -19.91
C ILE C 5 -40.62 -23.19 -18.73
N LYS C 6 -40.60 -24.47 -19.05
CA LYS C 6 -40.68 -25.53 -18.04
C LYS C 6 -39.45 -26.42 -17.95
N ASN C 7 -39.32 -27.09 -16.79
CA ASN C 7 -38.24 -28.04 -16.54
C ASN C 7 -36.83 -27.44 -16.50
N GLY C 8 -36.74 -26.13 -16.35
CA GLY C 8 -35.44 -25.52 -16.30
C GLY C 8 -35.07 -25.08 -14.91
N THR C 9 -33.81 -24.73 -14.74
CA THR C 9 -33.31 -24.27 -13.45
C THR C 9 -33.06 -22.77 -13.58
N ILE C 10 -33.91 -21.98 -12.92
CA ILE C 10 -33.79 -20.54 -12.95
C ILE C 10 -32.59 -20.11 -12.10
N VAL C 11 -31.61 -19.51 -12.76
CA VAL C 11 -30.42 -19.05 -12.07
C VAL C 11 -30.28 -17.54 -12.14
N THR C 12 -30.59 -16.87 -11.04
CA THR C 12 -30.44 -15.43 -10.97
C THR C 12 -29.19 -15.20 -10.12
N ALA C 13 -28.81 -13.95 -9.90
CA ALA C 13 -27.61 -13.67 -9.12
C ALA C 13 -27.79 -14.12 -7.68
N ASP C 14 -29.02 -14.11 -7.19
CA ASP C 14 -29.28 -14.54 -5.81
C ASP C 14 -30.38 -15.57 -5.66
N GLY C 15 -30.30 -16.61 -6.48
CA GLY C 15 -31.29 -17.66 -6.41
C GLY C 15 -31.03 -18.74 -7.43
N ILE C 16 -31.35 -19.98 -7.05
CA ILE C 16 -31.21 -21.13 -7.92
C ILE C 16 -32.42 -21.99 -7.60
N SER C 17 -33.37 -22.06 -8.51
CA SER C 17 -34.56 -22.87 -8.25
C SER C 17 -35.12 -23.54 -9.48
N ARG C 18 -35.49 -24.82 -9.32
CA ARG C 18 -36.10 -25.54 -10.43
C ARG C 18 -37.58 -25.20 -10.37
N ALA C 19 -38.01 -24.40 -11.33
CA ALA C 19 -39.40 -23.98 -11.39
C ALA C 19 -39.71 -23.62 -12.83
N ASP C 20 -40.99 -23.42 -13.10
CA ASP C 20 -41.43 -23.06 -14.43
C ASP C 20 -41.78 -21.59 -14.47
N LEU C 21 -41.65 -20.99 -15.65
CA LEU C 21 -41.92 -19.58 -15.88
C LEU C 21 -43.15 -19.30 -16.71
N GLY C 22 -43.80 -18.19 -16.41
CA GLY C 22 -44.97 -17.77 -17.16
C GLY C 22 -44.76 -16.37 -17.71
N ILE C 23 -44.65 -16.25 -19.03
CA ILE C 23 -44.44 -14.95 -19.67
C ILE C 23 -45.73 -14.43 -20.33
N LYS C 24 -46.06 -13.18 -20.05
CA LYS C 24 -47.27 -12.57 -20.60
C LYS C 24 -47.07 -11.09 -20.95
N ASP C 25 -47.14 -10.79 -22.24
CA ASP C 25 -46.98 -9.42 -22.72
C ASP C 25 -45.58 -8.88 -22.48
N GLY C 26 -44.59 -9.65 -22.91
CA GLY C 26 -43.21 -9.26 -22.77
C GLY C 26 -42.65 -9.28 -21.37
N LYS C 27 -43.45 -9.68 -20.39
CA LYS C 27 -42.98 -9.72 -19.01
C LYS C 27 -43.16 -11.08 -18.33
N ILE C 28 -42.38 -11.30 -17.28
CA ILE C 28 -42.49 -12.53 -16.51
C ILE C 28 -43.58 -12.25 -15.49
N THR C 29 -44.69 -12.96 -15.62
CA THR C 29 -45.83 -12.76 -14.74
C THR C 29 -45.99 -13.77 -13.60
N GLN C 30 -45.46 -14.98 -13.78
CA GLN C 30 -45.57 -16.00 -12.74
C GLN C 30 -44.44 -17.02 -12.75
N ILE C 31 -43.97 -17.37 -11.55
CA ILE C 31 -42.92 -18.36 -11.40
C ILE C 31 -43.41 -19.41 -10.41
N GLY C 32 -43.40 -20.68 -10.85
CA GLY C 32 -43.87 -21.76 -10.01
C GLY C 32 -45.38 -21.83 -9.93
N GLY C 33 -45.90 -22.96 -9.46
CA GLY C 33 -47.34 -23.12 -9.32
C GLY C 33 -48.01 -23.59 -10.61
N ALA C 34 -49.33 -23.40 -10.66
CA ALA C 34 -50.12 -23.79 -11.83
C ALA C 34 -50.08 -22.69 -12.87
N LEU C 35 -49.44 -22.96 -13.99
CA LEU C 35 -49.31 -21.96 -15.06
C LEU C 35 -50.48 -21.87 -16.03
N GLY C 36 -51.07 -23.00 -16.37
CA GLY C 36 -52.20 -22.98 -17.29
C GLY C 36 -51.79 -23.13 -18.74
N PRO C 37 -52.68 -22.76 -19.67
CA PRO C 37 -52.42 -22.85 -21.12
C PRO C 37 -51.48 -21.76 -21.61
N ALA C 38 -50.80 -22.03 -22.71
CA ALA C 38 -49.87 -21.07 -23.28
C ALA C 38 -49.64 -21.24 -24.76
N GLU C 39 -49.64 -20.13 -25.49
CA GLU C 39 -49.41 -20.14 -26.94
C GLU C 39 -48.28 -21.10 -27.26
N ARG C 40 -47.15 -20.92 -26.59
CA ARG C 40 -46.01 -21.78 -26.81
C ARG C 40 -45.41 -22.22 -25.49
N THR C 41 -44.79 -23.38 -25.50
CA THR C 41 -44.16 -23.91 -24.31
C THR C 41 -42.76 -24.36 -24.70
N ILE C 42 -41.77 -23.93 -23.93
CA ILE C 42 -40.39 -24.29 -24.20
C ILE C 42 -39.90 -25.24 -23.12
N ASP C 43 -39.23 -26.31 -23.53
CA ASP C 43 -38.71 -27.29 -22.61
C ASP C 43 -37.25 -26.98 -22.29
N ALA C 44 -37.03 -26.38 -21.12
CA ALA C 44 -35.67 -26.02 -20.69
C ALA C 44 -35.01 -27.14 -19.88
N ALA C 45 -35.51 -28.36 -20.06
CA ALA C 45 -34.97 -29.51 -19.35
C ALA C 45 -33.46 -29.59 -19.48
N GLY C 46 -32.78 -29.81 -18.35
CA GLY C 46 -31.34 -29.90 -18.35
C GLY C 46 -30.62 -28.61 -18.70
N ARG C 47 -31.35 -27.50 -18.67
CA ARG C 47 -30.76 -26.21 -19.01
C ARG C 47 -31.00 -25.14 -17.95
N TYR C 48 -30.15 -24.13 -17.98
CA TYR C 48 -30.28 -23.02 -17.04
C TYR C 48 -31.12 -21.94 -17.69
N VAL C 49 -31.89 -21.23 -16.87
CA VAL C 49 -32.71 -20.13 -17.36
C VAL C 49 -32.08 -18.88 -16.75
N PHE C 50 -31.18 -18.26 -17.50
CA PHE C 50 -30.47 -17.05 -17.05
C PHE C 50 -31.12 -15.76 -17.53
N PRO C 51 -30.88 -14.65 -16.81
CA PRO C 51 -31.44 -13.37 -17.24
C PRO C 51 -30.65 -13.04 -18.51
N GLY C 52 -31.20 -12.24 -19.42
CA GLY C 52 -30.46 -11.93 -20.64
C GLY C 52 -29.21 -11.12 -20.38
N GLY C 53 -28.15 -11.41 -21.13
CA GLY C 53 -26.90 -10.69 -20.96
C GLY C 53 -27.05 -9.20 -21.21
N ILE C 54 -26.24 -8.40 -20.52
CA ILE C 54 -26.29 -6.95 -20.66
C ILE C 54 -24.88 -6.39 -20.83
N ASP C 55 -24.55 -5.99 -22.06
CA ASP C 55 -23.21 -5.48 -22.36
C ASP C 55 -23.18 -3.95 -22.39
N VAL C 56 -22.72 -3.33 -21.31
CA VAL C 56 -22.68 -1.88 -21.22
C VAL C 56 -21.46 -1.22 -21.86
N HIS C 57 -20.73 -1.95 -22.70
CA HIS C 57 -19.56 -1.36 -23.35
C HIS C 57 -19.39 -1.85 -24.78
N THR C 58 -20.13 -1.24 -25.70
CA THR C 58 -20.06 -1.60 -27.11
C THR C 58 -19.88 -0.41 -28.03
N HIS C 59 -19.30 -0.69 -29.19
CA HIS C 59 -19.07 0.30 -30.24
C HIS C 59 -19.56 -0.42 -31.48
N VAL C 60 -20.85 -0.75 -31.45
CA VAL C 60 -21.55 -1.46 -32.49
C VAL C 60 -21.35 -0.95 -33.92
N GLU C 61 -21.45 0.37 -34.10
CA GLU C 61 -21.28 1.01 -35.40
C GLU C 61 -20.39 2.23 -35.24
N THR C 62 -19.25 2.23 -35.91
CA THR C 62 -18.30 3.32 -35.79
C THR C 62 -17.63 3.74 -37.09
N VAL C 63 -17.13 4.98 -37.11
CA VAL C 63 -16.43 5.53 -38.26
C VAL C 63 -15.10 6.13 -37.75
N SER C 64 -13.99 5.45 -38.03
CA SER C 64 -12.67 5.90 -37.60
C SER C 64 -11.75 6.24 -38.78
N PHE C 65 -11.39 7.51 -38.88
CA PHE C 65 -10.53 8.00 -39.93
C PHE C 65 -11.16 7.72 -41.30
N ASN C 66 -12.31 8.36 -41.54
CA ASN C 66 -13.03 8.25 -42.80
C ASN C 66 -13.58 6.85 -43.14
N THR C 67 -12.99 5.82 -42.55
CA THR C 67 -13.43 4.45 -42.82
C THR C 67 -14.48 3.99 -41.79
N GLN C 68 -15.36 3.08 -42.20
CA GLN C 68 -16.40 2.58 -41.32
C GLN C 68 -16.13 1.18 -40.80
N SER C 69 -16.71 0.87 -39.65
CA SER C 69 -16.55 -0.44 -39.02
C SER C 69 -17.30 -1.52 -39.79
N ALA C 70 -16.76 -2.73 -39.76
CA ALA C 70 -17.37 -3.86 -40.44
C ALA C 70 -18.79 -4.12 -39.97
N ASP C 71 -19.01 -4.04 -38.66
CA ASP C 71 -20.33 -4.26 -38.10
C ASP C 71 -21.16 -3.00 -38.08
N THR C 72 -22.47 -3.18 -38.12
CA THR C 72 -23.42 -2.08 -38.06
C THR C 72 -24.30 -2.39 -36.85
N PHE C 73 -25.18 -1.47 -36.51
CA PHE C 73 -26.06 -1.70 -35.37
C PHE C 73 -26.87 -2.98 -35.57
N ALA C 74 -27.14 -3.32 -36.82
CA ALA C 74 -27.92 -4.51 -37.15
C ALA C 74 -27.12 -5.81 -37.06
N THR C 75 -25.94 -5.83 -37.69
CA THR C 75 -25.10 -7.04 -37.67
C THR C 75 -24.60 -7.37 -36.28
N ALA C 76 -24.32 -6.34 -35.47
CA ALA C 76 -23.80 -6.57 -34.13
C ALA C 76 -24.87 -7.10 -33.18
N THR C 77 -26.02 -6.40 -33.11
CA THR C 77 -27.10 -6.83 -32.23
C THR C 77 -27.56 -8.25 -32.52
N VAL C 78 -27.46 -8.68 -33.77
CA VAL C 78 -27.86 -10.04 -34.10
C VAL C 78 -26.87 -10.98 -33.46
N ALA C 79 -25.58 -10.65 -33.56
CA ALA C 79 -24.53 -11.47 -32.96
C ALA C 79 -24.71 -11.48 -31.45
N ALA C 80 -25.04 -10.33 -30.90
CA ALA C 80 -25.25 -10.20 -29.47
C ALA C 80 -26.32 -11.19 -29.01
N ALA C 81 -27.44 -11.22 -29.72
CA ALA C 81 -28.54 -12.11 -29.39
C ALA C 81 -28.10 -13.56 -29.42
N CYS C 82 -27.41 -13.93 -30.49
CA CYS C 82 -26.93 -15.30 -30.63
C CYS C 82 -25.95 -15.66 -29.54
N GLY C 83 -25.43 -14.62 -28.86
CA GLY C 83 -24.48 -14.84 -27.79
C GLY C 83 -25.11 -14.78 -26.41
N GLY C 84 -26.42 -14.61 -26.37
CA GLY C 84 -27.12 -14.56 -25.10
C GLY C 84 -27.26 -13.18 -24.50
N THR C 85 -26.92 -12.14 -25.26
CA THR C 85 -27.02 -10.78 -24.75
C THR C 85 -28.24 -10.09 -25.35
N THR C 86 -29.14 -9.63 -24.48
CA THR C 86 -30.37 -8.99 -24.91
C THR C 86 -30.45 -7.46 -24.78
N THR C 87 -29.53 -6.88 -24.03
CA THR C 87 -29.50 -5.43 -23.88
C THR C 87 -28.07 -4.96 -24.10
N ILE C 88 -27.93 -3.77 -24.63
CA ILE C 88 -26.62 -3.24 -24.92
C ILE C 88 -26.66 -1.75 -24.68
N VAL C 89 -25.53 -1.17 -24.29
CA VAL C 89 -25.49 0.27 -24.10
C VAL C 89 -24.30 0.69 -24.93
N ASP C 90 -24.59 1.21 -26.12
CA ASP C 90 -23.56 1.63 -27.06
C ASP C 90 -23.08 3.03 -26.73
N PHE C 91 -21.87 3.34 -27.17
CA PHE C 91 -21.28 4.64 -26.94
C PHE C 91 -21.62 5.58 -28.09
N CYS C 92 -22.57 6.47 -27.85
CA CYS C 92 -22.98 7.45 -28.84
C CYS C 92 -21.86 8.47 -28.90
N GLN C 93 -21.19 8.55 -30.05
CA GLN C 93 -20.06 9.45 -30.21
C GLN C 93 -20.33 10.81 -30.87
N GLN C 94 -19.98 11.87 -30.16
CA GLN C 94 -20.14 13.23 -30.67
C GLN C 94 -19.13 13.47 -31.79
N ASP C 95 -19.49 14.35 -32.72
CA ASP C 95 -18.60 14.69 -33.83
C ASP C 95 -18.05 16.07 -33.52
N ARG C 96 -16.75 16.26 -33.70
CA ARG C 96 -16.15 17.56 -33.40
C ARG C 96 -16.89 18.69 -34.13
N GLY C 97 -17.23 19.73 -33.39
CA GLY C 97 -17.93 20.85 -34.00
C GLY C 97 -19.43 20.72 -34.01
N HIS C 98 -19.94 19.55 -33.62
CA HIS C 98 -21.39 19.32 -33.59
C HIS C 98 -21.90 19.14 -32.16
N SER C 99 -23.22 19.23 -31.99
CA SER C 99 -23.83 19.10 -30.67
C SER C 99 -24.02 17.66 -30.21
N LEU C 100 -24.42 17.49 -28.95
CA LEU C 100 -24.65 16.15 -28.43
C LEU C 100 -25.95 15.65 -29.04
N ALA C 101 -26.95 16.54 -29.06
CA ALA C 101 -28.24 16.20 -29.66
C ALA C 101 -28.01 15.69 -31.09
N GLU C 102 -27.23 16.44 -31.88
CA GLU C 102 -26.93 16.04 -33.26
C GLU C 102 -26.42 14.59 -33.24
N ALA C 103 -25.64 14.26 -32.22
CA ALA C 103 -25.06 12.91 -32.07
C ALA C 103 -26.11 11.86 -31.72
N VAL C 104 -26.99 12.17 -30.79
CA VAL C 104 -28.03 11.24 -30.40
C VAL C 104 -28.91 10.95 -31.61
N ALA C 105 -29.31 12.02 -32.30
CA ALA C 105 -30.14 11.89 -33.48
C ALA C 105 -29.47 10.96 -34.48
N LYS C 106 -28.16 11.15 -34.67
CA LYS C 106 -27.41 10.32 -35.59
C LYS C 106 -27.45 8.86 -35.16
N TRP C 107 -27.36 8.63 -33.85
CA TRP C 107 -27.39 7.28 -33.32
C TRP C 107 -28.76 6.67 -33.56
N ASP C 108 -29.82 7.42 -33.23
CA ASP C 108 -31.17 6.92 -33.46
C ASP C 108 -31.29 6.47 -34.92
N GLY C 109 -30.69 7.23 -35.83
CA GLY C 109 -30.75 6.86 -37.22
C GLY C 109 -30.17 5.48 -37.45
N MET C 110 -29.08 5.19 -36.76
CA MET C 110 -28.43 3.89 -36.90
C MET C 110 -29.14 2.75 -36.17
N ALA C 111 -29.68 3.03 -34.99
CA ALA C 111 -30.35 2.00 -34.20
C ALA C 111 -31.82 1.77 -34.56
N GLY C 112 -32.60 2.86 -34.56
CA GLY C 112 -34.01 2.79 -34.86
C GLY C 112 -34.40 1.80 -35.94
N GLY C 113 -35.27 0.86 -35.58
CA GLY C 113 -35.75 -0.15 -36.50
C GLY C 113 -34.70 -1.07 -37.06
N LYS C 114 -33.51 -1.11 -36.44
CA LYS C 114 -32.45 -1.97 -36.96
C LYS C 114 -31.77 -2.87 -35.92
N SER C 115 -32.06 -2.61 -34.63
CA SER C 115 -31.48 -3.39 -33.54
C SER C 115 -32.25 -4.67 -33.23
N ALA C 116 -31.55 -5.81 -33.27
CA ALA C 116 -32.18 -7.08 -32.97
C ALA C 116 -32.56 -7.15 -31.49
N ILE C 117 -31.83 -6.40 -30.66
CA ILE C 117 -32.07 -6.38 -29.21
C ILE C 117 -32.18 -4.94 -28.70
N ASP C 118 -32.62 -4.81 -27.45
CA ASP C 118 -32.79 -3.50 -26.82
C ASP C 118 -31.44 -2.80 -26.62
N TYR C 119 -31.47 -1.47 -26.54
CA TYR C 119 -30.24 -0.69 -26.41
C TYR C 119 -30.43 0.67 -25.74
N GLY C 120 -29.38 1.13 -25.08
CA GLY C 120 -29.37 2.42 -24.41
C GLY C 120 -28.14 3.14 -24.94
N TYR C 121 -27.91 4.39 -24.54
CA TYR C 121 -26.74 5.11 -25.01
C TYR C 121 -25.90 5.74 -23.91
N HIS C 122 -24.59 5.78 -24.16
CA HIS C 122 -23.67 6.46 -23.26
C HIS C 122 -23.31 7.62 -24.18
N ILE C 123 -23.06 8.80 -23.64
CA ILE C 123 -22.70 9.89 -24.51
C ILE C 123 -21.22 10.26 -24.39
N ILE C 124 -20.50 10.19 -25.50
CA ILE C 124 -19.08 10.54 -25.51
C ILE C 124 -18.93 12.02 -25.80
N VAL C 125 -18.22 12.72 -24.93
CA VAL C 125 -17.98 14.15 -25.10
C VAL C 125 -16.51 14.36 -25.48
N LEU C 126 -16.25 14.61 -26.76
CA LEU C 126 -14.89 14.84 -27.22
C LEU C 126 -14.64 16.27 -27.74
N ASP C 127 -15.62 17.15 -27.57
CA ASP C 127 -15.50 18.53 -28.01
C ASP C 127 -16.29 19.37 -27.00
N PRO C 128 -15.73 19.51 -25.79
CA PRO C 128 -16.25 20.23 -24.62
C PRO C 128 -16.58 21.70 -24.77
N THR C 129 -17.40 22.03 -25.75
CA THR C 129 -17.80 23.42 -25.96
C THR C 129 -18.68 23.87 -24.81
N ASP C 130 -18.69 25.16 -24.54
CA ASP C 130 -19.52 25.69 -23.46
C ASP C 130 -20.95 25.18 -23.64
N SER C 131 -21.46 25.28 -24.86
CA SER C 131 -22.82 24.83 -25.14
C SER C 131 -22.92 23.31 -24.99
N VAL C 132 -21.94 22.59 -25.54
CA VAL C 132 -21.93 21.13 -25.45
C VAL C 132 -22.03 20.69 -24.00
N ILE C 133 -21.18 21.25 -23.15
CA ILE C 133 -21.18 20.90 -21.75
C ILE C 133 -22.51 21.25 -21.11
N GLU C 134 -23.13 22.32 -21.59
CA GLU C 134 -24.41 22.73 -21.04
C GLU C 134 -25.50 21.72 -21.44
N GLU C 135 -25.25 20.95 -22.50
CA GLU C 135 -26.21 19.96 -22.97
C GLU C 135 -26.31 18.80 -21.98
N LEU C 136 -25.26 18.59 -21.18
CA LEU C 136 -25.26 17.51 -20.21
C LEU C 136 -26.37 17.74 -19.19
N GLU C 137 -26.95 18.93 -19.21
CA GLU C 137 -28.03 19.27 -18.30
C GLU C 137 -29.34 18.78 -18.91
N VAL C 138 -29.27 18.37 -20.18
CA VAL C 138 -30.45 17.91 -20.91
C VAL C 138 -30.52 16.41 -21.19
N LEU C 139 -29.45 15.86 -21.76
CA LEU C 139 -29.42 14.43 -22.09
C LEU C 139 -29.97 13.49 -21.03
N PRO C 140 -29.64 13.73 -19.74
CA PRO C 140 -30.14 12.85 -18.68
C PRO C 140 -31.64 12.60 -18.78
N ASP C 141 -32.43 13.67 -18.92
CA ASP C 141 -33.88 13.51 -19.02
C ASP C 141 -34.35 12.78 -20.27
N LEU C 142 -33.44 12.53 -21.21
CA LEU C 142 -33.78 11.80 -22.41
C LEU C 142 -33.49 10.32 -22.18
N GLY C 143 -32.88 10.03 -21.03
CA GLY C 143 -32.53 8.66 -20.70
C GLY C 143 -31.07 8.33 -20.94
N ILE C 144 -30.25 9.36 -21.14
CA ILE C 144 -28.80 9.18 -21.36
C ILE C 144 -28.19 9.74 -20.08
N THR C 145 -27.90 8.84 -19.13
CA THR C 145 -27.38 9.27 -17.84
C THR C 145 -25.92 8.92 -17.55
N SER C 146 -25.12 8.74 -18.59
CA SER C 146 -23.73 8.42 -18.38
C SER C 146 -22.85 9.11 -19.43
N PHE C 147 -21.95 9.97 -18.96
CA PHE C 147 -21.07 10.72 -19.84
C PHE C 147 -19.69 10.08 -19.90
N KCX C 148 -19.19 9.89 -21.12
CA KCX C 148 -17.89 9.27 -21.30
CB KCX C 148 -18.07 8.00 -22.15
CG KCX C 148 -16.84 7.64 -22.92
CD KCX C 148 -15.86 6.88 -22.08
CE KCX C 148 -15.84 5.52 -22.68
NZ KCX C 148 -14.53 5.04 -22.92
C KCX C 148 -16.84 10.20 -21.96
O KCX C 148 -17.13 10.85 -22.96
CX KCX C 148 -14.19 4.06 -23.78
OQ1 KCX C 148 -12.96 3.78 -23.84
OQ2 KCX C 148 -15.09 3.48 -24.50
N VAL C 149 -15.65 10.25 -21.37
CA VAL C 149 -14.55 11.07 -21.88
C VAL C 149 -13.26 10.25 -22.03
N PHE C 150 -12.35 10.72 -22.87
CA PHE C 150 -11.08 10.03 -23.10
C PHE C 150 -9.88 10.83 -22.61
N MET C 151 -8.92 10.14 -21.98
CA MET C 151 -7.71 10.78 -21.49
C MET C 151 -6.55 10.52 -22.45
N ALA C 152 -6.81 9.74 -23.49
CA ALA C 152 -5.81 9.42 -24.50
C ALA C 152 -6.38 9.72 -25.88
N TYR C 153 -5.61 9.39 -26.93
CA TYR C 153 -6.00 9.63 -28.32
C TYR C 153 -5.96 11.12 -28.66
N ARG C 154 -4.75 11.67 -28.74
CA ARG C 154 -4.53 13.07 -29.04
C ARG C 154 -5.21 13.47 -30.35
N GLY C 155 -5.79 14.67 -30.37
CA GLY C 155 -6.45 15.15 -31.58
C GLY C 155 -7.46 14.20 -32.18
N MET C 156 -8.23 13.54 -31.32
CA MET C 156 -9.24 12.60 -31.78
C MET C 156 -10.32 12.48 -30.71
N ASN C 157 -9.95 12.04 -29.52
CA ASN C 157 -10.90 11.88 -28.42
C ASN C 157 -10.45 12.58 -27.14
N MET C 158 -9.14 12.71 -26.96
CA MET C 158 -8.58 13.29 -25.75
C MET C 158 -9.07 14.66 -25.30
N ILE C 159 -9.42 14.74 -24.02
CA ILE C 159 -9.85 15.98 -23.39
C ILE C 159 -8.91 16.13 -22.19
N ASP C 160 -8.97 17.25 -21.50
CA ASP C 160 -8.06 17.49 -20.38
C ASP C 160 -8.73 17.47 -19.00
N ASP C 161 -7.92 17.65 -17.96
CA ASP C 161 -8.44 17.66 -16.60
C ASP C 161 -9.51 18.72 -16.41
N VAL C 162 -9.34 19.86 -17.08
CA VAL C 162 -10.31 20.95 -16.99
C VAL C 162 -11.66 20.46 -17.48
N THR C 163 -11.63 19.72 -18.59
CA THR C 163 -12.84 19.16 -19.18
C THR C 163 -13.44 18.12 -18.24
N LEU C 164 -12.63 17.13 -17.87
CA LEU C 164 -13.05 16.07 -16.96
C LEU C 164 -13.70 16.64 -15.68
N LEU C 165 -13.08 17.67 -15.12
CA LEU C 165 -13.62 18.30 -13.94
C LEU C 165 -14.99 18.94 -14.23
N LYS C 166 -15.13 19.53 -15.42
CA LYS C 166 -16.40 20.16 -15.79
C LYS C 166 -17.45 19.09 -15.99
N THR C 167 -17.03 17.98 -16.59
CA THR C 167 -17.94 16.86 -16.83
C THR C 167 -18.34 16.23 -15.50
N LEU C 168 -17.36 16.02 -14.61
CA LEU C 168 -17.66 15.45 -13.30
C LEU C 168 -18.65 16.35 -12.58
N ASP C 169 -18.46 17.64 -12.73
CA ASP C 169 -19.33 18.61 -12.08
C ASP C 169 -20.77 18.58 -12.62
N LYS C 170 -20.92 18.49 -13.94
CA LYS C 170 -22.23 18.43 -14.55
C LYS C 170 -22.96 17.14 -14.18
N ALA C 171 -22.20 16.04 -14.11
CA ALA C 171 -22.77 14.75 -13.76
C ALA C 171 -23.35 14.78 -12.35
N VAL C 172 -22.66 15.42 -11.42
CA VAL C 172 -23.14 15.51 -10.05
C VAL C 172 -24.45 16.31 -10.01
N LYS C 173 -24.52 17.36 -10.80
CA LYS C 173 -25.72 18.19 -10.81
C LYS C 173 -26.92 17.52 -11.47
N THR C 174 -26.66 16.71 -12.49
CA THR C 174 -27.73 16.03 -13.20
C THR C 174 -27.92 14.59 -12.76
N GLY C 175 -27.20 14.19 -11.71
CA GLY C 175 -27.31 12.83 -11.23
C GLY C 175 -26.86 11.83 -12.27
N SER C 176 -25.74 12.10 -12.94
CA SER C 176 -25.23 11.19 -13.95
C SER C 176 -23.91 10.57 -13.52
N LEU C 177 -23.43 9.62 -14.31
CA LEU C 177 -22.19 8.93 -14.00
C LEU C 177 -21.13 9.15 -15.09
N VAL C 178 -19.98 9.66 -14.70
CA VAL C 178 -18.90 9.88 -15.65
C VAL C 178 -18.09 8.60 -15.85
N MET C 179 -17.86 8.24 -17.11
CA MET C 179 -17.07 7.07 -17.46
C MET C 179 -15.80 7.60 -18.10
N VAL C 180 -14.69 6.89 -17.92
CA VAL C 180 -13.45 7.38 -18.50
C VAL C 180 -12.47 6.31 -18.98
N HIS C 181 -11.88 6.58 -20.14
CA HIS C 181 -10.85 5.72 -20.74
C HIS C 181 -9.59 6.31 -20.11
N ALA C 182 -8.99 5.59 -19.17
CA ALA C 182 -7.81 6.11 -18.48
C ALA C 182 -6.43 5.64 -18.92
N GLU C 183 -5.81 6.47 -19.75
CA GLU C 183 -4.46 6.22 -20.24
C GLU C 183 -3.87 7.60 -20.39
N ASN C 184 -2.57 7.74 -20.11
CA ASN C 184 -1.94 9.03 -20.29
C ASN C 184 -1.52 9.08 -21.75
N GLY C 185 -2.34 9.77 -22.54
CA GLY C 185 -2.11 9.89 -23.96
C GLY C 185 -0.76 10.43 -24.37
N ASP C 186 -0.32 11.48 -23.69
CA ASP C 186 0.97 12.08 -23.99
C ASP C 186 2.08 11.07 -23.72
N ALA C 187 1.99 10.37 -22.59
CA ALA C 187 3.02 9.38 -22.29
C ALA C 187 3.04 8.36 -23.43
N ALA C 188 1.87 7.92 -23.85
CA ALA C 188 1.79 6.95 -24.94
C ALA C 188 2.41 7.52 -26.22
N ASP C 189 1.99 8.72 -26.61
CA ASP C 189 2.53 9.34 -27.81
C ASP C 189 4.04 9.37 -27.79
N TYR C 190 4.61 9.79 -26.67
CA TYR C 190 6.07 9.85 -26.50
C TYR C 190 6.71 8.51 -26.84
N LEU C 191 6.18 7.44 -26.26
CA LEU C 191 6.73 6.12 -26.52
C LEU C 191 6.42 5.62 -27.93
N ARG C 192 5.22 5.90 -28.42
CA ARG C 192 4.83 5.47 -29.76
C ARG C 192 5.81 6.04 -30.79
N ASP C 193 6.01 7.35 -30.73
CA ASP C 193 6.91 8.02 -31.67
C ASP C 193 8.36 7.59 -31.51
N LYS C 194 8.79 7.42 -30.26
CA LYS C 194 10.16 7.00 -29.98
C LYS C 194 10.42 5.64 -30.65
N PHE C 195 9.44 4.74 -30.56
CA PHE C 195 9.58 3.42 -31.16
C PHE C 195 9.66 3.47 -32.68
N VAL C 196 8.77 4.24 -33.29
CA VAL C 196 8.75 4.36 -34.73
C VAL C 196 10.04 5.00 -35.21
N ALA C 197 10.54 5.97 -34.48
CA ALA C 197 11.78 6.64 -34.83
C ALA C 197 12.94 5.64 -34.85
N GLU C 198 12.88 4.65 -33.96
CA GLU C 198 13.92 3.62 -33.89
C GLU C 198 13.65 2.52 -34.91
N GLY C 199 12.66 2.74 -35.76
CA GLY C 199 12.33 1.76 -36.77
C GLY C 199 11.51 0.57 -36.28
N LYS C 200 11.01 0.64 -35.05
CA LYS C 200 10.19 -0.44 -34.49
C LYS C 200 8.74 -0.22 -34.87
N THR C 201 8.23 -1.03 -35.80
CA THR C 201 6.87 -0.88 -36.28
C THR C 201 5.90 -2.07 -36.16
N ALA C 202 6.39 -3.21 -35.69
CA ALA C 202 5.54 -4.38 -35.53
C ALA C 202 4.42 -4.13 -34.50
N PRO C 203 3.35 -4.94 -34.54
CA PRO C 203 2.21 -4.81 -33.62
C PRO C 203 2.58 -4.79 -32.14
N ILE C 204 3.60 -5.57 -31.77
CA ILE C 204 4.03 -5.64 -30.38
C ILE C 204 4.25 -4.27 -29.77
N TYR C 205 4.76 -3.35 -30.58
CA TYR C 205 5.02 -2.01 -30.09
C TYR C 205 3.78 -1.23 -29.74
N HIS C 206 2.62 -1.75 -30.10
CA HIS C 206 1.39 -1.08 -29.75
C HIS C 206 1.28 -1.24 -28.23
N ALA C 207 1.64 -2.43 -27.75
CA ALA C 207 1.58 -2.73 -26.32
C ALA C 207 2.70 -2.03 -25.56
N LEU C 208 3.94 -2.23 -26.03
CA LEU C 208 5.09 -1.62 -25.37
C LEU C 208 5.02 -0.10 -25.33
N SER C 209 4.35 0.51 -26.31
CA SER C 209 4.23 1.95 -26.37
C SER C 209 3.26 2.49 -25.33
N ARG C 210 2.50 1.59 -24.71
CA ARG C 210 1.55 2.00 -23.69
C ARG C 210 1.45 0.96 -22.58
N PRO C 211 2.54 0.83 -21.79
CA PRO C 211 2.66 -0.10 -20.68
C PRO C 211 1.75 0.26 -19.51
N PRO C 212 1.55 -0.68 -18.57
CA PRO C 212 0.72 -0.51 -17.39
C PRO C 212 0.78 0.85 -16.71
N ARG C 213 1.97 1.44 -16.63
CA ARG C 213 2.11 2.73 -15.95
C ARG C 213 1.25 3.79 -16.63
N VAL C 214 1.19 3.75 -17.95
CA VAL C 214 0.40 4.69 -18.73
C VAL C 214 -1.07 4.62 -18.29
N GLU C 215 -1.55 3.40 -18.11
CA GLU C 215 -2.93 3.20 -17.66
C GLU C 215 -3.08 3.60 -16.20
N ALA C 216 -2.21 3.07 -15.34
CA ALA C 216 -2.25 3.33 -13.91
C ALA C 216 -2.32 4.81 -13.57
N GLU C 217 -1.38 5.59 -14.09
CA GLU C 217 -1.34 7.03 -13.83
C GLU C 217 -2.68 7.69 -14.14
N ALA C 218 -3.14 7.53 -15.39
CA ALA C 218 -4.40 8.13 -15.81
C ALA C 218 -5.54 7.70 -14.89
N THR C 219 -5.58 6.41 -14.58
CA THR C 219 -6.61 5.91 -13.69
C THR C 219 -6.58 6.69 -12.37
N ALA C 220 -5.41 6.77 -11.77
CA ALA C 220 -5.28 7.47 -10.51
C ALA C 220 -5.73 8.93 -10.61
N ARG C 221 -5.30 9.60 -11.68
CA ARG C 221 -5.65 11.00 -11.89
C ARG C 221 -7.17 11.19 -11.98
N ALA C 222 -7.81 10.37 -12.82
CA ALA C 222 -9.25 10.46 -12.96
C ALA C 222 -9.92 10.30 -11.59
N LEU C 223 -9.52 9.25 -10.86
CA LEU C 223 -10.10 9.00 -9.55
C LEU C 223 -9.85 10.17 -8.59
N ALA C 224 -8.67 10.78 -8.70
CA ALA C 224 -8.32 11.92 -7.86
C ALA C 224 -9.25 13.10 -8.17
N LEU C 225 -9.47 13.33 -9.46
CA LEU C 225 -10.35 14.39 -9.91
C LEU C 225 -11.77 14.13 -9.42
N ALA C 226 -12.19 12.87 -9.50
CA ALA C 226 -13.52 12.50 -9.03
C ALA C 226 -13.60 12.81 -7.54
N GLU C 227 -12.53 12.53 -6.81
CA GLU C 227 -12.48 12.80 -5.38
C GLU C 227 -12.64 14.29 -5.09
N ILE C 228 -11.95 15.11 -5.88
CA ILE C 228 -12.00 16.57 -5.72
C ILE C 228 -13.39 17.11 -5.97
N VAL C 229 -14.01 16.69 -7.07
CA VAL C 229 -15.35 17.14 -7.38
C VAL C 229 -16.33 16.46 -6.43
N ASN C 230 -15.88 15.35 -5.85
CA ASN C 230 -16.71 14.56 -4.93
C ASN C 230 -17.86 13.98 -5.74
N ALA C 231 -17.49 13.22 -6.77
CA ALA C 231 -18.46 12.63 -7.66
C ALA C 231 -18.16 11.18 -7.94
N PRO C 232 -19.18 10.41 -8.33
CA PRO C 232 -18.97 9.00 -8.64
C PRO C 232 -18.32 8.94 -10.01
N ILE C 233 -17.47 7.94 -10.24
CA ILE C 233 -16.81 7.80 -11.53
C ILE C 233 -16.72 6.32 -11.86
N TYR C 234 -16.68 6.01 -13.15
CA TYR C 234 -16.63 4.63 -13.61
C TYR C 234 -15.44 4.44 -14.54
N ILE C 235 -14.49 3.61 -14.14
CA ILE C 235 -13.32 3.38 -14.97
C ILE C 235 -13.57 2.19 -15.89
N VAL C 236 -13.62 2.45 -17.19
CA VAL C 236 -13.84 1.39 -18.15
C VAL C 236 -12.56 0.60 -18.36
N HIS C 237 -12.72 -0.64 -18.80
CA HIS C 237 -11.63 -1.58 -19.04
C HIS C 237 -10.37 -1.47 -18.17
N VAL C 238 -10.48 -1.86 -16.90
CA VAL C 238 -9.33 -1.91 -16.01
C VAL C 238 -8.67 -3.19 -16.49
N THR C 239 -7.41 -3.11 -16.91
CA THR C 239 -6.75 -4.28 -17.48
C THR C 239 -5.56 -4.92 -16.78
N CYS C 240 -5.02 -4.28 -15.74
CA CYS C 240 -3.85 -4.85 -15.11
C CYS C 240 -3.78 -4.59 -13.62
N GLU C 241 -2.83 -5.26 -12.97
CA GLU C 241 -2.64 -5.13 -11.53
C GLU C 241 -2.38 -3.70 -11.06
N GLU C 242 -1.52 -2.97 -11.76
CA GLU C 242 -1.21 -1.61 -11.35
C GLU C 242 -2.38 -0.62 -11.42
N SER C 243 -3.17 -0.67 -12.48
CA SER C 243 -4.31 0.25 -12.56
C SER C 243 -5.40 -0.18 -11.58
N LEU C 244 -5.59 -1.48 -11.42
CA LEU C 244 -6.60 -1.97 -10.50
C LEU C 244 -6.26 -1.47 -9.09
N GLU C 245 -4.97 -1.49 -8.77
CA GLU C 245 -4.51 -1.04 -7.48
C GLU C 245 -4.95 0.40 -7.18
N GLU C 246 -4.89 1.26 -8.19
CA GLU C 246 -5.29 2.66 -8.00
C GLU C 246 -6.79 2.74 -7.71
N VAL C 247 -7.56 1.90 -8.41
CA VAL C 247 -9.02 1.88 -8.20
C VAL C 247 -9.25 1.51 -6.74
N MET C 248 -8.55 0.47 -6.32
CA MET C 248 -8.65 -0.01 -4.97
C MET C 248 -8.28 1.07 -3.95
N ARG C 249 -7.18 1.79 -4.19
CA ARG C 249 -6.77 2.84 -3.28
C ARG C 249 -7.84 3.92 -3.20
N ALA C 250 -8.42 4.26 -4.34
CA ALA C 250 -9.46 5.26 -4.39
C ALA C 250 -10.66 4.81 -3.55
N LYS C 251 -11.08 3.55 -3.74
CA LYS C 251 -12.21 3.02 -2.97
C LYS C 251 -11.98 3.13 -1.47
N SER C 252 -10.75 2.85 -1.02
CA SER C 252 -10.45 2.94 0.41
C SER C 252 -10.52 4.36 0.94
N ARG C 253 -10.20 5.34 0.11
CA ARG C 253 -10.26 6.73 0.55
C ARG C 253 -11.70 7.21 0.62
N GLY C 254 -12.63 6.41 0.14
CA GLY C 254 -14.02 6.82 0.18
C GLY C 254 -14.54 7.36 -1.15
N VAL C 255 -13.71 7.30 -2.18
CA VAL C 255 -14.12 7.79 -3.48
C VAL C 255 -15.14 6.79 -4.05
N ARG C 256 -16.25 7.31 -4.56
CA ARG C 256 -17.25 6.41 -5.14
C ARG C 256 -16.71 6.01 -6.50
N ALA C 257 -15.70 5.15 -6.49
CA ALA C 257 -15.08 4.69 -7.71
C ALA C 257 -15.61 3.33 -8.12
N LEU C 258 -15.97 3.20 -9.39
CA LEU C 258 -16.49 1.95 -9.91
C LEU C 258 -15.57 1.59 -11.04
N ALA C 259 -15.51 0.30 -11.38
CA ALA C 259 -14.67 -0.14 -12.47
C ALA C 259 -15.21 -1.42 -13.08
N GLU C 260 -14.66 -1.79 -14.23
CA GLU C 260 -15.08 -2.99 -14.95
C GLU C 260 -13.86 -3.56 -15.68
N THR C 261 -14.05 -4.71 -16.32
CA THR C 261 -12.99 -5.32 -17.13
C THR C 261 -13.70 -5.83 -18.38
N CYS C 262 -12.92 -6.38 -19.30
CA CYS C 262 -13.50 -6.88 -20.51
C CYS C 262 -12.95 -8.25 -20.83
N THR C 263 -13.83 -9.11 -21.30
CA THR C 263 -13.51 -10.47 -21.63
C THR C 263 -12.07 -10.76 -22.03
N HIS C 264 -11.58 -10.08 -23.08
CA HIS C 264 -10.23 -10.32 -23.57
C HIS C 264 -9.10 -10.05 -22.56
N TYR C 265 -9.37 -9.25 -21.54
CA TYR C 265 -8.36 -8.97 -20.54
C TYR C 265 -8.24 -10.12 -19.52
N LEU C 266 -9.06 -11.15 -19.72
CA LEU C 266 -9.03 -12.33 -18.85
C LEU C 266 -8.47 -13.50 -19.63
N TYR C 267 -8.15 -13.29 -20.90
CA TYR C 267 -7.68 -14.37 -21.74
C TYR C 267 -6.50 -14.09 -22.65
N LEU C 268 -6.36 -12.85 -23.10
CA LEU C 268 -5.27 -12.53 -24.01
C LEU C 268 -4.08 -11.86 -23.34
N THR C 269 -2.92 -11.99 -23.97
CA THR C 269 -1.69 -11.39 -23.43
C THR C 269 -0.94 -10.68 -24.53
N LYS C 270 -0.06 -9.76 -24.15
CA LYS C 270 0.71 -9.00 -25.13
C LYS C 270 1.47 -9.93 -26.07
N GLU C 271 1.75 -11.15 -25.63
CA GLU C 271 2.47 -12.08 -26.50
C GLU C 271 1.63 -12.42 -27.72
N ASP C 272 0.33 -12.24 -27.61
CA ASP C 272 -0.57 -12.51 -28.74
C ASP C 272 -0.29 -11.54 -29.90
N LEU C 273 0.24 -10.36 -29.58
CA LEU C 273 0.56 -9.37 -30.61
C LEU C 273 1.82 -9.78 -31.36
N GLU C 274 2.41 -10.89 -30.94
CA GLU C 274 3.63 -11.37 -31.58
C GLU C 274 3.34 -12.54 -32.50
N ARG C 275 2.09 -12.95 -32.56
CA ARG C 275 1.71 -14.05 -33.43
C ARG C 275 2.24 -13.64 -34.81
N PRO C 276 2.85 -14.60 -35.53
CA PRO C 276 3.42 -14.38 -36.87
C PRO C 276 2.47 -13.96 -37.99
N ASP C 277 3.06 -13.40 -39.03
CA ASP C 277 2.35 -12.97 -40.23
C ASP C 277 1.26 -11.92 -40.00
N PHE C 278 1.59 -10.93 -39.19
CA PHE C 278 0.66 -9.84 -38.90
C PHE C 278 -0.61 -10.28 -38.19
N GLU C 279 -0.65 -11.53 -37.71
CA GLU C 279 -1.83 -12.01 -36.99
C GLU C 279 -1.99 -11.19 -35.72
N GLY C 280 -0.87 -10.83 -35.12
CA GLY C 280 -0.90 -10.03 -33.90
C GLY C 280 -1.73 -8.77 -34.04
N ALA C 281 -1.91 -8.31 -35.27
CA ALA C 281 -2.69 -7.10 -35.52
C ALA C 281 -4.11 -7.28 -35.00
N LYS C 282 -4.61 -8.51 -35.05
CA LYS C 282 -5.96 -8.79 -34.57
C LYS C 282 -6.12 -8.43 -33.11
N TYR C 283 -5.03 -8.52 -32.35
CA TYR C 283 -5.06 -8.25 -30.92
C TYR C 283 -4.67 -6.84 -30.55
N VAL C 284 -4.69 -5.95 -31.52
CA VAL C 284 -4.35 -4.57 -31.26
C VAL C 284 -5.58 -3.84 -30.77
N PHE C 285 -5.77 -3.85 -29.45
CA PHE C 285 -6.87 -3.14 -28.81
C PHE C 285 -6.28 -2.34 -27.67
N THR C 286 -7.05 -1.41 -27.13
CA THR C 286 -6.56 -0.54 -26.07
C THR C 286 -7.46 -0.49 -24.84
N PRO C 287 -6.86 -0.51 -23.64
CA PRO C 287 -5.42 -0.61 -23.41
C PRO C 287 -4.87 -1.92 -23.95
N PRO C 288 -3.54 -2.05 -24.04
CA PRO C 288 -2.92 -3.26 -24.57
C PRO C 288 -3.15 -4.51 -23.73
N ALA C 289 -3.08 -5.67 -24.39
CA ALA C 289 -3.21 -6.95 -23.71
C ALA C 289 -2.07 -7.00 -22.71
N ARG C 290 -2.35 -7.49 -21.50
CA ARG C 290 -1.32 -7.57 -20.47
C ARG C 290 -0.65 -8.93 -20.34
N ALA C 291 -0.52 -9.43 -19.12
CA ALA C 291 0.12 -10.73 -18.89
C ALA C 291 -0.79 -11.66 -18.12
N LYS C 292 -0.44 -12.94 -18.08
CA LYS C 292 -1.23 -13.93 -17.36
C LYS C 292 -1.41 -13.60 -15.88
N LYS C 293 -0.41 -13.01 -15.25
CA LYS C 293 -0.52 -12.67 -13.85
C LYS C 293 -1.64 -11.64 -13.68
N ASP C 294 -1.89 -10.87 -14.72
CA ASP C 294 -2.96 -9.89 -14.64
C ASP C 294 -4.30 -10.62 -14.75
N HIS C 295 -4.32 -11.74 -15.46
CA HIS C 295 -5.54 -12.53 -15.58
C HIS C 295 -5.95 -13.01 -14.19
N ASP C 296 -4.98 -13.51 -13.42
CA ASP C 296 -5.28 -14.00 -12.09
C ASP C 296 -5.75 -12.86 -11.21
N VAL C 297 -5.04 -11.73 -11.30
CA VAL C 297 -5.41 -10.57 -10.51
C VAL C 297 -6.87 -10.19 -10.77
N LEU C 298 -7.23 -10.09 -12.05
CA LEU C 298 -8.58 -9.71 -12.45
C LEU C 298 -9.63 -10.73 -12.01
N TRP C 299 -9.38 -12.01 -12.29
CA TRP C 299 -10.31 -13.05 -11.88
C TRP C 299 -10.50 -13.01 -10.36
N ASN C 300 -9.42 -12.83 -9.60
CA ASN C 300 -9.53 -12.77 -8.14
C ASN C 300 -10.39 -11.58 -7.76
N ALA C 301 -10.18 -10.46 -8.44
CA ALA C 301 -10.94 -9.26 -8.15
C ALA C 301 -12.40 -9.53 -8.45
N LEU C 302 -12.67 -10.26 -9.52
CA LEU C 302 -14.06 -10.61 -9.88
C LEU C 302 -14.68 -11.41 -8.75
N ARG C 303 -14.01 -12.49 -8.36
CA ARG C 303 -14.49 -13.36 -7.29
C ARG C 303 -14.72 -12.63 -6.00
N ASN C 304 -13.96 -11.57 -5.77
CA ASN C 304 -14.11 -10.78 -4.55
C ASN C 304 -15.15 -9.67 -4.71
N GLY C 305 -15.77 -9.60 -5.89
CA GLY C 305 -16.81 -8.62 -6.15
C GLY C 305 -16.36 -7.18 -6.35
N VAL C 306 -15.13 -7.00 -6.80
CA VAL C 306 -14.60 -5.66 -7.03
C VAL C 306 -15.25 -4.94 -8.21
N PHE C 307 -15.28 -5.60 -9.37
CA PHE C 307 -15.84 -5.02 -10.60
C PHE C 307 -17.35 -5.05 -10.71
N GLU C 308 -17.89 -4.07 -11.45
CA GLU C 308 -19.32 -3.98 -11.66
C GLU C 308 -19.80 -4.90 -12.78
N THR C 309 -18.89 -5.33 -13.64
CA THR C 309 -19.27 -6.18 -14.75
C THR C 309 -18.08 -6.56 -15.60
N VAL C 310 -18.32 -7.42 -16.58
CA VAL C 310 -17.29 -7.81 -17.54
C VAL C 310 -17.97 -7.50 -18.88
N SER C 311 -17.63 -6.35 -19.46
CA SER C 311 -18.21 -5.95 -20.74
C SER C 311 -17.27 -6.39 -21.85
N SER C 312 -17.61 -6.07 -23.10
CA SER C 312 -16.77 -6.49 -24.23
C SER C 312 -15.92 -5.45 -24.96
N ASP C 313 -16.37 -4.20 -24.99
CA ASP C 313 -15.64 -3.15 -25.73
C ASP C 313 -15.54 -3.65 -27.18
N HIS C 314 -16.68 -4.12 -27.67
CA HIS C 314 -16.81 -4.65 -29.03
C HIS C 314 -16.54 -3.65 -30.15
N CYS C 315 -15.60 -4.02 -31.02
CA CYS C 315 -15.23 -3.21 -32.18
C CYS C 315 -15.17 -4.13 -33.39
N SER C 316 -15.21 -3.55 -34.57
CA SER C 316 -15.17 -4.36 -35.78
C SER C 316 -14.28 -3.79 -36.86
N TRP C 317 -12.99 -4.13 -36.81
CA TRP C 317 -12.04 -3.67 -37.80
C TRP C 317 -11.54 -4.90 -38.53
N LEU C 318 -12.04 -5.12 -39.75
CA LEU C 318 -11.66 -6.26 -40.55
C LEU C 318 -10.16 -6.47 -40.49
N PHE C 319 -9.76 -7.73 -40.30
CA PHE C 319 -8.35 -8.03 -40.25
C PHE C 319 -7.76 -7.66 -41.60
N LYS C 320 -8.50 -7.95 -42.66
CA LYS C 320 -8.04 -7.63 -44.01
C LYS C 320 -8.34 -6.18 -44.37
N GLY C 321 -9.61 -5.84 -44.47
CA GLY C 321 -9.92 -4.47 -44.81
C GLY C 321 -9.35 -3.34 -43.97
N HIS C 322 -9.41 -3.46 -42.63
CA HIS C 322 -8.95 -2.38 -41.75
C HIS C 322 -7.60 -2.51 -41.03
N LYS C 323 -7.35 -3.64 -40.38
CA LYS C 323 -6.08 -3.83 -39.67
C LYS C 323 -4.91 -3.65 -40.63
N ASP C 324 -5.16 -3.98 -41.89
CA ASP C 324 -4.16 -3.88 -42.94
C ASP C 324 -3.40 -2.57 -43.01
N ARG C 325 -4.09 -1.45 -42.86
CA ARG C 325 -3.41 -0.17 -42.93
C ARG C 325 -2.54 0.00 -41.69
N GLY C 326 -1.54 -0.86 -41.56
CA GLY C 326 -0.66 -0.79 -40.43
C GLY C 326 0.38 -1.90 -40.47
N ARG C 327 0.46 -2.61 -41.60
CA ARG C 327 1.43 -3.68 -41.75
C ARG C 327 2.84 -3.13 -41.70
N ASN C 328 2.96 -1.81 -41.69
CA ASN C 328 4.26 -1.17 -41.65
C ASN C 328 4.35 -0.09 -40.59
N ASP C 329 3.30 0.01 -39.78
CA ASP C 329 3.26 1.01 -38.72
C ASP C 329 2.11 0.71 -37.77
N PHE C 330 2.43 0.06 -36.66
CA PHE C 330 1.44 -0.32 -35.66
C PHE C 330 0.52 0.84 -35.28
N ARG C 331 1.02 2.07 -35.40
CA ARG C 331 0.22 3.23 -35.04
C ARG C 331 -0.98 3.43 -35.96
N ALA C 332 -0.86 3.00 -37.21
CA ALA C 332 -1.94 3.15 -38.17
C ALA C 332 -3.01 2.06 -38.03
N ILE C 333 -2.71 1.02 -37.27
CA ILE C 333 -3.67 -0.07 -37.05
C ILE C 333 -4.84 0.40 -36.20
N PRO C 334 -6.07 0.40 -36.77
CA PRO C 334 -7.22 0.84 -35.98
C PRO C 334 -7.38 -0.05 -34.74
N ASN C 335 -7.47 0.58 -33.57
CA ASN C 335 -7.59 -0.12 -32.30
C ASN C 335 -8.96 -0.73 -32.05
N GLY C 336 -8.98 -1.95 -31.52
CA GLY C 336 -10.24 -2.60 -31.22
C GLY C 336 -10.34 -4.03 -31.69
N ALA C 337 -11.12 -4.82 -30.96
CA ALA C 337 -11.36 -6.23 -31.28
C ALA C 337 -12.82 -6.58 -31.00
N PRO C 338 -13.35 -7.56 -31.74
CA PRO C 338 -14.74 -8.00 -31.56
C PRO C 338 -14.95 -8.97 -30.41
N GLY C 339 -16.17 -9.03 -29.90
CA GLY C 339 -16.47 -9.94 -28.80
C GLY C 339 -17.85 -9.87 -28.19
N VAL C 340 -18.74 -9.03 -28.73
CA VAL C 340 -20.08 -8.91 -28.16
C VAL C 340 -20.81 -10.26 -28.11
N GLU C 341 -20.53 -11.13 -29.06
CA GLU C 341 -21.19 -12.43 -29.10
C GLU C 341 -20.59 -13.46 -28.16
N GLU C 342 -19.27 -13.50 -28.10
CA GLU C 342 -18.56 -14.45 -27.26
C GLU C 342 -18.54 -14.14 -25.77
N ARG C 343 -18.82 -12.89 -25.41
CA ARG C 343 -18.77 -12.47 -24.02
C ARG C 343 -19.26 -13.47 -22.98
N LEU C 344 -20.56 -13.81 -23.01
CA LEU C 344 -21.10 -14.74 -22.03
C LEU C 344 -20.40 -16.08 -21.98
N MET C 345 -20.26 -16.75 -23.11
CA MET C 345 -19.60 -18.06 -23.12
C MET C 345 -18.23 -17.99 -22.47
N MET C 346 -17.45 -16.98 -22.87
CA MET C 346 -16.10 -16.81 -22.34
C MET C 346 -16.09 -16.57 -20.82
N VAL C 347 -16.94 -15.67 -20.35
CA VAL C 347 -17.01 -15.39 -18.93
C VAL C 347 -17.50 -16.63 -18.19
N TYR C 348 -18.44 -17.34 -18.80
CA TYR C 348 -19.01 -18.55 -18.21
C TYR C 348 -17.97 -19.64 -17.97
N GLN C 349 -16.93 -19.67 -18.80
CA GLN C 349 -15.90 -20.69 -18.62
C GLN C 349 -15.25 -20.51 -17.25
N GLY C 350 -15.38 -19.31 -16.70
CA GLY C 350 -14.81 -19.05 -15.39
C GLY C 350 -15.55 -19.79 -14.29
N VAL C 351 -16.82 -20.08 -14.52
CA VAL C 351 -17.57 -20.79 -13.50
C VAL C 351 -17.17 -22.26 -13.62
N ASN C 352 -16.82 -22.68 -14.83
CA ASN C 352 -16.40 -24.05 -15.07
C ASN C 352 -15.09 -24.34 -14.34
N GLU C 353 -14.23 -23.33 -14.24
CA GLU C 353 -12.94 -23.53 -13.60
C GLU C 353 -12.85 -23.02 -12.17
N GLY C 354 -14.00 -22.85 -11.54
CA GLY C 354 -14.01 -22.38 -10.16
C GLY C 354 -13.49 -20.98 -9.93
N ARG C 355 -13.10 -20.31 -11.02
CA ARG C 355 -12.61 -18.94 -10.92
C ARG C 355 -13.70 -18.04 -10.35
N ILE C 356 -14.93 -18.29 -10.80
CA ILE C 356 -16.07 -17.49 -10.38
C ILE C 356 -17.27 -18.42 -10.16
N SER C 357 -18.21 -18.05 -9.31
CA SER C 357 -19.36 -18.92 -9.07
C SER C 357 -20.44 -18.80 -10.14
N LEU C 358 -21.36 -19.76 -10.17
CA LEU C 358 -22.45 -19.76 -11.14
C LEU C 358 -23.33 -18.54 -10.93
N THR C 359 -23.54 -18.23 -9.67
CA THR C 359 -24.37 -17.11 -9.28
C THR C 359 -23.70 -15.77 -9.59
N GLN C 360 -22.37 -15.71 -9.48
CA GLN C 360 -21.64 -14.48 -9.77
C GLN C 360 -21.65 -14.22 -11.28
N PHE C 361 -21.64 -15.30 -12.06
CA PHE C 361 -21.68 -15.19 -13.51
C PHE C 361 -22.83 -14.26 -13.91
N VAL C 362 -24.02 -14.54 -13.40
CA VAL C 362 -25.19 -13.74 -13.68
C VAL C 362 -25.03 -12.31 -13.16
N GLU C 363 -24.51 -12.18 -11.95
CA GLU C 363 -24.30 -10.85 -11.38
C GLU C 363 -23.46 -9.97 -12.31
N LEU C 364 -22.32 -10.51 -12.72
CA LEU C 364 -21.39 -9.78 -13.58
C LEU C 364 -21.86 -9.60 -15.01
N VAL C 365 -22.40 -10.67 -15.56
CA VAL C 365 -22.85 -10.69 -16.94
C VAL C 365 -24.16 -9.92 -17.21
N ALA C 366 -24.95 -9.68 -16.18
CA ALA C 366 -26.21 -8.99 -16.40
C ALA C 366 -26.82 -8.17 -15.26
N THR C 367 -26.97 -8.77 -14.08
CA THR C 367 -27.61 -8.05 -12.98
C THR C 367 -26.90 -6.84 -12.42
N ARG C 368 -25.60 -6.93 -12.19
CA ARG C 368 -24.88 -5.78 -11.64
C ARG C 368 -24.83 -4.59 -12.60
N PRO C 369 -24.56 -4.83 -13.90
CA PRO C 369 -24.49 -3.76 -14.91
C PRO C 369 -25.82 -3.01 -14.97
N ALA C 370 -26.90 -3.79 -15.02
CA ALA C 370 -28.25 -3.26 -15.07
C ALA C 370 -28.48 -2.32 -13.88
N LYS C 371 -28.03 -2.74 -12.71
CA LYS C 371 -28.18 -1.93 -11.52
C LYS C 371 -27.45 -0.60 -11.66
N VAL C 372 -26.15 -0.67 -11.95
CA VAL C 372 -25.35 0.54 -12.09
C VAL C 372 -25.88 1.53 -13.12
N PHE C 373 -26.16 1.05 -14.33
CA PHE C 373 -26.63 1.93 -15.39
C PHE C 373 -28.15 2.18 -15.49
N GLY C 374 -28.82 2.12 -14.34
CA GLY C 374 -30.24 2.40 -14.24
C GLY C 374 -31.26 1.69 -15.12
N MET C 375 -31.19 0.36 -15.17
CA MET C 375 -32.12 -0.42 -15.97
C MET C 375 -32.71 -1.54 -15.12
N PHE C 376 -32.42 -1.51 -13.82
CA PHE C 376 -32.87 -2.52 -12.87
C PHE C 376 -34.07 -1.98 -12.11
N PRO C 377 -35.09 -2.84 -11.86
CA PRO C 377 -35.16 -4.26 -12.23
C PRO C 377 -35.86 -4.62 -13.55
N GLN C 378 -36.20 -3.61 -14.35
CA GLN C 378 -36.85 -3.89 -15.64
C GLN C 378 -35.98 -4.88 -16.40
N LYS C 379 -34.67 -4.65 -16.35
CA LYS C 379 -33.70 -5.52 -17.01
C LYS C 379 -32.79 -6.06 -15.92
N GLY C 380 -32.00 -7.09 -16.23
CA GLY C 380 -31.08 -7.63 -15.24
C GLY C 380 -31.29 -9.02 -14.68
N THR C 381 -32.43 -9.28 -14.07
CA THR C 381 -32.67 -10.60 -13.49
C THR C 381 -33.86 -11.29 -14.09
N ILE C 382 -34.42 -12.21 -13.31
CA ILE C 382 -35.59 -12.98 -13.68
C ILE C 382 -36.48 -12.98 -12.46
N ALA C 383 -37.42 -12.04 -12.46
CA ALA C 383 -38.37 -11.89 -11.36
C ALA C 383 -39.72 -11.47 -11.96
N VAL C 384 -40.76 -11.48 -11.14
CA VAL C 384 -42.05 -11.08 -11.63
C VAL C 384 -42.02 -9.58 -11.88
N GLY C 385 -42.25 -9.21 -13.13
CA GLY C 385 -42.23 -7.80 -13.49
C GLY C 385 -41.09 -7.49 -14.44
N SER C 386 -40.14 -8.41 -14.52
CA SER C 386 -38.99 -8.23 -15.38
C SER C 386 -39.40 -8.36 -16.85
N ASP C 387 -38.67 -7.69 -17.73
CA ASP C 387 -38.95 -7.85 -19.14
C ASP C 387 -38.56 -9.31 -19.32
N ALA C 388 -39.19 -10.01 -20.23
CA ALA C 388 -38.85 -11.40 -20.42
C ALA C 388 -37.62 -11.54 -21.31
N ASP C 389 -36.50 -11.01 -20.84
CA ASP C 389 -35.23 -11.10 -21.58
C ASP C 389 -34.58 -12.34 -20.96
N ILE C 390 -34.54 -13.43 -21.72
CA ILE C 390 -34.03 -14.68 -21.19
C ILE C 390 -33.07 -15.44 -22.09
N VAL C 391 -32.19 -16.21 -21.46
CA VAL C 391 -31.23 -17.04 -22.18
C VAL C 391 -31.32 -18.44 -21.62
N LEU C 392 -31.54 -19.42 -22.49
CA LEU C 392 -31.62 -20.81 -22.06
C LEU C 392 -30.25 -21.40 -22.34
N TRP C 393 -29.51 -21.64 -21.27
CA TRP C 393 -28.14 -22.14 -21.32
C TRP C 393 -28.00 -23.64 -21.16
N ASP C 394 -27.18 -24.25 -22.00
CA ASP C 394 -26.91 -25.68 -21.95
C ASP C 394 -25.52 -25.81 -21.34
N PRO C 395 -25.44 -26.06 -20.04
CA PRO C 395 -24.14 -26.19 -19.36
C PRO C 395 -23.23 -27.32 -19.84
N GLU C 396 -23.78 -28.34 -20.49
CA GLU C 396 -22.98 -29.46 -20.95
C GLU C 396 -22.51 -29.34 -22.38
N ALA C 397 -23.19 -28.52 -23.17
CA ALA C 397 -22.83 -28.34 -24.57
C ALA C 397 -21.38 -27.89 -24.74
N GLU C 398 -20.62 -28.64 -25.54
CA GLU C 398 -19.22 -28.31 -25.83
C GLU C 398 -19.11 -27.83 -27.25
N MET C 399 -18.18 -26.91 -27.49
CA MET C 399 -18.03 -26.35 -28.83
C MET C 399 -16.74 -25.55 -28.97
N VAL C 400 -16.25 -25.45 -30.20
CA VAL C 400 -15.05 -24.69 -30.48
C VAL C 400 -15.50 -23.40 -31.13
N ILE C 401 -15.04 -22.28 -30.60
CA ILE C 401 -15.42 -21.00 -31.18
C ILE C 401 -14.71 -20.75 -32.50
N GLU C 402 -15.50 -20.65 -33.56
CA GLU C 402 -14.97 -20.40 -34.89
C GLU C 402 -15.76 -19.25 -35.49
N GLN C 403 -15.05 -18.30 -36.10
CA GLN C 403 -15.70 -17.14 -36.69
C GLN C 403 -16.72 -17.55 -37.75
N THR C 404 -16.46 -18.68 -38.41
CA THR C 404 -17.36 -19.17 -39.45
C THR C 404 -18.72 -19.50 -38.85
N ALA C 405 -18.77 -19.69 -37.53
CA ALA C 405 -20.01 -20.02 -36.85
C ALA C 405 -20.60 -18.83 -36.09
N MET C 406 -19.87 -17.71 -36.08
CA MET C 406 -20.36 -16.54 -35.39
C MET C 406 -21.40 -15.84 -36.26
N HIS C 407 -22.06 -14.81 -35.73
CA HIS C 407 -23.12 -14.15 -36.49
C HIS C 407 -23.01 -12.65 -36.79
N ASN C 408 -21.78 -12.13 -36.84
CA ASN C 408 -21.61 -10.71 -37.15
C ASN C 408 -20.93 -10.55 -38.51
N ALA C 409 -20.50 -9.33 -38.83
CA ALA C 409 -19.88 -9.09 -40.13
C ALA C 409 -18.33 -9.07 -40.14
N MET C 410 -17.70 -9.59 -39.10
CA MET C 410 -16.24 -9.61 -39.02
C MET C 410 -15.58 -10.78 -39.73
N ASP C 411 -14.28 -10.63 -40.02
CA ASP C 411 -13.53 -11.68 -40.70
C ASP C 411 -12.67 -12.53 -39.76
N TYR C 412 -12.87 -12.35 -38.46
CA TYR C 412 -12.15 -13.15 -37.46
C TYR C 412 -12.76 -12.99 -36.07
N SER C 413 -12.38 -13.90 -35.18
CA SER C 413 -12.84 -13.87 -33.79
C SER C 413 -11.62 -13.77 -32.87
N SER C 414 -11.77 -13.01 -31.79
CA SER C 414 -10.68 -12.84 -30.83
C SER C 414 -10.45 -14.13 -30.05
N TYR C 415 -11.45 -15.00 -30.11
CA TYR C 415 -11.39 -16.27 -29.39
C TYR C 415 -11.42 -17.46 -30.34
N GLU C 416 -10.89 -17.27 -31.53
CA GLU C 416 -10.85 -18.33 -32.52
C GLU C 416 -10.07 -19.50 -31.96
N GLY C 417 -10.66 -20.68 -31.99
CA GLY C 417 -9.99 -21.87 -31.49
C GLY C 417 -10.29 -22.27 -30.05
N HIS C 418 -10.87 -21.39 -29.26
CA HIS C 418 -11.16 -21.72 -27.87
C HIS C 418 -12.27 -22.76 -27.72
N LYS C 419 -12.01 -23.78 -26.91
CA LYS C 419 -13.00 -24.82 -26.65
C LYS C 419 -13.79 -24.36 -25.44
N VAL C 420 -15.11 -24.39 -25.55
CA VAL C 420 -15.95 -23.95 -24.44
C VAL C 420 -16.98 -25.00 -24.05
N LYS C 421 -17.42 -24.91 -22.80
CA LYS C 421 -18.43 -25.81 -22.27
C LYS C 421 -19.51 -24.89 -21.70
N GLY C 422 -20.70 -24.94 -22.30
CA GLY C 422 -21.78 -24.08 -21.86
C GLY C 422 -22.07 -23.10 -22.98
N VAL C 423 -23.16 -23.33 -23.70
CA VAL C 423 -23.53 -22.49 -24.84
C VAL C 423 -24.96 -21.96 -24.77
N PRO C 424 -25.19 -20.72 -25.29
CA PRO C 424 -26.53 -20.13 -25.29
C PRO C 424 -27.31 -20.89 -26.35
N LYS C 425 -28.54 -21.30 -26.04
CA LYS C 425 -29.32 -22.06 -27.02
C LYS C 425 -30.48 -21.30 -27.65
N THR C 426 -31.37 -20.79 -26.82
CA THR C 426 -32.49 -20.02 -27.35
C THR C 426 -32.61 -18.77 -26.50
N VAL C 427 -32.89 -17.63 -27.15
CA VAL C 427 -32.99 -16.35 -26.48
C VAL C 427 -34.33 -15.64 -26.67
N LEU C 428 -34.81 -15.01 -25.61
CA LEU C 428 -36.07 -14.28 -25.64
C LEU C 428 -35.84 -12.82 -25.29
N LEU C 429 -36.46 -11.93 -26.07
CA LEU C 429 -36.36 -10.49 -25.85
C LEU C 429 -37.75 -10.01 -25.52
N ARG C 430 -37.97 -9.60 -24.28
CA ARG C 430 -39.29 -9.16 -23.88
C ARG C 430 -40.39 -10.12 -24.36
N GLY C 431 -40.19 -11.40 -24.10
CA GLY C 431 -41.18 -12.39 -24.47
C GLY C 431 -41.05 -13.03 -25.83
N LYS C 432 -40.47 -12.33 -26.79
CA LYS C 432 -40.34 -12.91 -28.13
C LYS C 432 -39.10 -13.77 -28.26
N VAL C 433 -39.25 -14.94 -28.87
CA VAL C 433 -38.12 -15.83 -29.09
C VAL C 433 -37.38 -15.25 -30.29
N ILE C 434 -36.14 -14.80 -30.09
CA ILE C 434 -35.37 -14.23 -31.19
C ILE C 434 -34.25 -15.15 -31.63
N VAL C 435 -33.92 -16.12 -30.81
CA VAL C 435 -32.89 -17.10 -31.17
C VAL C 435 -33.51 -18.42 -30.72
N ASP C 436 -33.63 -19.36 -31.65
CA ASP C 436 -34.23 -20.65 -31.34
C ASP C 436 -33.20 -21.73 -31.62
N GLU C 437 -32.86 -22.50 -30.59
CA GLU C 437 -31.87 -23.56 -30.72
C GLU C 437 -30.68 -23.20 -31.61
N GLY C 438 -30.16 -21.98 -31.46
CA GLY C 438 -29.01 -21.56 -32.23
C GLY C 438 -29.24 -20.77 -33.50
N SER C 439 -30.48 -20.64 -33.94
CA SER C 439 -30.76 -19.90 -35.16
C SER C 439 -31.46 -18.57 -34.89
N TYR C 440 -30.90 -17.50 -35.44
CA TYR C 440 -31.51 -16.20 -35.25
C TYR C 440 -32.86 -16.22 -35.97
N VAL C 441 -33.92 -15.89 -35.24
CA VAL C 441 -35.26 -15.89 -35.83
C VAL C 441 -36.03 -14.63 -35.47
N GLY C 442 -35.31 -13.53 -35.24
CA GLY C 442 -35.96 -12.28 -34.89
C GLY C 442 -36.03 -11.31 -36.05
N GLU C 443 -36.43 -10.09 -35.75
CA GLU C 443 -36.57 -9.01 -36.74
C GLU C 443 -35.74 -7.81 -36.29
N PRO C 444 -35.05 -7.14 -37.24
CA PRO C 444 -34.24 -5.97 -36.89
C PRO C 444 -35.11 -4.85 -36.31
N THR C 445 -36.40 -5.12 -36.25
CA THR C 445 -37.36 -4.15 -35.74
C THR C 445 -37.72 -4.45 -34.29
N ASP C 446 -37.21 -5.55 -33.74
CA ASP C 446 -37.51 -5.95 -32.37
C ASP C 446 -36.90 -5.05 -31.29
N GLY C 447 -35.63 -4.68 -31.47
CA GLY C 447 -34.94 -3.86 -30.49
C GLY C 447 -35.49 -2.47 -30.26
N LYS C 448 -35.55 -2.06 -28.99
CA LYS C 448 -36.05 -0.74 -28.65
C LYS C 448 -35.06 0.01 -27.76
N PHE C 449 -35.11 1.33 -27.86
CA PHE C 449 -34.24 2.18 -27.06
C PHE C 449 -34.70 2.18 -25.61
N LEU C 450 -33.76 2.34 -24.68
CA LEU C 450 -34.08 2.34 -23.25
C LEU C 450 -33.71 3.64 -22.57
N LYS C 451 -34.70 4.33 -22.02
CA LYS C 451 -34.42 5.56 -21.30
C LYS C 451 -33.93 5.07 -19.95
N ARG C 452 -32.62 5.14 -19.73
CA ARG C 452 -32.02 4.67 -18.49
C ARG C 452 -32.19 5.68 -17.37
N ARG C 453 -32.22 5.18 -16.14
CA ARG C 453 -32.41 5.99 -14.95
C ARG C 453 -31.15 6.73 -14.52
N LYS C 454 -31.34 7.78 -13.73
CA LYS C 454 -30.24 8.62 -13.24
C LYS C 454 -29.34 8.00 -12.18
N TYR C 455 -28.86 8.89 -11.30
CA TYR C 455 -27.98 8.63 -10.16
C TYR C 455 -27.30 7.28 -10.14
N LYS C 456 -26.28 7.14 -10.98
CA LYS C 456 -25.54 5.89 -11.04
C LYS C 456 -24.39 5.97 -10.05
N GLN C 457 -23.96 4.82 -9.57
CA GLN C 457 -22.88 4.76 -8.59
C GLN C 457 -22.61 3.30 -8.22
N MET D 1 -52.71 -24.34 -1.41
CA MET D 1 -51.84 -23.19 -1.04
C MET D 1 -52.03 -22.84 0.44
N ASP D 2 -51.02 -23.12 1.27
CA ASP D 2 -51.11 -22.85 2.70
C ASP D 2 -51.20 -21.36 3.01
N ILE D 3 -50.37 -20.57 2.32
CA ILE D 3 -50.37 -19.13 2.54
C ILE D 3 -50.09 -18.36 1.26
N ILE D 4 -50.68 -17.17 1.18
CA ILE D 4 -50.48 -16.28 0.05
C ILE D 4 -50.16 -14.90 0.59
N ILE D 5 -49.07 -14.32 0.11
CA ILE D 5 -48.69 -12.97 0.53
C ILE D 5 -48.91 -12.10 -0.70
N LYS D 6 -49.86 -11.18 -0.58
CA LYS D 6 -50.23 -10.30 -1.70
C LYS D 6 -49.98 -8.82 -1.46
N ASN D 7 -49.91 -8.08 -2.57
CA ASN D 7 -49.72 -6.63 -2.54
C ASN D 7 -48.39 -6.15 -2.00
N GLY D 8 -47.42 -7.04 -1.92
CA GLY D 8 -46.13 -6.63 -1.40
C GLY D 8 -45.09 -6.51 -2.51
N THR D 9 -43.97 -5.92 -2.15
CA THR D 9 -42.87 -5.75 -3.09
C THR D 9 -41.77 -6.72 -2.68
N ILE D 10 -41.59 -7.77 -3.47
CA ILE D 10 -40.56 -8.76 -3.19
C ILE D 10 -39.18 -8.18 -3.49
N VAL D 11 -38.37 -8.06 -2.44
CA VAL D 11 -37.03 -7.53 -2.58
C VAL D 11 -35.98 -8.58 -2.26
N THR D 12 -35.34 -9.11 -3.29
CA THR D 12 -34.27 -10.08 -3.09
C THR D 12 -32.99 -9.31 -3.40
N ALA D 13 -31.84 -9.96 -3.29
CA ALA D 13 -30.58 -9.26 -3.54
C ALA D 13 -30.47 -8.84 -4.99
N ASP D 14 -31.11 -9.58 -5.89
CA ASP D 14 -31.06 -9.24 -7.30
C ASP D 14 -32.42 -9.18 -8.00
N GLY D 15 -33.34 -8.47 -7.36
CA GLY D 15 -34.66 -8.32 -7.91
C GLY D 15 -35.57 -7.50 -7.03
N ILE D 16 -36.46 -6.74 -7.68
CA ILE D 16 -37.43 -5.92 -6.98
C ILE D 16 -38.67 -6.02 -7.84
N SER D 17 -39.69 -6.73 -7.36
CA SER D 17 -40.90 -6.87 -8.13
C SER D 17 -42.17 -6.92 -7.30
N ARG D 18 -43.19 -6.19 -7.76
CA ARG D 18 -44.47 -6.21 -7.06
C ARG D 18 -45.20 -7.42 -7.61
N ALA D 19 -45.32 -8.44 -6.76
CA ALA D 19 -45.99 -9.67 -7.14
C ALA D 19 -46.47 -10.34 -5.88
N ASP D 20 -47.29 -11.37 -6.05
CA ASP D 20 -47.83 -12.11 -4.94
C ASP D 20 -47.10 -13.44 -4.82
N LEU D 21 -47.05 -13.96 -3.59
CA LEU D 21 -46.38 -15.22 -3.30
C LEU D 21 -47.32 -16.35 -2.93
N GLY D 22 -46.92 -17.56 -3.28
CA GLY D 22 -47.70 -18.74 -2.95
C GLY D 22 -46.83 -19.73 -2.18
N ILE D 23 -47.15 -19.93 -0.90
CA ILE D 23 -46.39 -20.85 -0.05
C ILE D 23 -47.14 -22.16 0.17
N LYS D 24 -46.43 -23.28 -0.04
CA LYS D 24 -47.03 -24.60 0.12
C LYS D 24 -46.06 -25.60 0.73
N ASP D 25 -46.38 -26.07 1.94
CA ASP D 25 -45.55 -27.04 2.64
C ASP D 25 -44.17 -26.49 3.00
N GLY D 26 -44.18 -25.33 3.64
CA GLY D 26 -42.94 -24.70 4.06
C GLY D 26 -42.08 -24.12 2.96
N LYS D 27 -42.53 -24.21 1.72
CA LYS D 27 -41.76 -23.67 0.61
C LYS D 27 -42.51 -22.69 -0.28
N ILE D 28 -41.77 -21.86 -0.99
CA ILE D 28 -42.37 -20.91 -1.91
C ILE D 28 -42.54 -21.69 -3.21
N THR D 29 -43.80 -21.90 -3.59
CA THR D 29 -44.10 -22.67 -4.78
C THR D 29 -44.45 -21.87 -6.03
N GLN D 30 -44.96 -20.66 -5.85
CA GLN D 30 -45.32 -19.82 -6.99
C GLN D 30 -45.25 -18.33 -6.71
N ILE D 31 -44.75 -17.59 -7.71
CA ILE D 31 -44.64 -16.14 -7.62
C ILE D 31 -45.31 -15.54 -8.85
N GLY D 32 -46.28 -14.67 -8.61
CA GLY D 32 -47.00 -14.04 -9.71
C GLY D 32 -48.02 -14.97 -10.34
N GLY D 33 -48.93 -14.41 -11.13
CA GLY D 33 -49.94 -15.22 -11.77
C GLY D 33 -51.16 -15.49 -10.91
N ALA D 34 -51.94 -16.50 -11.31
CA ALA D 34 -53.14 -16.89 -10.58
C ALA D 34 -52.75 -17.84 -9.44
N LEU D 35 -52.91 -17.37 -8.21
CA LEU D 35 -52.56 -18.18 -7.05
C LEU D 35 -53.62 -19.15 -6.56
N GLY D 36 -54.89 -18.75 -6.62
CA GLY D 36 -55.94 -19.64 -6.18
C GLY D 36 -56.30 -19.46 -4.72
N PRO D 37 -56.97 -20.45 -4.11
CA PRO D 37 -57.40 -20.42 -2.70
C PRO D 37 -56.23 -20.69 -1.76
N ALA D 38 -56.34 -20.19 -0.53
CA ALA D 38 -55.30 -20.39 0.46
C ALA D 38 -55.81 -20.31 1.90
N GLU D 39 -55.33 -21.24 2.72
CA GLU D 39 -55.70 -21.28 4.13
C GLU D 39 -55.70 -19.89 4.70
N ARG D 40 -54.59 -19.18 4.52
CA ARG D 40 -54.48 -17.82 5.01
C ARG D 40 -53.89 -16.92 3.95
N THR D 41 -54.24 -15.65 4.01
CA THR D 41 -53.74 -14.66 3.07
C THR D 41 -53.25 -13.48 3.87
N ILE D 42 -52.03 -13.04 3.57
CA ILE D 42 -51.46 -11.91 4.27
C ILE D 42 -51.36 -10.74 3.31
N ASP D 43 -51.76 -9.57 3.79
CA ASP D 43 -51.73 -8.36 2.99
C ASP D 43 -50.44 -7.58 3.25
N ALA D 44 -49.48 -7.72 2.35
CA ALA D 44 -48.19 -7.03 2.49
C ALA D 44 -48.20 -5.65 1.82
N ALA D 45 -49.40 -5.11 1.64
CA ALA D 45 -49.54 -3.79 1.01
C ALA D 45 -48.62 -2.77 1.66
N GLY D 46 -47.91 -2.00 0.83
CA GLY D 46 -47.02 -0.97 1.34
C GLY D 46 -45.83 -1.52 2.11
N ARG D 47 -45.57 -2.81 1.98
CA ARG D 47 -44.45 -3.44 2.68
C ARG D 47 -43.53 -4.23 1.77
N TYR D 48 -42.31 -4.43 2.24
CA TYR D 48 -41.33 -5.20 1.49
C TYR D 48 -41.41 -6.65 1.94
N VAL D 49 -41.17 -7.57 1.00
CA VAL D 49 -41.16 -8.99 1.32
C VAL D 49 -39.71 -9.42 1.16
N PHE D 50 -38.97 -9.39 2.26
CA PHE D 50 -37.55 -9.75 2.28
C PHE D 50 -37.30 -11.21 2.66
N PRO D 51 -36.16 -11.77 2.25
CA PRO D 51 -35.85 -13.16 2.62
C PRO D 51 -35.57 -13.06 4.12
N GLY D 52 -35.73 -14.14 4.87
CA GLY D 52 -35.47 -14.07 6.30
C GLY D 52 -34.02 -13.81 6.64
N GLY D 53 -33.77 -12.99 7.67
CA GLY D 53 -32.41 -12.69 8.07
C GLY D 53 -31.62 -13.94 8.44
N ILE D 54 -30.32 -13.90 8.21
CA ILE D 54 -29.45 -15.03 8.54
C ILE D 54 -28.21 -14.53 9.27
N ASP D 55 -28.17 -14.79 10.58
CA ASP D 55 -27.06 -14.34 11.41
C ASP D 55 -26.04 -15.46 11.66
N VAL D 56 -24.94 -15.46 10.92
CA VAL D 56 -23.93 -16.49 11.06
C VAL D 56 -22.92 -16.27 12.18
N HIS D 57 -23.21 -15.38 13.12
CA HIS D 57 -22.27 -15.15 14.22
C HIS D 57 -23.00 -14.87 15.53
N THR D 58 -23.43 -15.94 16.20
CA THR D 58 -24.13 -15.82 17.47
C THR D 58 -23.55 -16.72 18.56
N HIS D 59 -23.77 -16.30 19.80
CA HIS D 59 -23.35 -17.03 20.99
C HIS D 59 -24.59 -17.00 21.86
N VAL D 60 -25.64 -17.59 21.31
CA VAL D 60 -26.97 -17.67 21.92
C VAL D 60 -27.00 -18.13 23.38
N GLU D 61 -26.26 -19.19 23.70
CA GLU D 61 -26.20 -19.74 25.06
C GLU D 61 -24.75 -20.04 25.40
N THR D 62 -24.24 -19.38 26.43
CA THR D 62 -22.84 -19.57 26.81
C THR D 62 -22.59 -19.62 28.31
N VAL D 63 -21.46 -20.22 28.68
CA VAL D 63 -21.04 -20.32 30.08
C VAL D 63 -19.59 -19.83 30.16
N SER D 64 -19.40 -18.63 30.72
CA SER D 64 -18.07 -18.04 30.87
C SER D 64 -17.67 -17.85 32.33
N PHE D 65 -16.62 -18.58 32.73
CA PHE D 65 -16.11 -18.53 34.09
C PHE D 65 -17.20 -18.93 35.08
N ASN D 66 -17.62 -20.19 34.97
CA ASN D 66 -18.64 -20.77 35.86
C ASN D 66 -20.03 -20.13 35.80
N THR D 67 -20.12 -18.90 35.32
CA THR D 67 -21.41 -18.21 35.21
C THR D 67 -22.04 -18.41 33.82
N GLN D 68 -23.36 -18.37 33.75
CA GLN D 68 -24.07 -18.55 32.49
C GLN D 68 -24.61 -17.26 31.91
N SER D 69 -24.79 -17.25 30.59
CA SER D 69 -25.31 -16.09 29.89
C SER D 69 -26.79 -15.89 30.18
N ALA D 70 -27.22 -14.63 30.17
CA ALA D 70 -28.61 -14.28 30.43
C ALA D 70 -29.56 -14.96 29.44
N ASP D 71 -29.18 -14.98 28.16
CA ASP D 71 -30.01 -15.60 27.13
C ASP D 71 -29.72 -17.08 27.00
N THR D 72 -30.72 -17.80 26.54
CA THR D 72 -30.61 -19.23 26.29
C THR D 72 -30.95 -19.41 24.82
N PHE D 73 -30.82 -20.62 24.32
CA PHE D 73 -31.13 -20.87 22.92
C PHE D 73 -32.59 -20.48 22.63
N ALA D 74 -33.45 -20.58 23.64
CA ALA D 74 -34.86 -20.25 23.50
C ALA D 74 -35.14 -18.75 23.52
N THR D 75 -34.61 -18.05 24.52
CA THR D 75 -34.83 -16.61 24.63
C THR D 75 -34.21 -15.83 23.48
N ALA D 76 -33.07 -16.30 22.99
CA ALA D 76 -32.39 -15.60 21.90
C ALA D 76 -33.11 -15.78 20.56
N THR D 77 -33.39 -17.02 20.19
CA THR D 77 -34.07 -17.30 18.92
C THR D 77 -35.41 -16.59 18.83
N VAL D 78 -36.07 -16.38 19.96
CA VAL D 78 -37.35 -15.69 19.92
C VAL D 78 -37.07 -14.23 19.56
N ALA D 79 -36.04 -13.65 20.15
CA ALA D 79 -35.68 -12.26 19.87
C ALA D 79 -35.25 -12.17 18.40
N ALA D 80 -34.50 -13.16 17.95
CA ALA D 80 -34.06 -13.19 16.57
C ALA D 80 -35.25 -13.09 15.62
N ALA D 81 -36.27 -13.91 15.87
CA ALA D 81 -37.46 -13.93 15.04
C ALA D 81 -38.14 -12.56 15.03
N CYS D 82 -38.30 -11.98 16.22
CA CYS D 82 -38.94 -10.68 16.32
C CYS D 82 -38.11 -9.61 15.61
N GLY D 83 -36.85 -9.94 15.32
CA GLY D 83 -35.98 -9.00 14.65
C GLY D 83 -35.87 -9.27 13.16
N GLY D 84 -36.62 -10.24 12.67
CA GLY D 84 -36.59 -10.56 11.26
C GLY D 84 -35.56 -11.58 10.84
N THR D 85 -34.92 -12.23 11.82
CA THR D 85 -33.91 -13.25 11.50
C THR D 85 -34.48 -14.65 11.71
N THR D 86 -34.47 -15.44 10.65
CA THR D 86 -35.03 -16.80 10.69
C THR D 86 -34.02 -17.95 10.75
N THR D 87 -32.76 -17.68 10.48
CA THR D 87 -31.74 -18.72 10.57
C THR D 87 -30.57 -18.16 11.34
N ILE D 88 -29.88 -19.03 12.05
CA ILE D 88 -28.77 -18.60 12.86
C ILE D 88 -27.73 -19.70 12.84
N VAL D 89 -26.45 -19.33 12.97
CA VAL D 89 -25.41 -20.34 13.01
C VAL D 89 -24.64 -19.99 14.27
N ASP D 90 -24.93 -20.74 15.33
CA ASP D 90 -24.32 -20.52 16.63
C ASP D 90 -22.95 -21.20 16.69
N PHE D 91 -22.11 -20.68 17.58
CA PHE D 91 -20.78 -21.23 17.76
C PHE D 91 -20.80 -22.31 18.83
N CYS D 92 -20.77 -23.56 18.40
CA CYS D 92 -20.75 -24.70 19.30
C CYS D 92 -19.36 -24.73 19.90
N GLN D 93 -19.28 -24.52 21.22
CA GLN D 93 -17.99 -24.47 21.89
C GLN D 93 -17.52 -25.74 22.60
N GLN D 94 -16.33 -26.21 22.22
CA GLN D 94 -15.73 -27.40 22.82
C GLN D 94 -15.31 -27.06 24.25
N ASP D 95 -15.30 -28.08 25.11
CA ASP D 95 -14.88 -27.91 26.49
C ASP D 95 -13.51 -28.53 26.60
N ARG D 96 -12.58 -27.85 27.26
CA ARG D 96 -11.23 -28.37 27.39
C ARG D 96 -11.23 -29.80 27.96
N GLY D 97 -10.52 -30.69 27.29
CA GLY D 97 -10.47 -32.06 27.76
C GLY D 97 -11.55 -32.95 27.21
N HIS D 98 -12.52 -32.37 26.51
CA HIS D 98 -13.61 -33.13 25.93
C HIS D 98 -13.56 -33.14 24.40
N SER D 99 -14.31 -34.04 23.77
CA SER D 99 -14.34 -34.16 22.32
C SER D 99 -15.24 -33.14 21.63
N LEU D 100 -15.16 -33.10 20.30
CA LEU D 100 -16.01 -32.19 19.54
C LEU D 100 -17.42 -32.77 19.58
N ALA D 101 -17.51 -34.08 19.35
CA ALA D 101 -18.80 -34.75 19.40
C ALA D 101 -19.49 -34.43 20.72
N GLU D 102 -18.76 -34.58 21.84
CA GLU D 102 -19.33 -34.29 23.16
C GLU D 102 -19.94 -32.89 23.12
N ALA D 103 -19.28 -31.98 22.42
CA ALA D 103 -19.71 -30.58 22.29
C ALA D 103 -20.98 -30.44 21.46
N VAL D 104 -21.00 -31.11 20.32
CA VAL D 104 -22.17 -31.05 19.45
C VAL D 104 -23.38 -31.58 20.22
N ALA D 105 -23.20 -32.73 20.86
CA ALA D 105 -24.26 -33.36 21.63
C ALA D 105 -24.78 -32.37 22.67
N LYS D 106 -23.86 -31.67 23.32
CA LYS D 106 -24.24 -30.70 24.34
C LYS D 106 -25.07 -29.58 23.72
N TRP D 107 -24.68 -29.17 22.51
CA TRP D 107 -25.40 -28.11 21.81
C TRP D 107 -26.79 -28.59 21.45
N ASP D 108 -26.88 -29.79 20.88
CA ASP D 108 -28.20 -30.33 20.53
C ASP D 108 -29.09 -30.30 21.77
N GLY D 109 -28.52 -30.58 22.94
CA GLY D 109 -29.31 -30.56 24.14
C GLY D 109 -29.91 -29.18 24.36
N MET D 110 -29.13 -28.15 24.09
CA MET D 110 -29.60 -26.78 24.26
C MET D 110 -30.56 -26.29 23.18
N ALA D 111 -30.31 -26.69 21.94
CA ALA D 111 -31.15 -26.24 20.83
C ALA D 111 -32.40 -27.10 20.59
N GLY D 112 -32.19 -28.41 20.46
CA GLY D 112 -33.29 -29.32 20.22
C GLY D 112 -34.60 -29.01 20.93
N GLY D 113 -35.65 -28.84 20.15
CA GLY D 113 -36.96 -28.53 20.70
C GLY D 113 -37.07 -27.23 21.45
N LYS D 114 -36.09 -26.34 21.31
CA LYS D 114 -36.14 -25.07 22.04
C LYS D 114 -35.89 -23.82 21.20
N SER D 115 -35.46 -24.01 19.95
CA SER D 115 -35.19 -22.90 19.04
C SER D 115 -36.42 -22.41 18.30
N ALA D 116 -36.73 -21.12 18.43
CA ALA D 116 -37.88 -20.55 17.75
C ALA D 116 -37.63 -20.54 16.23
N ILE D 117 -36.36 -20.49 15.83
CA ILE D 117 -35.98 -20.46 14.41
C ILE D 117 -34.94 -21.52 14.11
N ASP D 118 -34.68 -21.72 12.81
CA ASP D 118 -33.71 -22.72 12.37
C ASP D 118 -32.28 -22.33 12.75
N TYR D 119 -31.41 -23.33 12.87
CA TYR D 119 -30.04 -23.08 13.28
C TYR D 119 -29.03 -24.12 12.80
N GLY D 120 -27.79 -23.67 12.64
CA GLY D 120 -26.70 -24.54 12.20
C GLY D 120 -25.60 -24.33 13.23
N TYR D 121 -24.48 -25.06 13.11
CA TYR D 121 -23.39 -24.89 14.09
C TYR D 121 -22.04 -24.64 13.46
N HIS D 122 -21.23 -23.85 14.16
CA HIS D 122 -19.84 -23.62 13.76
C HIS D 122 -19.18 -24.38 14.90
N ILE D 123 -18.04 -25.01 14.66
CA ILE D 123 -17.40 -25.72 15.76
C ILE D 123 -16.14 -24.99 16.22
N ILE D 124 -16.10 -24.64 17.50
CA ILE D 124 -14.93 -23.97 18.07
C ILE D 124 -13.97 -25.01 18.59
N VAL D 125 -12.72 -24.93 18.14
CA VAL D 125 -11.69 -25.86 18.59
C VAL D 125 -10.72 -25.10 19.51
N LEU D 126 -10.84 -25.31 20.82
CA LEU D 126 -9.95 -24.66 21.76
C LEU D 126 -9.04 -25.63 22.54
N ASP D 127 -9.05 -26.89 22.15
CA ASP D 127 -8.22 -27.91 22.79
C ASP D 127 -7.84 -28.89 21.70
N PRO D 128 -6.94 -28.46 20.80
CA PRO D 128 -6.39 -29.16 19.63
C PRO D 128 -5.68 -30.50 19.86
N THR D 129 -6.38 -31.43 20.51
CA THR D 129 -5.81 -32.75 20.76
C THR D 129 -5.68 -33.48 19.45
N ASP D 130 -4.74 -34.42 19.37
CA ASP D 130 -4.56 -35.20 18.16
C ASP D 130 -5.90 -35.78 17.73
N SER D 131 -6.62 -36.36 18.69
CA SER D 131 -7.91 -36.96 18.39
C SER D 131 -8.93 -35.88 18.01
N VAL D 132 -8.94 -34.78 18.75
CA VAL D 132 -9.86 -33.68 18.48
C VAL D 132 -9.70 -33.21 17.05
N ILE D 133 -8.46 -32.95 16.66
CA ILE D 133 -8.18 -32.49 15.31
C ILE D 133 -8.61 -33.53 14.28
N GLU D 134 -8.48 -34.80 14.65
CA GLU D 134 -8.87 -35.86 13.75
C GLU D 134 -10.41 -35.89 13.59
N GLU D 135 -11.12 -35.30 14.54
CA GLU D 135 -12.57 -35.25 14.48
C GLU D 135 -13.05 -34.32 13.37
N LEU D 136 -12.20 -33.37 12.99
CA LEU D 136 -12.56 -32.43 11.93
C LEU D 136 -12.78 -33.18 10.62
N GLU D 137 -12.39 -34.45 10.61
CA GLU D 137 -12.56 -35.28 9.42
C GLU D 137 -13.97 -35.87 9.45
N VAL D 138 -14.65 -35.69 10.58
CA VAL D 138 -15.99 -36.23 10.77
C VAL D 138 -17.13 -35.20 10.80
N LEU D 139 -16.99 -34.17 11.63
CA LEU D 139 -18.02 -33.14 11.74
C LEU D 139 -18.62 -32.65 10.42
N PRO D 140 -17.78 -32.43 9.40
CA PRO D 140 -18.31 -31.95 8.11
C PRO D 140 -19.50 -32.76 7.62
N ASP D 141 -19.38 -34.09 7.62
CA ASP D 141 -20.48 -34.94 7.17
C ASP D 141 -21.73 -34.88 8.05
N LEU D 142 -21.62 -34.24 9.20
CA LEU D 142 -22.76 -34.10 10.09
C LEU D 142 -23.44 -32.77 9.77
N GLY D 143 -22.82 -31.98 8.89
CA GLY D 143 -23.37 -30.70 8.52
C GLY D 143 -22.70 -29.53 9.23
N ILE D 144 -21.55 -29.78 9.86
CA ILE D 144 -20.80 -28.74 10.55
C ILE D 144 -19.56 -28.56 9.66
N THR D 145 -19.61 -27.58 8.77
CA THR D 145 -18.52 -27.37 7.83
C THR D 145 -17.67 -26.11 8.03
N SER D 146 -17.64 -25.60 9.25
CA SER D 146 -16.84 -24.43 9.52
C SER D 146 -16.20 -24.51 10.90
N PHE D 147 -14.86 -24.49 10.92
CA PHE D 147 -14.10 -24.59 12.16
C PHE D 147 -13.62 -23.22 12.61
N KCX D 148 -13.86 -22.93 13.88
CA KCX D 148 -13.47 -21.64 14.44
CB KCX D 148 -14.72 -20.94 14.97
CG KCX D 148 -14.42 -19.98 16.07
CD KCX D 148 -13.97 -18.64 15.55
CE KCX D 148 -15.06 -17.72 15.91
NZ KCX D 148 -14.59 -16.52 16.54
C KCX D 148 -12.40 -21.75 15.54
O KCX D 148 -12.53 -22.54 16.47
CX KCX D 148 -15.32 -15.71 17.33
OQ1 KCX D 148 -14.70 -14.70 17.77
OQ2 KCX D 148 -16.55 -15.97 17.57
N VAL D 149 -11.36 -20.90 15.44
CA VAL D 149 -10.28 -20.87 16.43
C VAL D 149 -10.02 -19.44 16.90
N PHE D 150 -9.40 -19.31 18.08
CA PHE D 150 -9.10 -18.00 18.64
C PHE D 150 -7.60 -17.73 18.75
N MET D 151 -7.19 -16.51 18.42
CA MET D 151 -5.79 -16.11 18.49
C MET D 151 -5.53 -15.30 19.75
N ALA D 152 -6.59 -15.04 20.52
CA ALA D 152 -6.50 -14.28 21.76
C ALA D 152 -7.18 -15.08 22.86
N TYR D 153 -7.26 -14.48 24.06
CA TYR D 153 -7.85 -15.11 25.24
C TYR D 153 -6.98 -16.25 25.78
N ARG D 154 -5.85 -15.87 26.37
CA ARG D 154 -4.89 -16.81 26.92
C ARG D 154 -5.54 -17.74 27.94
N GLY D 155 -5.16 -19.01 27.92
CA GLY D 155 -5.70 -19.97 28.86
C GLY D 155 -7.22 -20.01 28.92
N MET D 156 -7.86 -19.90 27.76
CA MET D 156 -9.31 -19.94 27.69
C MET D 156 -9.73 -20.40 26.30
N ASN D 157 -9.33 -19.66 25.27
CA ASN D 157 -9.67 -20.01 23.89
C ASN D 157 -8.46 -20.05 22.96
N MET D 158 -7.44 -19.27 23.29
CA MET D 158 -6.24 -19.16 22.46
C MET D 158 -5.51 -20.43 22.06
N ILE D 159 -5.24 -20.53 20.76
CA ILE D 159 -4.49 -21.65 20.20
C ILE D 159 -3.32 -20.98 19.46
N ASP D 160 -2.38 -21.75 18.95
CA ASP D 160 -1.22 -21.17 18.28
C ASP D 160 -1.18 -21.39 16.77
N ASP D 161 -0.15 -20.86 16.12
CA ASP D 161 0.00 -20.99 14.68
C ASP D 161 0.06 -22.45 14.28
N VAL D 162 0.68 -23.28 15.12
CA VAL D 162 0.78 -24.72 14.83
C VAL D 162 -0.62 -25.31 14.73
N THR D 163 -1.48 -24.90 15.67
CA THR D 163 -2.86 -25.36 15.70
C THR D 163 -3.60 -24.86 14.47
N LEU D 164 -3.58 -23.53 14.27
CA LEU D 164 -4.23 -22.89 13.13
C LEU D 164 -3.83 -23.56 11.81
N LEU D 165 -2.54 -23.84 11.65
CA LEU D 165 -2.06 -24.50 10.45
C LEU D 165 -2.65 -25.91 10.33
N LYS D 166 -2.79 -26.61 11.45
CA LYS D 166 -3.35 -27.95 11.43
C LYS D 166 -4.82 -27.89 11.09
N THR D 167 -5.50 -26.87 11.63
CA THR D 167 -6.92 -26.66 11.37
C THR D 167 -7.11 -26.27 9.90
N LEU D 168 -6.29 -25.34 9.41
CA LEU D 168 -6.39 -24.93 8.00
C LEU D 168 -6.20 -26.14 7.11
N ASP D 169 -5.27 -27.00 7.51
CA ASP D 169 -4.98 -28.20 6.72
C ASP D 169 -6.14 -29.20 6.70
N LYS D 170 -6.78 -29.41 7.86
CA LYS D 170 -7.91 -30.32 7.95
C LYS D 170 -9.11 -29.78 7.15
N ALA D 171 -9.30 -28.47 7.21
CA ALA D 171 -10.40 -27.82 6.49
C ALA D 171 -10.26 -28.02 4.99
N VAL D 172 -9.03 -27.92 4.47
CA VAL D 172 -8.82 -28.11 3.06
C VAL D 172 -9.14 -29.54 2.65
N LYS D 173 -8.79 -30.50 3.50
CA LYS D 173 -9.04 -31.90 3.20
C LYS D 173 -10.51 -32.28 3.28
N THR D 174 -11.24 -31.64 4.20
CA THR D 174 -12.66 -31.95 4.38
C THR D 174 -13.57 -30.93 3.70
N GLY D 175 -12.98 -30.03 2.93
CA GLY D 175 -13.76 -29.01 2.25
C GLY D 175 -14.50 -28.13 3.24
N SER D 176 -13.82 -27.70 4.30
CA SER D 176 -14.43 -26.83 5.29
C SER D 176 -13.81 -25.45 5.27
N LEU D 177 -14.40 -24.53 6.04
CA LEU D 177 -13.92 -23.17 6.11
C LEU D 177 -13.46 -22.80 7.52
N VAL D 178 -12.22 -22.36 7.65
CA VAL D 178 -11.71 -21.96 8.94
C VAL D 178 -12.08 -20.50 9.25
N MET D 179 -12.61 -20.26 10.43
CA MET D 179 -12.99 -18.94 10.87
C MET D 179 -12.02 -18.57 11.99
N VAL D 180 -11.69 -17.29 12.14
CA VAL D 180 -10.75 -16.93 13.19
C VAL D 180 -10.97 -15.57 13.83
N HIS D 181 -10.82 -15.53 15.16
CA HIS D 181 -10.92 -14.32 15.94
C HIS D 181 -9.47 -13.83 15.91
N ALA D 182 -9.20 -12.78 15.16
CA ALA D 182 -7.84 -12.29 15.01
C ALA D 182 -7.38 -11.11 15.86
N GLU D 183 -6.73 -11.43 16.96
CA GLU D 183 -6.16 -10.43 17.86
C GLU D 183 -4.92 -11.08 18.42
N ASN D 184 -3.87 -10.30 18.64
CA ASN D 184 -2.66 -10.87 19.21
C ASN D 184 -2.88 -10.83 20.72
N GLY D 185 -3.25 -12.00 21.25
CA GLY D 185 -3.54 -12.14 22.67
C GLY D 185 -2.43 -11.71 23.59
N ASP D 186 -1.20 -12.11 23.27
CA ASP D 186 -0.07 -11.74 24.10
C ASP D 186 0.10 -10.24 24.11
N ALA D 187 -0.01 -9.61 22.95
CA ALA D 187 0.13 -8.16 22.90
C ALA D 187 -0.93 -7.55 23.81
N ALA D 188 -2.15 -8.05 23.72
CA ALA D 188 -3.23 -7.54 24.55
C ALA D 188 -2.91 -7.74 26.04
N ASP D 189 -2.53 -8.95 26.41
CA ASP D 189 -2.20 -9.24 27.80
C ASP D 189 -1.17 -8.27 28.33
N TYR D 190 -0.11 -8.04 27.56
CA TYR D 190 0.96 -7.12 27.94
C TYR D 190 0.38 -5.75 28.30
N LEU D 191 -0.47 -5.22 27.42
CA LEU D 191 -1.07 -3.92 27.66
C LEU D 191 -2.10 -3.95 28.78
N ARG D 192 -2.89 -5.02 28.84
CA ARG D 192 -3.92 -5.14 29.88
C ARG D 192 -3.26 -5.06 31.26
N ASP D 193 -2.25 -5.89 31.47
CA ASP D 193 -1.55 -5.94 32.74
C ASP D 193 -0.81 -4.65 33.06
N LYS D 194 -0.19 -4.06 32.05
CA LYS D 194 0.53 -2.81 32.22
C LYS D 194 -0.42 -1.74 32.73
N PHE D 195 -1.62 -1.68 32.17
CA PHE D 195 -2.62 -0.70 32.60
C PHE D 195 -3.06 -0.90 34.03
N VAL D 196 -3.37 -2.15 34.38
CA VAL D 196 -3.83 -2.46 35.73
C VAL D 196 -2.73 -2.15 36.72
N ALA D 197 -1.48 -2.44 36.35
CA ALA D 197 -0.35 -2.16 37.22
C ALA D 197 -0.25 -0.67 37.52
N GLU D 198 -0.62 0.16 36.54
CA GLU D 198 -0.58 1.61 36.71
C GLU D 198 -1.84 2.10 37.39
N GLY D 199 -2.66 1.16 37.85
CA GLY D 199 -3.90 1.53 38.52
C GLY D 199 -5.03 1.94 37.61
N LYS D 200 -4.88 1.73 36.31
CA LYS D 200 -5.93 2.09 35.34
C LYS D 200 -6.89 0.91 35.20
N THR D 201 -8.09 1.05 35.75
CA THR D 201 -9.07 -0.02 35.74
C THR D 201 -10.45 0.25 35.10
N ALA D 202 -10.70 1.48 34.69
CA ALA D 202 -11.98 1.82 34.07
C ALA D 202 -12.19 1.04 32.75
N PRO D 203 -13.45 0.93 32.29
CA PRO D 203 -13.78 0.22 31.05
C PRO D 203 -12.99 0.66 29.82
N ILE D 204 -12.69 1.96 29.74
CA ILE D 204 -11.95 2.49 28.60
C ILE D 204 -10.69 1.70 28.31
N TYR D 205 -10.04 1.24 29.36
CA TYR D 205 -8.81 0.49 29.20
C TYR D 205 -8.99 -0.86 28.53
N HIS D 206 -10.25 -1.28 28.39
CA HIS D 206 -10.50 -2.53 27.70
C HIS D 206 -10.12 -2.26 26.25
N ALA D 207 -10.49 -1.09 25.76
CA ALA D 207 -10.21 -0.70 24.39
C ALA D 207 -8.74 -0.36 24.19
N LEU D 208 -8.21 0.51 25.03
CA LEU D 208 -6.81 0.92 24.92
C LEU D 208 -5.85 -0.25 25.08
N SER D 209 -6.26 -1.28 25.83
CA SER D 209 -5.40 -2.44 26.04
C SER D 209 -5.31 -3.32 24.81
N ARG D 210 -6.19 -3.07 23.84
CA ARG D 210 -6.18 -3.85 22.60
C ARG D 210 -6.54 -2.98 21.40
N PRO D 211 -5.62 -2.07 21.05
CA PRO D 211 -5.74 -1.13 19.94
C PRO D 211 -5.69 -1.83 18.58
N PRO D 212 -6.10 -1.13 17.52
CA PRO D 212 -6.11 -1.63 16.15
C PRO D 212 -4.93 -2.50 15.74
N ARG D 213 -3.73 -2.14 16.17
CA ARG D 213 -2.56 -2.92 15.79
C ARG D 213 -2.67 -4.37 16.24
N VAL D 214 -3.22 -4.56 17.44
CA VAL D 214 -3.40 -5.89 18.01
C VAL D 214 -4.26 -6.74 17.06
N GLU D 215 -5.32 -6.13 16.54
CA GLU D 215 -6.21 -6.82 15.61
C GLU D 215 -5.52 -7.00 14.25
N ALA D 216 -4.97 -5.91 13.72
CA ALA D 216 -4.32 -5.93 12.41
C ALA D 216 -3.27 -7.04 12.27
N GLU D 217 -2.32 -7.07 13.21
CA GLU D 217 -1.26 -8.07 13.18
C GLU D 217 -1.83 -9.48 13.09
N ALA D 218 -2.69 -9.85 14.05
CA ALA D 218 -3.29 -11.18 14.07
C ALA D 218 -3.99 -11.47 12.75
N THR D 219 -4.74 -10.50 12.26
CA THR D 219 -5.45 -10.67 11.00
C THR D 219 -4.44 -11.04 9.91
N ALA D 220 -3.39 -10.24 9.79
CA ALA D 220 -2.38 -10.51 8.77
C ALA D 220 -1.77 -11.89 8.91
N ARG D 221 -1.42 -12.27 10.14
CA ARG D 221 -0.82 -13.57 10.41
C ARG D 221 -1.74 -14.71 9.97
N ALA D 222 -3.00 -14.64 10.40
CA ALA D 222 -3.96 -15.67 10.02
C ALA D 222 -4.01 -15.79 8.50
N LEU D 223 -4.17 -14.66 7.82
CA LEU D 223 -4.24 -14.67 6.36
C LEU D 223 -2.97 -15.22 5.74
N ALA D 224 -1.82 -14.92 6.35
CA ALA D 224 -0.54 -15.42 5.86
C ALA D 224 -0.50 -16.95 5.98
N LEU D 225 -0.96 -17.44 7.13
CA LEU D 225 -1.00 -18.88 7.36
C LEU D 225 -1.94 -19.54 6.37
N ALA D 226 -3.08 -18.89 6.12
CA ALA D 226 -4.03 -19.43 5.15
C ALA D 226 -3.34 -19.50 3.78
N GLU D 227 -2.55 -18.47 3.46
CA GLU D 227 -1.83 -18.44 2.19
C GLU D 227 -0.87 -19.61 2.08
N ILE D 228 -0.14 -19.88 3.18
CA ILE D 228 0.84 -20.97 3.22
C ILE D 228 0.18 -22.32 3.02
N VAL D 229 -0.90 -22.57 3.75
CA VAL D 229 -1.61 -23.83 3.62
C VAL D 229 -2.37 -23.83 2.30
N ASN D 230 -2.59 -22.63 1.76
CA ASN D 230 -3.32 -22.45 0.52
C ASN D 230 -4.76 -22.90 0.77
N ALA D 231 -5.38 -22.25 1.74
CA ALA D 231 -6.74 -22.57 2.13
C ALA D 231 -7.59 -21.33 2.29
N PRO D 232 -8.91 -21.49 2.17
CA PRO D 232 -9.81 -20.33 2.33
C PRO D 232 -9.91 -20.07 3.82
N ILE D 233 -10.07 -18.81 4.20
CA ILE D 233 -10.20 -18.46 5.61
C ILE D 233 -11.23 -17.34 5.74
N TYR D 234 -11.88 -17.27 6.89
CA TYR D 234 -12.90 -16.28 7.13
C TYR D 234 -12.58 -15.49 8.40
N ILE D 235 -12.33 -14.19 8.26
CA ILE D 235 -12.02 -13.37 9.41
C ILE D 235 -13.29 -12.79 9.99
N VAL D 236 -13.61 -13.19 11.22
CA VAL D 236 -14.81 -12.69 11.89
C VAL D 236 -14.56 -11.29 12.42
N HIS D 237 -15.64 -10.55 12.59
CA HIS D 237 -15.61 -9.17 13.08
C HIS D 237 -14.39 -8.30 12.74
N VAL D 238 -14.27 -7.90 11.47
CA VAL D 238 -13.21 -6.98 11.07
C VAL D 238 -13.79 -5.67 11.56
N THR D 239 -13.05 -4.96 12.40
CA THR D 239 -13.59 -3.75 13.02
C THR D 239 -12.95 -2.39 12.71
N CYS D 240 -11.81 -2.36 12.03
CA CYS D 240 -11.18 -1.08 11.78
C CYS D 240 -10.42 -1.01 10.47
N GLU D 241 -10.00 0.19 10.12
CA GLU D 241 -9.27 0.44 8.89
C GLU D 241 -7.99 -0.39 8.75
N GLU D 242 -7.20 -0.47 9.81
CA GLU D 242 -5.95 -1.23 9.73
C GLU D 242 -6.11 -2.73 9.51
N SER D 243 -7.04 -3.37 10.20
CA SER D 243 -7.22 -4.81 9.99
C SER D 243 -7.87 -5.06 8.64
N LEU D 244 -8.79 -4.19 8.24
CA LEU D 244 -9.46 -4.36 6.95
C LEU D 244 -8.39 -4.31 5.85
N GLU D 245 -7.43 -3.40 6.02
CA GLU D 245 -6.37 -3.26 5.05
C GLU D 245 -5.62 -4.57 4.82
N GLU D 246 -5.37 -5.32 5.89
CA GLU D 246 -4.66 -6.58 5.77
C GLU D 246 -5.49 -7.58 4.98
N VAL D 247 -6.81 -7.58 5.22
CA VAL D 247 -7.71 -8.47 4.51
C VAL D 247 -7.58 -8.15 3.03
N MET D 248 -7.65 -6.86 2.75
CA MET D 248 -7.55 -6.38 1.39
C MET D 248 -6.22 -6.79 0.74
N ARG D 249 -5.11 -6.63 1.47
CA ARG D 249 -3.81 -7.01 0.91
C ARG D 249 -3.79 -8.50 0.61
N ALA D 250 -4.36 -9.29 1.50
CA ALA D 250 -4.42 -10.73 1.31
C ALA D 250 -5.21 -11.06 0.04
N LYS D 251 -6.38 -10.43 -0.11
CA LYS D 251 -7.20 -10.66 -1.29
C LYS D 251 -6.43 -10.38 -2.58
N SER D 252 -5.64 -9.31 -2.60
CA SER D 252 -4.87 -8.99 -3.80
C SER D 252 -3.80 -10.00 -4.12
N ARG D 253 -3.24 -10.64 -3.09
CA ARG D 253 -2.20 -11.64 -3.31
C ARG D 253 -2.82 -12.94 -3.84
N GLY D 254 -4.15 -13.02 -3.84
CA GLY D 254 -4.78 -14.23 -4.33
C GLY D 254 -5.25 -15.15 -3.21
N VAL D 255 -5.10 -14.71 -1.97
CA VAL D 255 -5.53 -15.53 -0.85
C VAL D 255 -7.05 -15.54 -0.83
N ARG D 256 -7.65 -16.72 -0.69
CA ARG D 256 -9.09 -16.79 -0.64
C ARG D 256 -9.50 -16.35 0.74
N ALA D 257 -9.38 -15.04 0.98
CA ALA D 257 -9.71 -14.46 2.27
C ALA D 257 -11.11 -13.86 2.25
N LEU D 258 -11.89 -14.19 3.28
CA LEU D 258 -13.25 -13.67 3.40
C LEU D 258 -13.28 -12.96 4.72
N ALA D 259 -14.20 -12.01 4.87
CA ALA D 259 -14.31 -11.29 6.12
C ALA D 259 -15.73 -10.78 6.31
N GLU D 260 -16.03 -10.31 7.52
CA GLU D 260 -17.35 -9.80 7.86
C GLU D 260 -17.18 -8.68 8.89
N THR D 261 -18.30 -8.04 9.25
CA THR D 261 -18.28 -7.02 10.30
C THR D 261 -19.53 -7.27 11.12
N CYS D 262 -19.70 -6.49 12.17
CA CYS D 262 -20.85 -6.68 13.02
C CYS D 262 -21.50 -5.34 13.31
N THR D 263 -22.82 -5.35 13.30
CA THR D 263 -23.63 -4.17 13.53
C THR D 263 -22.99 -3.07 14.38
N HIS D 264 -22.61 -3.41 15.61
CA HIS D 264 -22.04 -2.41 16.51
C HIS D 264 -20.76 -1.72 16.04
N TYR D 265 -20.05 -2.35 15.11
CA TYR D 265 -18.83 -1.75 14.59
C TYR D 265 -19.13 -0.69 13.54
N LEU D 266 -20.42 -0.48 13.27
CA LEU D 266 -20.86 0.53 12.31
C LEU D 266 -21.55 1.66 13.07
N TYR D 267 -21.65 1.53 14.39
CA TYR D 267 -22.35 2.52 15.18
C TYR D 267 -21.71 2.96 16.49
N LEU D 268 -20.96 2.07 17.13
CA LEU D 268 -20.36 2.41 18.40
C LEU D 268 -18.89 2.79 18.31
N THR D 269 -18.42 3.55 19.29
CA THR D 269 -17.02 3.99 19.32
C THR D 269 -16.46 3.80 20.70
N LYS D 270 -15.13 3.75 20.79
CA LYS D 270 -14.48 3.56 22.08
C LYS D 270 -14.91 4.60 23.10
N GLU D 271 -15.37 5.76 22.63
CA GLU D 271 -15.81 6.79 23.54
C GLU D 271 -17.03 6.32 24.32
N ASP D 272 -17.74 5.35 23.78
CA ASP D 272 -18.92 4.80 24.46
C ASP D 272 -18.52 4.11 25.77
N LEU D 273 -17.28 3.61 25.83
CA LEU D 273 -16.79 2.94 27.03
C LEU D 273 -16.50 3.97 28.12
N GLU D 274 -16.67 5.25 27.79
CA GLU D 274 -16.41 6.30 28.75
C GLU D 274 -17.69 6.86 29.33
N ARG D 275 -18.83 6.34 28.88
CA ARG D 275 -20.10 6.78 29.40
C ARG D 275 -19.99 6.63 30.90
N PRO D 276 -20.46 7.62 31.66
CA PRO D 276 -20.41 7.65 33.13
C PRO D 276 -21.18 6.56 33.88
N ASP D 277 -20.80 6.38 35.14
CA ASP D 277 -21.42 5.42 36.04
C ASP D 277 -21.37 3.97 35.59
N PHE D 278 -20.21 3.56 35.09
CA PHE D 278 -20.01 2.18 34.65
C PHE D 278 -20.89 1.78 33.47
N GLU D 279 -21.56 2.74 32.84
CA GLU D 279 -22.40 2.43 31.69
C GLU D 279 -21.51 1.90 30.56
N GLY D 280 -20.31 2.45 30.47
CA GLY D 280 -19.37 2.02 29.45
C GLY D 280 -19.15 0.52 29.45
N ALA D 281 -19.40 -0.12 30.59
CA ALA D 281 -19.22 -1.57 30.71
C ALA D 281 -20.09 -2.29 29.70
N LYS D 282 -21.25 -1.71 29.38
CA LYS D 282 -22.16 -2.32 28.42
C LYS D 282 -21.49 -2.49 27.07
N TYR D 283 -20.56 -1.59 26.74
CA TYR D 283 -19.89 -1.61 25.46
C TYR D 283 -18.57 -2.34 25.45
N VAL D 284 -18.36 -3.15 26.47
CA VAL D 284 -17.13 -3.92 26.55
C VAL D 284 -17.29 -5.21 25.75
N PHE D 285 -16.95 -5.12 24.46
CA PHE D 285 -16.99 -6.29 23.58
C PHE D 285 -15.66 -6.33 22.85
N THR D 286 -15.36 -7.45 22.21
CA THR D 286 -14.09 -7.61 21.53
C THR D 286 -14.21 -8.08 20.09
N PRO D 287 -13.40 -7.49 19.18
CA PRO D 287 -12.42 -6.44 19.48
C PRO D 287 -13.12 -5.19 19.99
N PRO D 288 -12.34 -4.23 20.54
CA PRO D 288 -12.91 -2.99 21.07
C PRO D 288 -13.59 -2.11 20.04
N ALA D 289 -14.53 -1.29 20.51
CA ALA D 289 -15.22 -0.34 19.65
C ALA D 289 -14.14 0.60 19.14
N ARG D 290 -14.20 0.94 17.85
CA ARG D 290 -13.21 1.82 17.26
C ARG D 290 -13.61 3.30 17.20
N ALA D 291 -13.41 3.93 16.05
CA ALA D 291 -13.75 5.34 15.88
C ALA D 291 -14.69 5.54 14.71
N LYS D 292 -15.29 6.74 14.61
CA LYS D 292 -16.20 7.05 13.52
C LYS D 292 -15.58 6.88 12.15
N LYS D 293 -14.29 7.20 12.02
CA LYS D 293 -13.65 7.07 10.72
C LYS D 293 -13.66 5.61 10.30
N ASP D 294 -13.68 4.72 11.29
CA ASP D 294 -13.72 3.30 10.97
C ASP D 294 -15.12 2.95 10.48
N HIS D 295 -16.13 3.67 10.97
CA HIS D 295 -17.50 3.43 10.54
C HIS D 295 -17.59 3.72 9.03
N ASP D 296 -17.00 4.84 8.61
CA ASP D 296 -17.04 5.20 7.19
C ASP D 296 -16.29 4.16 6.39
N VAL D 297 -15.11 3.78 6.87
CA VAL D 297 -14.31 2.79 6.18
C VAL D 297 -15.12 1.52 5.95
N LEU D 298 -15.75 1.02 7.01
CA LEU D 298 -16.54 -0.20 6.95
C LEU D 298 -17.76 -0.06 6.01
N TRP D 299 -18.53 1.01 6.19
CA TRP D 299 -19.68 1.22 5.33
C TRP D 299 -19.24 1.29 3.86
N ASN D 300 -18.12 1.96 3.57
CA ASN D 300 -17.64 2.05 2.19
C ASN D 300 -17.29 0.67 1.70
N ALA D 301 -16.66 -0.11 2.57
CA ALA D 301 -16.27 -1.47 2.21
C ALA D 301 -17.53 -2.27 1.90
N LEU D 302 -18.57 -2.06 2.69
CA LEU D 302 -19.84 -2.77 2.48
C LEU D 302 -20.38 -2.41 1.10
N ARG D 303 -20.50 -1.11 0.83
CA ARG D 303 -21.01 -0.63 -0.44
C ARG D 303 -20.22 -1.14 -1.63
N ASN D 304 -18.93 -1.40 -1.40
CA ASN D 304 -18.09 -1.91 -2.48
C ASN D 304 -18.10 -3.43 -2.55
N GLY D 305 -18.89 -4.05 -1.68
CA GLY D 305 -19.02 -5.50 -1.67
C GLY D 305 -17.86 -6.31 -1.12
N VAL D 306 -17.08 -5.70 -0.23
CA VAL D 306 -15.93 -6.38 0.35
C VAL D 306 -16.32 -7.50 1.31
N PHE D 307 -17.19 -7.20 2.27
CA PHE D 307 -17.62 -8.17 3.28
C PHE D 307 -18.68 -9.16 2.85
N GLU D 308 -18.67 -10.34 3.47
CA GLU D 308 -19.63 -11.38 3.16
C GLU D 308 -20.95 -11.17 3.89
N THR D 309 -20.94 -10.38 4.95
CA THR D 309 -22.16 -10.16 5.71
C THR D 309 -21.92 -9.21 6.88
N VAL D 310 -23.00 -8.87 7.57
CA VAL D 310 -22.92 -8.05 8.77
C VAL D 310 -23.64 -8.90 9.81
N SER D 311 -22.88 -9.62 10.63
CA SER D 311 -23.45 -10.49 11.66
C SER D 311 -23.52 -9.70 12.96
N SER D 312 -23.97 -10.33 14.03
CA SER D 312 -24.12 -9.64 15.32
C SER D 312 -23.13 -9.95 16.44
N ASP D 313 -22.61 -11.17 16.49
CA ASP D 313 -21.71 -11.59 17.58
C ASP D 313 -22.49 -11.36 18.87
N HIS D 314 -23.73 -11.82 18.86
CA HIS D 314 -24.65 -11.71 19.98
C HIS D 314 -24.22 -12.44 21.25
N CYS D 315 -24.15 -11.68 22.35
CA CYS D 315 -23.79 -12.19 23.66
C CYS D 315 -24.79 -11.64 24.66
N SER D 316 -24.87 -12.27 25.83
CA SER D 316 -25.81 -11.82 26.84
C SER D 316 -25.22 -11.80 28.25
N TRP D 317 -24.57 -10.70 28.60
CA TRP D 317 -24.01 -10.56 29.93
C TRP D 317 -24.74 -9.42 30.61
N LEU D 318 -25.64 -9.77 31.51
CA LEU D 318 -26.43 -8.77 32.24
C LEU D 318 -25.56 -7.63 32.69
N PHE D 319 -26.04 -6.41 32.48
CA PHE D 319 -25.28 -5.25 32.90
C PHE D 319 -25.14 -5.34 34.41
N LYS D 320 -26.20 -5.76 35.09
CA LYS D 320 -26.17 -5.88 36.53
C LYS D 320 -25.55 -7.20 36.97
N GLY D 321 -26.19 -8.31 36.65
CA GLY D 321 -25.64 -9.58 37.05
C GLY D 321 -24.21 -9.92 36.63
N HIS D 322 -23.86 -9.69 35.36
CA HIS D 322 -22.53 -10.04 34.86
C HIS D 322 -21.45 -8.97 34.67
N LYS D 323 -21.79 -7.87 34.00
CA LYS D 323 -20.83 -6.80 33.77
C LYS D 323 -20.27 -6.30 35.11
N ASP D 324 -21.10 -6.40 36.14
CA ASP D 324 -20.76 -5.97 37.48
C ASP D 324 -19.42 -6.46 38.00
N ARG D 325 -19.08 -7.72 37.77
CA ARG D 325 -17.82 -8.23 38.27
C ARG D 325 -16.68 -7.61 37.46
N GLY D 326 -16.54 -6.30 37.58
CA GLY D 326 -15.50 -5.60 36.86
C GLY D 326 -15.54 -4.11 37.11
N ARG D 327 -16.37 -3.70 38.09
CA ARG D 327 -16.48 -2.28 38.42
C ARG D 327 -15.17 -1.77 38.96
N ASN D 328 -14.22 -2.66 39.18
CA ASN D 328 -12.91 -2.28 39.71
C ASN D 328 -11.77 -2.88 38.91
N ASP D 329 -12.10 -3.52 37.79
CA ASP D 329 -11.09 -4.14 36.95
C ASP D 329 -11.72 -4.53 35.62
N PHE D 330 -11.54 -3.68 34.62
CA PHE D 330 -12.08 -3.91 33.29
C PHE D 330 -11.80 -5.32 32.77
N ARG D 331 -10.70 -5.91 33.22
CA ARG D 331 -10.34 -7.25 32.79
C ARG D 331 -11.35 -8.31 33.21
N ALA D 332 -11.98 -8.09 34.36
CA ALA D 332 -12.95 -9.05 34.87
C ALA D 332 -14.33 -8.93 34.20
N ILE D 333 -14.54 -7.85 33.45
CA ILE D 333 -15.81 -7.63 32.76
C ILE D 333 -15.97 -8.63 31.63
N PRO D 334 -16.99 -9.51 31.70
CA PRO D 334 -17.18 -10.49 30.62
C PRO D 334 -17.44 -9.76 29.29
N ASN D 335 -16.65 -10.11 28.29
CA ASN D 335 -16.74 -9.49 26.96
C ASN D 335 -17.97 -9.90 26.16
N GLY D 336 -18.58 -8.93 25.49
CA GLY D 336 -19.74 -9.24 24.66
C GLY D 336 -20.91 -8.31 24.86
N ALA D 337 -21.69 -8.13 23.80
CA ALA D 337 -22.88 -7.28 23.81
C ALA D 337 -23.98 -7.94 22.97
N PRO D 338 -25.25 -7.67 23.32
CA PRO D 338 -26.39 -8.23 22.60
C PRO D 338 -26.75 -7.48 21.32
N GLY D 339 -27.41 -8.17 20.40
CA GLY D 339 -27.81 -7.52 19.16
C GLY D 339 -28.46 -8.41 18.11
N VAL D 340 -28.71 -9.68 18.40
CA VAL D 340 -29.31 -10.57 17.41
C VAL D 340 -30.66 -10.05 16.90
N GLU D 341 -31.39 -9.35 17.76
CA GLU D 341 -32.69 -8.82 17.38
C GLU D 341 -32.63 -7.53 16.58
N GLU D 342 -31.75 -6.63 17.00
CA GLU D 342 -31.62 -5.34 16.35
C GLU D 342 -30.86 -5.34 15.03
N ARG D 343 -30.09 -6.40 14.77
CA ARG D 343 -29.28 -6.48 13.55
C ARG D 343 -29.90 -5.91 12.27
N LEU D 344 -30.98 -6.52 11.80
CA LEU D 344 -31.60 -6.04 10.56
C LEU D 344 -32.01 -4.58 10.57
N MET D 345 -32.75 -4.15 11.58
CA MET D 345 -33.17 -2.76 11.64
C MET D 345 -31.99 -1.81 11.55
N MET D 346 -30.95 -2.09 12.34
CA MET D 346 -29.75 -1.27 12.36
C MET D 346 -29.04 -1.24 11.00
N VAL D 347 -28.85 -2.39 10.39
CA VAL D 347 -28.20 -2.43 9.08
C VAL D 347 -29.07 -1.73 8.05
N TYR D 348 -30.39 -1.91 8.18
CA TYR D 348 -31.34 -1.30 7.26
C TYR D 348 -31.28 0.23 7.26
N GLN D 349 -30.91 0.81 8.40
CA GLN D 349 -30.82 2.26 8.46
C GLN D 349 -29.79 2.75 7.45
N GLY D 350 -28.89 1.86 7.06
CA GLY D 350 -27.86 2.22 6.10
C GLY D 350 -28.44 2.45 4.72
N VAL D 351 -29.55 1.80 4.42
CA VAL D 351 -30.16 1.99 3.12
C VAL D 351 -30.89 3.31 3.17
N ASN D 352 -31.38 3.68 4.35
CA ASN D 352 -32.08 4.94 4.52
C ASN D 352 -31.14 6.12 4.28
N GLU D 353 -29.87 5.95 4.64
CA GLU D 353 -28.91 7.03 4.49
C GLU D 353 -28.01 6.91 3.29
N GLY D 354 -28.43 6.13 2.30
CA GLY D 354 -27.64 5.97 1.10
C GLY D 354 -26.29 5.29 1.27
N ARG D 355 -25.98 4.90 2.50
CA ARG D 355 -24.72 4.22 2.79
C ARG D 355 -24.66 2.92 2.00
N ILE D 356 -25.79 2.24 1.94
CA ILE D 356 -25.88 0.95 1.25
C ILE D 356 -27.20 0.90 0.48
N SER D 357 -27.28 0.12 -0.59
CA SER D 357 -28.52 0.05 -1.36
C SER D 357 -29.55 -0.91 -0.74
N LEU D 358 -30.80 -0.79 -1.18
CA LEU D 358 -31.88 -1.64 -0.67
C LEU D 358 -31.58 -3.09 -1.01
N THR D 359 -31.07 -3.29 -2.21
CA THR D 359 -30.75 -4.60 -2.69
C THR D 359 -29.53 -5.21 -1.99
N GLN D 360 -28.57 -4.37 -1.60
CA GLN D 360 -27.38 -4.84 -0.90
C GLN D 360 -27.76 -5.24 0.53
N PHE D 361 -28.75 -4.57 1.10
CA PHE D 361 -29.22 -4.87 2.43
C PHE D 361 -29.51 -6.37 2.51
N VAL D 362 -30.31 -6.87 1.57
CA VAL D 362 -30.66 -8.27 1.54
C VAL D 362 -29.43 -9.16 1.32
N GLU D 363 -28.56 -8.75 0.41
CA GLU D 363 -27.34 -9.51 0.14
C GLU D 363 -26.55 -9.74 1.41
N LEU D 364 -26.29 -8.67 2.14
CA LEU D 364 -25.51 -8.70 3.36
C LEU D 364 -26.21 -9.35 4.54
N VAL D 365 -27.47 -8.99 4.72
CA VAL D 365 -28.28 -9.47 5.81
C VAL D 365 -28.74 -10.93 5.71
N ALA D 366 -28.74 -11.48 4.50
CA ALA D 366 -29.21 -12.85 4.34
C ALA D 366 -28.65 -13.70 3.19
N THR D 367 -28.72 -13.19 1.97
CA THR D 367 -28.28 -13.97 0.82
C THR D 367 -26.81 -14.34 0.73
N ARG D 368 -25.92 -13.38 0.97
CA ARG D 368 -24.51 -13.69 0.88
C ARG D 368 -24.03 -14.67 1.96
N PRO D 369 -24.48 -14.50 3.22
CA PRO D 369 -24.10 -15.39 4.33
C PRO D 369 -24.50 -16.83 4.00
N ALA D 370 -25.76 -16.96 3.56
CA ALA D 370 -26.32 -18.25 3.19
C ALA D 370 -25.43 -18.92 2.15
N LYS D 371 -24.98 -18.14 1.17
CA LYS D 371 -24.12 -18.68 0.13
C LYS D 371 -22.81 -19.21 0.71
N VAL D 372 -22.11 -18.36 1.45
CA VAL D 372 -20.83 -18.74 2.02
C VAL D 372 -20.91 -19.97 2.92
N PHE D 373 -21.84 -19.96 3.86
CA PHE D 373 -21.96 -21.09 4.79
C PHE D 373 -22.82 -22.28 4.38
N GLY D 374 -22.90 -22.52 3.08
CA GLY D 374 -23.64 -23.64 2.51
C GLY D 374 -25.09 -23.90 2.85
N MET D 375 -25.93 -22.88 2.73
CA MET D 375 -27.35 -23.01 3.03
C MET D 375 -28.17 -22.45 1.88
N PHE D 376 -27.48 -22.10 0.79
CA PHE D 376 -28.11 -21.51 -0.40
C PHE D 376 -28.29 -22.59 -1.45
N PRO D 377 -29.42 -22.59 -2.17
CA PRO D 377 -30.54 -21.64 -2.06
C PRO D 377 -31.70 -22.02 -1.14
N GLN D 378 -31.57 -23.10 -0.38
CA GLN D 378 -32.64 -23.50 0.53
C GLN D 378 -32.99 -22.29 1.40
N LYS D 379 -31.95 -21.61 1.86
CA LYS D 379 -32.11 -20.43 2.70
C LYS D 379 -31.47 -19.27 1.94
N GLY D 380 -31.74 -18.03 2.36
CA GLY D 380 -31.12 -16.89 1.71
C GLY D 380 -31.97 -15.91 0.93
N THR D 381 -32.68 -16.38 -0.08
CA THR D 381 -33.49 -15.48 -0.89
C THR D 381 -34.97 -15.82 -0.87
N ILE D 382 -35.65 -15.41 -1.92
CA ILE D 382 -37.06 -15.65 -2.10
C ILE D 382 -37.22 -16.07 -3.56
N ALA D 383 -37.23 -17.37 -3.76
CA ALA D 383 -37.37 -17.95 -5.08
C ALA D 383 -38.19 -19.23 -4.97
N VAL D 384 -38.60 -19.78 -6.10
CA VAL D 384 -39.37 -21.01 -6.05
C VAL D 384 -38.46 -22.13 -5.60
N GLY D 385 -38.81 -22.74 -4.48
CA GLY D 385 -38.01 -23.83 -3.95
C GLY D 385 -37.39 -23.44 -2.62
N SER D 386 -37.39 -22.15 -2.33
CA SER D 386 -36.82 -21.65 -1.08
C SER D 386 -37.69 -22.03 0.09
N ASP D 387 -37.09 -22.17 1.27
CA ASP D 387 -37.90 -22.45 2.44
C ASP D 387 -38.65 -21.13 2.55
N ALA D 388 -39.87 -21.15 3.06
CA ALA D 388 -40.62 -19.92 3.17
C ALA D 388 -40.21 -19.14 4.40
N ASP D 389 -38.95 -18.73 4.46
CA ASP D 389 -38.43 -17.93 5.57
C ASP D 389 -38.60 -16.50 5.06
N ILE D 390 -39.55 -15.78 5.62
CA ILE D 390 -39.85 -14.44 5.14
C ILE D 390 -40.03 -13.37 6.21
N VAL D 391 -39.73 -12.13 5.84
CA VAL D 391 -39.88 -11.00 6.73
C VAL D 391 -40.67 -9.94 5.98
N LEU D 392 -41.76 -9.48 6.57
CA LEU D 392 -42.58 -8.44 5.95
C LEU D 392 -42.17 -7.14 6.62
N TRP D 393 -41.43 -6.33 5.86
CA TRP D 393 -40.87 -5.07 6.33
C TRP D 393 -41.71 -3.83 6.01
N ASP D 394 -41.87 -2.97 7.01
CA ASP D 394 -42.61 -1.72 6.85
C ASP D 394 -41.55 -0.63 6.78
N PRO D 395 -41.19 -0.19 5.57
CA PRO D 395 -40.18 0.85 5.39
C PRO D 395 -40.48 2.21 6.00
N GLU D 396 -41.75 2.50 6.24
CA GLU D 396 -42.12 3.80 6.81
C GLU D 396 -42.24 3.82 8.33
N ALA D 397 -42.43 2.65 8.91
CA ALA D 397 -42.58 2.56 10.36
C ALA D 397 -41.38 3.15 11.11
N GLU D 398 -41.66 4.08 12.01
CA GLU D 398 -40.63 4.72 12.82
C GLU D 398 -40.74 4.23 14.26
N MET D 399 -39.61 4.13 14.94
CA MET D 399 -39.62 3.61 16.30
C MET D 399 -38.29 3.85 17.00
N VAL D 400 -38.35 3.92 18.34
CA VAL D 400 -37.14 4.10 19.12
C VAL D 400 -36.83 2.76 19.75
N ILE D 401 -35.60 2.30 19.59
CA ILE D 401 -35.22 1.02 20.17
C ILE D 401 -35.06 1.11 21.68
N GLU D 402 -35.90 0.37 22.39
CA GLU D 402 -35.87 0.35 23.84
C GLU D 402 -35.85 -1.12 24.27
N GLN D 403 -34.97 -1.44 25.21
CA GLN D 403 -34.86 -2.81 25.70
C GLN D 403 -36.18 -3.32 26.24
N THR D 404 -36.99 -2.42 26.79
CA THR D 404 -38.29 -2.78 27.34
C THR D 404 -39.19 -3.35 26.25
N ALA D 405 -38.87 -3.05 25.00
CA ALA D 405 -39.68 -3.53 23.88
C ALA D 405 -39.01 -4.67 23.14
N MET D 406 -37.79 -5.02 23.54
CA MET D 406 -37.10 -6.14 22.90
C MET D 406 -37.63 -7.46 23.42
N HIS D 407 -37.21 -8.57 22.84
CA HIS D 407 -37.75 -9.86 23.26
C HIS D 407 -36.81 -10.93 23.79
N ASN D 408 -35.67 -10.54 24.34
CA ASN D 408 -34.73 -11.53 24.88
C ASN D 408 -34.67 -11.38 26.41
N ALA D 409 -33.70 -12.05 27.04
CA ALA D 409 -33.59 -12.00 28.49
C ALA D 409 -32.57 -11.01 29.07
N MET D 410 -32.11 -10.06 28.25
CA MET D 410 -31.12 -9.08 28.70
C MET D 410 -31.70 -7.88 29.43
N ASP D 411 -30.85 -7.19 30.19
CA ASP D 411 -31.28 -6.01 30.94
C ASP D 411 -30.94 -4.68 30.26
N TYR D 412 -30.49 -4.76 29.01
CA TYR D 412 -30.16 -3.56 28.24
C TYR D 412 -29.96 -3.87 26.76
N SER D 413 -29.99 -2.82 25.94
CA SER D 413 -29.78 -2.94 24.51
C SER D 413 -28.57 -2.09 24.11
N SER D 414 -27.78 -2.60 23.17
CA SER D 414 -26.60 -1.87 22.70
C SER D 414 -27.01 -0.66 21.89
N TYR D 415 -28.27 -0.67 21.45
CA TYR D 415 -28.81 0.41 20.64
C TYR D 415 -29.95 1.13 21.33
N GLU D 416 -29.90 1.17 22.65
CA GLU D 416 -30.92 1.85 23.42
C GLU D 416 -30.96 3.31 23.02
N GLY D 417 -32.15 3.79 22.66
CA GLY D 417 -32.30 5.18 22.28
C GLY D 417 -32.25 5.49 20.80
N HIS D 418 -31.77 4.57 19.97
CA HIS D 418 -31.69 4.83 18.54
C HIS D 418 -33.04 4.89 17.85
N LYS D 419 -33.25 5.93 17.06
CA LYS D 419 -34.50 6.09 16.32
C LYS D 419 -34.29 5.41 14.98
N VAL D 420 -35.22 4.55 14.60
CA VAL D 420 -35.09 3.82 13.34
C VAL D 420 -36.31 3.98 12.46
N LYS D 421 -36.10 3.79 11.16
CA LYS D 421 -37.17 3.88 10.18
C LYS D 421 -37.09 2.58 9.40
N GLY D 422 -38.12 1.75 9.53
CA GLY D 422 -38.12 0.46 8.85
C GLY D 422 -38.06 -0.61 9.91
N VAL D 423 -39.21 -1.25 10.15
CA VAL D 423 -39.32 -2.28 11.18
C VAL D 423 -39.88 -3.61 10.69
N PRO D 424 -39.42 -4.74 11.25
CA PRO D 424 -39.91 -6.06 10.85
C PRO D 424 -41.32 -6.17 11.44
N LYS D 425 -42.28 -6.62 10.66
CA LYS D 425 -43.65 -6.72 11.17
C LYS D 425 -44.16 -8.12 11.43
N THR D 426 -44.11 -8.98 10.43
CA THR D 426 -44.54 -10.35 10.63
C THR D 426 -43.49 -11.24 9.97
N VAL D 427 -43.16 -12.35 10.63
CA VAL D 427 -42.15 -13.27 10.16
C VAL D 427 -42.65 -14.71 9.95
N LEU D 428 -42.17 -15.34 8.89
CA LEU D 428 -42.54 -16.70 8.58
C LEU D 428 -41.30 -17.59 8.53
N LEU D 429 -41.41 -18.76 9.16
CA LEU D 429 -40.33 -19.73 9.19
C LEU D 429 -40.82 -20.95 8.45
N ARG D 430 -40.25 -21.23 7.29
CA ARG D 430 -40.68 -22.38 6.51
C ARG D 430 -42.21 -22.44 6.41
N GLY D 431 -42.82 -21.32 6.07
CA GLY D 431 -44.26 -21.29 5.91
C GLY D 431 -45.09 -20.92 7.12
N LYS D 432 -44.60 -21.21 8.32
CA LYS D 432 -45.37 -20.87 9.51
C LYS D 432 -45.16 -19.44 9.96
N VAL D 433 -46.24 -18.77 10.31
CA VAL D 433 -46.15 -17.40 10.79
C VAL D 433 -45.71 -17.50 12.24
N ILE D 434 -44.52 -16.99 12.57
CA ILE D 434 -44.04 -17.07 13.93
C ILE D 434 -44.05 -15.73 14.63
N VAL D 435 -44.16 -14.66 13.85
CA VAL D 435 -44.26 -13.32 14.41
C VAL D 435 -45.38 -12.68 13.59
N ASP D 436 -46.41 -12.20 14.27
CA ASP D 436 -47.55 -11.59 13.59
C ASP D 436 -47.67 -10.15 14.07
N GLU D 437 -47.58 -9.22 13.14
CA GLU D 437 -47.66 -7.79 13.46
C GLU D 437 -46.95 -7.41 14.75
N GLY D 438 -45.75 -7.96 14.98
CA GLY D 438 -44.99 -7.62 16.16
C GLY D 438 -45.08 -8.53 17.37
N SER D 439 -45.98 -9.51 17.34
CA SER D 439 -46.12 -10.42 18.47
C SER D 439 -45.61 -11.81 18.16
N TYR D 440 -44.73 -12.33 19.01
CA TYR D 440 -44.22 -13.66 18.79
C TYR D 440 -45.38 -14.64 18.97
N VAL D 441 -45.62 -15.48 17.96
CA VAL D 441 -46.71 -16.43 18.03
C VAL D 441 -46.28 -17.82 17.59
N GLY D 442 -44.99 -18.14 17.80
CA GLY D 442 -44.48 -19.44 17.42
C GLY D 442 -44.31 -20.37 18.61
N GLU D 443 -43.66 -21.50 18.35
CA GLU D 443 -43.41 -22.52 19.36
C GLU D 443 -41.91 -22.81 19.41
N PRO D 444 -41.35 -22.99 20.63
CA PRO D 444 -39.91 -23.27 20.77
C PRO D 444 -39.55 -24.59 20.08
N THR D 445 -40.56 -25.23 19.53
CA THR D 445 -40.38 -26.51 18.85
C THR D 445 -40.29 -26.32 17.33
N ASP D 446 -40.48 -25.08 16.86
CA ASP D 446 -40.45 -24.79 15.43
C ASP D 446 -39.07 -24.90 14.78
N GLY D 447 -38.05 -24.36 15.45
CA GLY D 447 -36.69 -24.38 14.91
C GLY D 447 -36.07 -25.74 14.70
N LYS D 448 -35.39 -25.91 13.57
CA LYS D 448 -34.73 -27.16 13.26
C LYS D 448 -33.26 -26.96 12.91
N PHE D 449 -32.45 -27.97 13.16
CA PHE D 449 -31.03 -27.92 12.86
C PHE D 449 -30.82 -28.01 11.35
N LEU D 450 -29.76 -27.38 10.85
CA LEU D 450 -29.46 -27.39 9.43
C LEU D 450 -28.12 -28.02 9.12
N LYS D 451 -28.12 -29.10 8.35
CA LYS D 451 -26.87 -29.72 7.97
C LYS D 451 -26.38 -28.85 6.82
N ARG D 452 -25.39 -28.01 7.11
CA ARG D 452 -24.85 -27.09 6.11
C ARG D 452 -23.89 -27.79 5.16
N ARG D 453 -23.81 -27.26 3.94
CA ARG D 453 -22.97 -27.83 2.89
C ARG D 453 -21.49 -27.49 3.06
N LYS D 454 -20.65 -28.27 2.40
CA LYS D 454 -19.19 -28.10 2.46
C LYS D 454 -18.61 -26.90 1.72
N TYR D 455 -17.40 -27.13 1.22
CA TYR D 455 -16.57 -26.20 0.44
C TYR D 455 -17.01 -24.74 0.47
N LYS D 456 -16.72 -24.10 1.59
CA LYS D 456 -17.07 -22.69 1.74
C LYS D 456 -15.90 -21.85 1.25
N GLN D 457 -16.20 -20.64 0.80
CA GLN D 457 -15.17 -19.76 0.27
C GLN D 457 -15.80 -18.44 -0.17
ZN ZN E . 9.52 27.40 -5.01
ZN ZN F . 6.86 25.82 -5.72
ZN ZN G . 22.43 -14.75 12.04
ZN ZN H . 19.37 -15.41 11.51
ZN ZN I . -14.24 1.42 -25.63
ZN ZN J . -11.52 2.64 -24.56
ZN ZN K . -17.75 -14.05 18.63
ZN ZN L . -14.76 -13.01 18.81
#